data_1FM4
# 
_entry.id   1FM4 
# 
_audit_conform.dict_name       mmcif_pdbx.dic 
_audit_conform.dict_version    5.385 
_audit_conform.dict_location   http://mmcif.pdb.org/dictionaries/ascii/mmcif_pdbx.dic 
# 
loop_
_database_2.database_id 
_database_2.database_code 
_database_2.pdbx_database_accession 
_database_2.pdbx_DOI 
PDB   1FM4         pdb_00001fm4 10.2210/pdb1fm4/pdb 
RCSB  RCSB011704   ?            ?                   
WWPDB D_1000011704 ?            ?                   
# 
loop_
_pdbx_audit_revision_history.ordinal 
_pdbx_audit_revision_history.data_content_type 
_pdbx_audit_revision_history.major_revision 
_pdbx_audit_revision_history.minor_revision 
_pdbx_audit_revision_history.revision_date 
1 'Structure model' 1 0 2002-12-20 
2 'Structure model' 1 1 2008-04-27 
3 'Structure model' 1 2 2011-07-13 
4 'Structure model' 1 3 2024-02-07 
# 
_pdbx_audit_revision_details.ordinal             1 
_pdbx_audit_revision_details.revision_ordinal    1 
_pdbx_audit_revision_details.data_content_type   'Structure model' 
_pdbx_audit_revision_details.provider            repository 
_pdbx_audit_revision_details.type                'Initial release' 
_pdbx_audit_revision_details.description         ? 
_pdbx_audit_revision_details.details             ? 
# 
loop_
_pdbx_audit_revision_group.ordinal 
_pdbx_audit_revision_group.revision_ordinal 
_pdbx_audit_revision_group.data_content_type 
_pdbx_audit_revision_group.group 
1 2 'Structure model' 'Version format compliance' 
2 3 'Structure model' 'Version format compliance' 
3 4 'Structure model' 'Data collection'           
4 4 'Structure model' 'Database references'       
5 4 'Structure model' 'Derived calculations'      
# 
loop_
_pdbx_audit_revision_category.ordinal 
_pdbx_audit_revision_category.revision_ordinal 
_pdbx_audit_revision_category.data_content_type 
_pdbx_audit_revision_category.category 
1 4 'Structure model' chem_comp_atom 
2 4 'Structure model' chem_comp_bond 
3 4 'Structure model' database_2     
4 4 'Structure model' struct_site    
# 
loop_
_pdbx_audit_revision_item.ordinal 
_pdbx_audit_revision_item.revision_ordinal 
_pdbx_audit_revision_item.data_content_type 
_pdbx_audit_revision_item.item 
1 4 'Structure model' '_database_2.pdbx_DOI'                
2 4 'Structure model' '_database_2.pdbx_database_accession' 
3 4 'Structure model' '_struct_site.pdbx_auth_asym_id'      
4 4 'Structure model' '_struct_site.pdbx_auth_comp_id'      
5 4 'Structure model' '_struct_site.pdbx_auth_seq_id'       
# 
_pdbx_database_status.status_code                     REL 
_pdbx_database_status.entry_id                        1FM4 
_pdbx_database_status.recvd_initial_deposition_date   2000-08-16 
_pdbx_database_status.deposit_site                    RCSB 
_pdbx_database_status.process_site                    RCSB 
_pdbx_database_status.SG_entry                        ? 
_pdbx_database_status.status_code_sf                  REL 
_pdbx_database_status.status_code_mr                  ? 
_pdbx_database_status.pdb_format_compatible           Y 
_pdbx_database_status.status_code_cs                  ? 
_pdbx_database_status.status_code_nmr_data            ? 
_pdbx_database_status.methods_development_category    ? 
# 
loop_
_pdbx_database_related.db_name 
_pdbx_database_related.db_id 
_pdbx_database_related.details 
_pdbx_database_related.content_type 
PDB 1bv1 
;X-ray structure of Birch pollen allergen Bet v 1a  
(SWS P15494 L62F conflict)
;
unspecified 
PDB 1btv 
;NMR structure of Birch pollen allergen Bet v 1a 
(SWS P15494 L62F conflict)
;
unspecified 
PDB 1b6f 
;NMR structure of Birch pollen  
allergen Bet v 1a
;
unspecified 
# 
loop_
_audit_author.name 
_audit_author.pdbx_ordinal 
'Markovic-Housley, Z.'     1 
'Degano, M.'               2 
'Lamba, D.'                3 
'von Roepenack-Lahaye, E.' 4 
'Clemens, S.'              5 
'Susani, M.'               6 
'Ferreira, F.'             7 
'Scheiner, O.'             8 
'Breiteneder, H.'          9 
# 
loop_
_citation.id 
_citation.title 
_citation.journal_abbrev 
_citation.journal_volume 
_citation.page_first 
_citation.page_last 
_citation.year 
_citation.journal_id_ASTM 
_citation.country 
_citation.journal_id_ISSN 
_citation.journal_id_CSD 
_citation.book_publisher 
_citation.pdbx_database_id_PubMed 
_citation.pdbx_database_id_DOI 
primary 
;Crystal Structure of a Hypoallergenic Isoform of the Major Birch Pollen Allergen Bet  
v 1 and its Likely Biological Function as a Plant Steroid Carrier
;
J.Mol.Biol.  325 123  133  2003 JMOBAK UK 0022-2836 0070 ? 12473456 '10.1016/S0022-2836(02)01197-X' 
1       
'Isoforms of Bet v 1, the major birch pollen allergen, analyzed by liquid chromatography, mass spectrometry, and cDNA cloning.' 
J.Biol.Chem. 270 2607 2613 1995 JBCHA3 US 0021-9258 0071 ? ?        10.1074/jbc.270.6.2607          
2       
'The gene coding for the major birch pollen allergen Betv1, is highly homologous to a pea disease resistance response gene.' 
'Embo J.'    8   1935 1938 1989 EMJODG UK 0261-4189 0897 ? ?        ?                               
# 
loop_
_citation_author.citation_id 
_citation_author.name 
_citation_author.ordinal 
_citation_author.identifier_ORCID 
primary 'Markovic-Housley, Z.'     1  ? 
primary 'Degano, M.'               2  ? 
primary 'Lamba, D.'                3  ? 
primary 'von Roepenack-Lahaye, E.' 4  ? 
primary 'Clemens, S.'              5  ? 
primary 'Susani, M.'               6  ? 
primary 'Ferreira, F.'             7  ? 
primary 'Scheiner, O.'             8  ? 
primary 'Breiteneder, H.'          9  ? 
1       'Swoboda, I.'              10 ? 
1       'Jilek, A.'                11 ? 
1       'Ferreira, F.'             12 ? 
1       'Engel, E.'                13 ? 
1       'Hoffman-Sommergruber, K.' 14 ? 
1       'Scheiner, O.'             15 ? 
1       'Kraft, D.'                16 ? 
1       'Breiteneder, H.'          17 ? 
1       'Pittenauer, E.'           18 ? 
1       'Schmid, E.'               19 ? 
1       'Vicente, O.'              20 ? 
1       'Heberle-Bors, E.'         21 ? 
1       'Ahorn, H.'                22 ? 
1       'Breitenbach, M.'          23 ? 
2       'Breiteneder, H.'          24 ? 
2       'Pettenburger, K.'         25 ? 
2       'Bito, A.'                 26 ? 
2       'Valenta, R.'              27 ? 
2       'Kraft, D.'                28 ? 
2       'Rumpold, H.'              29 ? 
2       'Scheiner, O.'             30 ? 
2       'Breitenbach, M.'          31 ? 
# 
loop_
_entity.id 
_entity.type 
_entity.src_method 
_entity.pdbx_description 
_entity.formula_weight 
_entity.pdbx_number_of_molecules 
_entity.pdbx_ec 
_entity.pdbx_mutation 
_entity.pdbx_fragment 
_entity.details 
1 polymer     man 'MAJOR POLLEN ALLERGEN BET V 1-L'                         17430.693 1  ? ? ? ? 
2 non-polymer syn '(3ALPHA,5BETA,12ALPHA)-3,12-DIHYDROXYCHOLAN-24-OIC ACID' 392.572   2  ? ? ? ? 
3 water       nat water                                                     18.015    96 ? ? ? ? 
# 
_entity_poly.entity_id                      1 
_entity_poly.type                           'polypeptide(L)' 
_entity_poly.nstd_linkage                   no 
_entity_poly.nstd_monomer                   no 
_entity_poly.pdbx_seq_one_letter_code       
;GVFNYETEATSVIPAARMFKAFILDGDKLVPKVAPQAISSVENIEGNGGPGTIKKINFPEGFPFKYVKDRVDEVDHTNFK
YNYSVIEGGPVGDTLEKISNEIKIVATPDGGCVLKISNKYHTKGNHEVKAEQVKASKEMGETLLRAVESYLLAHSDAYN
;
_entity_poly.pdbx_seq_one_letter_code_can   
;GVFNYETEATSVIPAARMFKAFILDGDKLVPKVAPQAISSVENIEGNGGPGTIKKINFPEGFPFKYVKDRVDEVDHTNFK
YNYSVIEGGPVGDTLEKISNEIKIVATPDGGCVLKISNKYHTKGNHEVKAEQVKASKEMGETLLRAVESYLLAHSDAYN
;
_entity_poly.pdbx_strand_id                 A 
_entity_poly.pdbx_target_identifier         ? 
# 
loop_
_pdbx_entity_nonpoly.entity_id 
_pdbx_entity_nonpoly.name 
_pdbx_entity_nonpoly.comp_id 
2 '(3ALPHA,5BETA,12ALPHA)-3,12-DIHYDROXYCHOLAN-24-OIC ACID' DXC 
3 water                                                     HOH 
# 
loop_
_entity_poly_seq.entity_id 
_entity_poly_seq.num 
_entity_poly_seq.mon_id 
_entity_poly_seq.hetero 
1 1   GLY n 
1 2   VAL n 
1 3   PHE n 
1 4   ASN n 
1 5   TYR n 
1 6   GLU n 
1 7   THR n 
1 8   GLU n 
1 9   ALA n 
1 10  THR n 
1 11  SER n 
1 12  VAL n 
1 13  ILE n 
1 14  PRO n 
1 15  ALA n 
1 16  ALA n 
1 17  ARG n 
1 18  MET n 
1 19  PHE n 
1 20  LYS n 
1 21  ALA n 
1 22  PHE n 
1 23  ILE n 
1 24  LEU n 
1 25  ASP n 
1 26  GLY n 
1 27  ASP n 
1 28  LYS n 
1 29  LEU n 
1 30  VAL n 
1 31  PRO n 
1 32  LYS n 
1 33  VAL n 
1 34  ALA n 
1 35  PRO n 
1 36  GLN n 
1 37  ALA n 
1 38  ILE n 
1 39  SER n 
1 40  SER n 
1 41  VAL n 
1 42  GLU n 
1 43  ASN n 
1 44  ILE n 
1 45  GLU n 
1 46  GLY n 
1 47  ASN n 
1 48  GLY n 
1 49  GLY n 
1 50  PRO n 
1 51  GLY n 
1 52  THR n 
1 53  ILE n 
1 54  LYS n 
1 55  LYS n 
1 56  ILE n 
1 57  ASN n 
1 58  PHE n 
1 59  PRO n 
1 60  GLU n 
1 61  GLY n 
1 62  PHE n 
1 63  PRO n 
1 64  PHE n 
1 65  LYS n 
1 66  TYR n 
1 67  VAL n 
1 68  LYS n 
1 69  ASP n 
1 70  ARG n 
1 71  VAL n 
1 72  ASP n 
1 73  GLU n 
1 74  VAL n 
1 75  ASP n 
1 76  HIS n 
1 77  THR n 
1 78  ASN n 
1 79  PHE n 
1 80  LYS n 
1 81  TYR n 
1 82  ASN n 
1 83  TYR n 
1 84  SER n 
1 85  VAL n 
1 86  ILE n 
1 87  GLU n 
1 88  GLY n 
1 89  GLY n 
1 90  PRO n 
1 91  VAL n 
1 92  GLY n 
1 93  ASP n 
1 94  THR n 
1 95  LEU n 
1 96  GLU n 
1 97  LYS n 
1 98  ILE n 
1 99  SER n 
1 100 ASN n 
1 101 GLU n 
1 102 ILE n 
1 103 LYS n 
1 104 ILE n 
1 105 VAL n 
1 106 ALA n 
1 107 THR n 
1 108 PRO n 
1 109 ASP n 
1 110 GLY n 
1 111 GLY n 
1 112 CYS n 
1 113 VAL n 
1 114 LEU n 
1 115 LYS n 
1 116 ILE n 
1 117 SER n 
1 118 ASN n 
1 119 LYS n 
1 120 TYR n 
1 121 HIS n 
1 122 THR n 
1 123 LYS n 
1 124 GLY n 
1 125 ASN n 
1 126 HIS n 
1 127 GLU n 
1 128 VAL n 
1 129 LYS n 
1 130 ALA n 
1 131 GLU n 
1 132 GLN n 
1 133 VAL n 
1 134 LYS n 
1 135 ALA n 
1 136 SER n 
1 137 LYS n 
1 138 GLU n 
1 139 MET n 
1 140 GLY n 
1 141 GLU n 
1 142 THR n 
1 143 LEU n 
1 144 LEU n 
1 145 ARG n 
1 146 ALA n 
1 147 VAL n 
1 148 GLU n 
1 149 SER n 
1 150 TYR n 
1 151 LEU n 
1 152 LEU n 
1 153 ALA n 
1 154 HIS n 
1 155 SER n 
1 156 ASP n 
1 157 ALA n 
1 158 TYR n 
1 159 ASN n 
# 
_entity_src_gen.entity_id                          1 
_entity_src_gen.pdbx_src_id                        1 
_entity_src_gen.pdbx_alt_source_flag               sample 
_entity_src_gen.pdbx_seq_type                      ? 
_entity_src_gen.pdbx_beg_seq_num                   ? 
_entity_src_gen.pdbx_end_seq_num                   ? 
_entity_src_gen.gene_src_common_name               'European white birch' 
_entity_src_gen.gene_src_genus                     Betula 
_entity_src_gen.pdbx_gene_src_gene                 ? 
_entity_src_gen.gene_src_species                   ? 
_entity_src_gen.gene_src_strain                    ? 
_entity_src_gen.gene_src_tissue                    POLLEN 
_entity_src_gen.gene_src_tissue_fraction           ? 
_entity_src_gen.gene_src_details                   ? 
_entity_src_gen.pdbx_gene_src_fragment             ? 
_entity_src_gen.pdbx_gene_src_scientific_name      'Betula pendula' 
_entity_src_gen.pdbx_gene_src_ncbi_taxonomy_id     3505 
_entity_src_gen.pdbx_gene_src_variant              ? 
_entity_src_gen.pdbx_gene_src_cell_line            ? 
_entity_src_gen.pdbx_gene_src_atcc                 ? 
_entity_src_gen.pdbx_gene_src_organ                ? 
_entity_src_gen.pdbx_gene_src_organelle            ? 
_entity_src_gen.pdbx_gene_src_cell                 ? 
_entity_src_gen.pdbx_gene_src_cellular_location    ? 
_entity_src_gen.host_org_common_name               ? 
_entity_src_gen.pdbx_host_org_scientific_name      'Escherichia coli' 
_entity_src_gen.pdbx_host_org_ncbi_taxonomy_id     562 
_entity_src_gen.host_org_genus                     Escherichia 
_entity_src_gen.pdbx_host_org_gene                 ? 
_entity_src_gen.pdbx_host_org_organ                ? 
_entity_src_gen.host_org_species                   ? 
_entity_src_gen.pdbx_host_org_tissue               ? 
_entity_src_gen.pdbx_host_org_tissue_fraction      ? 
_entity_src_gen.pdbx_host_org_strain               ? 
_entity_src_gen.pdbx_host_org_variant              ? 
_entity_src_gen.pdbx_host_org_cell_line            ? 
_entity_src_gen.pdbx_host_org_atcc                 ? 
_entity_src_gen.pdbx_host_org_culture_collection   ? 
_entity_src_gen.pdbx_host_org_cell                 ? 
_entity_src_gen.pdbx_host_org_organelle            ? 
_entity_src_gen.pdbx_host_org_cellular_location    ? 
_entity_src_gen.pdbx_host_org_vector_type          PLASMID 
_entity_src_gen.pdbx_host_org_vector               ? 
_entity_src_gen.host_org_details                   ? 
_entity_src_gen.expression_system_id               ? 
_entity_src_gen.plasmid_name                       'PMW 175-BET V 1L' 
_entity_src_gen.plasmid_details                    ? 
_entity_src_gen.pdbx_description                   ? 
# 
loop_
_chem_comp.id 
_chem_comp.type 
_chem_comp.mon_nstd_flag 
_chem_comp.name 
_chem_comp.pdbx_synonyms 
_chem_comp.formula 
_chem_comp.formula_weight 
ALA 'L-peptide linking' y ALANINE                                                   ?                  'C3 H7 N O2'     89.093  
ARG 'L-peptide linking' y ARGININE                                                  ?                  'C6 H15 N4 O2 1' 175.209 
ASN 'L-peptide linking' y ASPARAGINE                                                ?                  'C4 H8 N2 O3'    132.118 
ASP 'L-peptide linking' y 'ASPARTIC ACID'                                           ?                  'C4 H7 N O4'     133.103 
CYS 'L-peptide linking' y CYSTEINE                                                  ?                  'C3 H7 N O2 S'   121.158 
DXC non-polymer         . '(3ALPHA,5BETA,12ALPHA)-3,12-DIHYDROXYCHOLAN-24-OIC ACID' 'DEOXYCHOLIC ACID' 'C24 H40 O4'     392.572 
GLN 'L-peptide linking' y GLUTAMINE                                                 ?                  'C5 H10 N2 O3'   146.144 
GLU 'L-peptide linking' y 'GLUTAMIC ACID'                                           ?                  'C5 H9 N O4'     147.129 
GLY 'peptide linking'   y GLYCINE                                                   ?                  'C2 H5 N O2'     75.067  
HIS 'L-peptide linking' y HISTIDINE                                                 ?                  'C6 H10 N3 O2 1' 156.162 
HOH non-polymer         . WATER                                                     ?                  'H2 O'           18.015  
ILE 'L-peptide linking' y ISOLEUCINE                                                ?                  'C6 H13 N O2'    131.173 
LEU 'L-peptide linking' y LEUCINE                                                   ?                  'C6 H13 N O2'    131.173 
LYS 'L-peptide linking' y LYSINE                                                    ?                  'C6 H15 N2 O2 1' 147.195 
MET 'L-peptide linking' y METHIONINE                                                ?                  'C5 H11 N O2 S'  149.211 
PHE 'L-peptide linking' y PHENYLALANINE                                             ?                  'C9 H11 N O2'    165.189 
PRO 'L-peptide linking' y PROLINE                                                   ?                  'C5 H9 N O2'     115.130 
SER 'L-peptide linking' y SERINE                                                    ?                  'C3 H7 N O3'     105.093 
THR 'L-peptide linking' y THREONINE                                                 ?                  'C4 H9 N O3'     119.119 
TYR 'L-peptide linking' y TYROSINE                                                  ?                  'C9 H11 N O3'    181.189 
VAL 'L-peptide linking' y VALINE                                                    ?                  'C5 H11 N O2'    117.146 
# 
loop_
_pdbx_poly_seq_scheme.asym_id 
_pdbx_poly_seq_scheme.entity_id 
_pdbx_poly_seq_scheme.seq_id 
_pdbx_poly_seq_scheme.mon_id 
_pdbx_poly_seq_scheme.ndb_seq_num 
_pdbx_poly_seq_scheme.pdb_seq_num 
_pdbx_poly_seq_scheme.auth_seq_num 
_pdbx_poly_seq_scheme.pdb_mon_id 
_pdbx_poly_seq_scheme.auth_mon_id 
_pdbx_poly_seq_scheme.pdb_strand_id 
_pdbx_poly_seq_scheme.pdb_ins_code 
_pdbx_poly_seq_scheme.hetero 
A 1 1   GLY 1   1   1   GLY GLY A . n 
A 1 2   VAL 2   2   2   VAL VAL A . n 
A 1 3   PHE 3   3   3   PHE PHE A . n 
A 1 4   ASN 4   4   4   ASN ASN A . n 
A 1 5   TYR 5   5   5   TYR TYR A . n 
A 1 6   GLU 6   6   6   GLU GLU A . n 
A 1 7   THR 7   7   7   THR THR A . n 
A 1 8   GLU 8   8   8   GLU GLU A . n 
A 1 9   ALA 9   9   9   ALA ALA A . n 
A 1 10  THR 10  10  10  THR THR A . n 
A 1 11  SER 11  11  11  SER SER A . n 
A 1 12  VAL 12  12  12  VAL VAL A . n 
A 1 13  ILE 13  13  13  ILE ILE A . n 
A 1 14  PRO 14  14  14  PRO PRO A . n 
A 1 15  ALA 15  15  15  ALA ALA A . n 
A 1 16  ALA 16  16  16  ALA ALA A . n 
A 1 17  ARG 17  17  17  ARG ARG A . n 
A 1 18  MET 18  18  18  MET MET A . n 
A 1 19  PHE 19  19  19  PHE PHE A . n 
A 1 20  LYS 20  20  20  LYS LYS A . n 
A 1 21  ALA 21  21  21  ALA ALA A . n 
A 1 22  PHE 22  22  22  PHE PHE A . n 
A 1 23  ILE 23  23  23  ILE ILE A . n 
A 1 24  LEU 24  24  24  LEU LEU A . n 
A 1 25  ASP 25  25  25  ASP ASP A . n 
A 1 26  GLY 26  26  26  GLY GLY A . n 
A 1 27  ASP 27  27  27  ASP ASP A . n 
A 1 28  LYS 28  28  28  LYS LYS A . n 
A 1 29  LEU 29  29  29  LEU LEU A . n 
A 1 30  VAL 30  30  30  VAL VAL A . n 
A 1 31  PRO 31  31  31  PRO PRO A . n 
A 1 32  LYS 32  32  32  LYS LYS A . n 
A 1 33  VAL 33  33  33  VAL VAL A . n 
A 1 34  ALA 34  34  34  ALA ALA A . n 
A 1 35  PRO 35  35  35  PRO PRO A . n 
A 1 36  GLN 36  36  36  GLN GLN A . n 
A 1 37  ALA 37  37  37  ALA ALA A . n 
A 1 38  ILE 38  38  38  ILE ILE A . n 
A 1 39  SER 39  39  39  SER SER A . n 
A 1 40  SER 40  40  40  SER SER A . n 
A 1 41  VAL 41  41  41  VAL VAL A . n 
A 1 42  GLU 42  42  42  GLU GLU A . n 
A 1 43  ASN 43  43  43  ASN ASN A . n 
A 1 44  ILE 44  44  44  ILE ILE A . n 
A 1 45  GLU 45  45  45  GLU GLU A . n 
A 1 46  GLY 46  46  46  GLY GLY A . n 
A 1 47  ASN 47  47  47  ASN ASN A . n 
A 1 48  GLY 48  48  48  GLY GLY A . n 
A 1 49  GLY 49  49  49  GLY GLY A . n 
A 1 50  PRO 50  50  50  PRO PRO A . n 
A 1 51  GLY 51  51  51  GLY GLY A . n 
A 1 52  THR 52  52  52  THR THR A . n 
A 1 53  ILE 53  53  53  ILE ILE A . n 
A 1 54  LYS 54  54  54  LYS LYS A . n 
A 1 55  LYS 55  55  55  LYS LYS A . n 
A 1 56  ILE 56  56  56  ILE ILE A . n 
A 1 57  ASN 57  57  57  ASN ASN A . n 
A 1 58  PHE 58  58  58  PHE PHE A . n 
A 1 59  PRO 59  59  59  PRO PRO A . n 
A 1 60  GLU 60  60  60  GLU GLU A . n 
A 1 61  GLY 61  61  61  GLY GLY A . n 
A 1 62  PHE 62  62  62  PHE PHE A . n 
A 1 63  PRO 63  63  63  PRO PRO A . n 
A 1 64  PHE 64  64  64  PHE PHE A . n 
A 1 65  LYS 65  65  65  LYS LYS A . n 
A 1 66  TYR 66  66  66  TYR TYR A . n 
A 1 67  VAL 67  67  67  VAL VAL A . n 
A 1 68  LYS 68  68  68  LYS LYS A . n 
A 1 69  ASP 69  69  69  ASP ASP A . n 
A 1 70  ARG 70  70  70  ARG ARG A . n 
A 1 71  VAL 71  71  71  VAL VAL A . n 
A 1 72  ASP 72  72  72  ASP ASP A . n 
A 1 73  GLU 73  73  73  GLU GLU A . n 
A 1 74  VAL 74  74  74  VAL VAL A . n 
A 1 75  ASP 75  75  75  ASP ASP A . n 
A 1 76  HIS 76  76  76  HIS HIS A . n 
A 1 77  THR 77  77  77  THR THR A . n 
A 1 78  ASN 78  78  78  ASN ASN A . n 
A 1 79  PHE 79  79  79  PHE PHE A . n 
A 1 80  LYS 80  80  80  LYS LYS A . n 
A 1 81  TYR 81  81  81  TYR TYR A . n 
A 1 82  ASN 82  82  82  ASN ASN A . n 
A 1 83  TYR 83  83  83  TYR TYR A . n 
A 1 84  SER 84  84  84  SER SER A . n 
A 1 85  VAL 85  85  85  VAL VAL A . n 
A 1 86  ILE 86  86  86  ILE ILE A . n 
A 1 87  GLU 87  87  87  GLU GLU A . n 
A 1 88  GLY 88  88  88  GLY GLY A . n 
A 1 89  GLY 89  89  89  GLY GLY A . n 
A 1 90  PRO 90  90  90  PRO PRO A . n 
A 1 91  VAL 91  91  91  VAL VAL A . n 
A 1 92  GLY 92  92  92  GLY GLY A . n 
A 1 93  ASP 93  93  93  ASP ASP A . n 
A 1 94  THR 94  94  94  THR THR A . n 
A 1 95  LEU 95  95  95  LEU LEU A . n 
A 1 96  GLU 96  96  96  GLU GLU A . n 
A 1 97  LYS 97  97  97  LYS LYS A . n 
A 1 98  ILE 98  98  98  ILE ILE A . n 
A 1 99  SER 99  99  99  SER SER A . n 
A 1 100 ASN 100 100 100 ASN ASN A . n 
A 1 101 GLU 101 101 101 GLU GLU A . n 
A 1 102 ILE 102 102 102 ILE ILE A . n 
A 1 103 LYS 103 103 103 LYS LYS A . n 
A 1 104 ILE 104 104 104 ILE ILE A . n 
A 1 105 VAL 105 105 105 VAL VAL A . n 
A 1 106 ALA 106 106 106 ALA ALA A . n 
A 1 107 THR 107 107 107 THR THR A . n 
A 1 108 PRO 108 108 108 PRO PRO A . n 
A 1 109 ASP 109 109 109 ASP ASP A . n 
A 1 110 GLY 110 110 110 GLY GLY A . n 
A 1 111 GLY 111 111 111 GLY GLY A . n 
A 1 112 CYS 112 112 112 CYS CYS A . n 
A 1 113 VAL 113 113 113 VAL VAL A . n 
A 1 114 LEU 114 114 114 LEU LEU A . n 
A 1 115 LYS 115 115 115 LYS LYS A . n 
A 1 116 ILE 116 116 116 ILE ILE A . n 
A 1 117 SER 117 117 117 SER SER A . n 
A 1 118 ASN 118 118 118 ASN ASN A . n 
A 1 119 LYS 119 119 119 LYS LYS A . n 
A 1 120 TYR 120 120 120 TYR TYR A . n 
A 1 121 HIS 121 121 121 HIS HIS A . n 
A 1 122 THR 122 122 122 THR THR A . n 
A 1 123 LYS 123 123 123 LYS LYS A . n 
A 1 124 GLY 124 124 124 GLY GLY A . n 
A 1 125 ASN 125 125 125 ASN ASN A . n 
A 1 126 HIS 126 126 126 HIS HIS A . n 
A 1 127 GLU 127 127 127 GLU GLU A . n 
A 1 128 VAL 128 128 128 VAL VAL A . n 
A 1 129 LYS 129 129 129 LYS LYS A . n 
A 1 130 ALA 130 130 130 ALA ALA A . n 
A 1 131 GLU 131 131 131 GLU GLU A . n 
A 1 132 GLN 132 132 132 GLN GLN A . n 
A 1 133 VAL 133 133 133 VAL VAL A . n 
A 1 134 LYS 134 134 134 LYS LYS A . n 
A 1 135 ALA 135 135 135 ALA ALA A . n 
A 1 136 SER 136 136 136 SER SER A . n 
A 1 137 LYS 137 137 137 LYS LYS A . n 
A 1 138 GLU 138 138 138 GLU GLU A . n 
A 1 139 MET 139 139 139 MET MET A . n 
A 1 140 GLY 140 140 140 GLY GLY A . n 
A 1 141 GLU 141 141 141 GLU GLU A . n 
A 1 142 THR 142 142 142 THR THR A . n 
A 1 143 LEU 143 143 143 LEU LEU A . n 
A 1 144 LEU 144 144 144 LEU LEU A . n 
A 1 145 ARG 145 145 145 ARG ARG A . n 
A 1 146 ALA 146 146 146 ALA ALA A . n 
A 1 147 VAL 147 147 147 VAL VAL A . n 
A 1 148 GLU 148 148 148 GLU GLU A . n 
A 1 149 SER 149 149 149 SER SER A . n 
A 1 150 TYR 150 150 150 TYR TYR A . n 
A 1 151 LEU 151 151 151 LEU LEU A . n 
A 1 152 LEU 152 152 152 LEU LEU A . n 
A 1 153 ALA 153 153 153 ALA ALA A . n 
A 1 154 HIS 154 154 154 HIS HIS A . n 
A 1 155 SER 155 155 155 SER SER A . n 
A 1 156 ASP 156 156 156 ASP ASP A . n 
A 1 157 ALA 157 157 157 ALA ALA A . n 
A 1 158 TYR 158 158 158 TYR TYR A . n 
A 1 159 ASN 159 159 159 ASN ASN A . n 
# 
loop_
_pdbx_nonpoly_scheme.asym_id 
_pdbx_nonpoly_scheme.entity_id 
_pdbx_nonpoly_scheme.mon_id 
_pdbx_nonpoly_scheme.ndb_seq_num 
_pdbx_nonpoly_scheme.pdb_seq_num 
_pdbx_nonpoly_scheme.auth_seq_num 
_pdbx_nonpoly_scheme.pdb_mon_id 
_pdbx_nonpoly_scheme.auth_mon_id 
_pdbx_nonpoly_scheme.pdb_strand_id 
_pdbx_nonpoly_scheme.pdb_ins_code 
B 2 DXC 1  1001 1  DXC CHO A . 
C 2 DXC 1  1002 2  DXC CHO A . 
D 3 HOH 1  1003 1  HOH HOH A . 
D 3 HOH 2  1004 2  HOH HOH A . 
D 3 HOH 3  1005 3  HOH HOH A . 
D 3 HOH 4  1006 4  HOH HOH A . 
D 3 HOH 5  1007 5  HOH HOH A . 
D 3 HOH 6  1008 6  HOH HOH A . 
D 3 HOH 7  1009 7  HOH HOH A . 
D 3 HOH 8  1010 8  HOH HOH A . 
D 3 HOH 9  1011 9  HOH HOH A . 
D 3 HOH 10 1012 10 HOH HOH A . 
D 3 HOH 11 1013 11 HOH HOH A . 
D 3 HOH 12 1014 12 HOH HOH A . 
D 3 HOH 13 1015 13 HOH HOH A . 
D 3 HOH 14 1016 14 HOH HOH A . 
D 3 HOH 15 1017 15 HOH HOH A . 
D 3 HOH 16 1018 16 HOH HOH A . 
D 3 HOH 17 1019 17 HOH HOH A . 
D 3 HOH 18 1020 18 HOH HOH A . 
D 3 HOH 19 1021 19 HOH HOH A . 
D 3 HOH 20 1022 20 HOH HOH A . 
D 3 HOH 21 1023 21 HOH HOH A . 
D 3 HOH 22 1024 22 HOH HOH A . 
D 3 HOH 23 1025 23 HOH HOH A . 
D 3 HOH 24 1026 24 HOH HOH A . 
D 3 HOH 25 1027 25 HOH HOH A . 
D 3 HOH 26 1028 26 HOH HOH A . 
D 3 HOH 27 1029 27 HOH HOH A . 
D 3 HOH 28 1030 28 HOH HOH A . 
D 3 HOH 29 1031 29 HOH HOH A . 
D 3 HOH 30 1032 30 HOH HOH A . 
D 3 HOH 31 1033 31 HOH HOH A . 
D 3 HOH 32 1034 32 HOH HOH A . 
D 3 HOH 33 1035 33 HOH HOH A . 
D 3 HOH 34 1036 34 HOH HOH A . 
D 3 HOH 35 1037 35 HOH HOH A . 
D 3 HOH 36 1038 36 HOH HOH A . 
D 3 HOH 37 1039 37 HOH HOH A . 
D 3 HOH 38 1040 38 HOH HOH A . 
D 3 HOH 39 1041 39 HOH HOH A . 
D 3 HOH 40 1042 40 HOH HOH A . 
D 3 HOH 41 1043 41 HOH HOH A . 
D 3 HOH 42 1044 42 HOH HOH A . 
D 3 HOH 43 1045 43 HOH HOH A . 
D 3 HOH 44 1046 44 HOH HOH A . 
D 3 HOH 45 1047 45 HOH HOH A . 
D 3 HOH 46 1048 46 HOH HOH A . 
D 3 HOH 47 1049 47 HOH HOH A . 
D 3 HOH 48 1050 48 HOH HOH A . 
D 3 HOH 49 1051 49 HOH HOH A . 
D 3 HOH 50 1052 50 HOH HOH A . 
D 3 HOH 51 1053 51 HOH HOH A . 
D 3 HOH 52 1054 52 HOH HOH A . 
D 3 HOH 53 1055 53 HOH HOH A . 
D 3 HOH 54 1056 54 HOH HOH A . 
D 3 HOH 55 1057 55 HOH HOH A . 
D 3 HOH 56 1058 56 HOH HOH A . 
D 3 HOH 57 1059 57 HOH HOH A . 
D 3 HOH 58 1060 58 HOH HOH A . 
D 3 HOH 59 1061 59 HOH HOH A . 
D 3 HOH 60 1062 60 HOH HOH A . 
D 3 HOH 61 1063 61 HOH HOH A . 
D 3 HOH 62 1064 62 HOH HOH A . 
D 3 HOH 63 1065 63 HOH HOH A . 
D 3 HOH 64 1066 64 HOH HOH A . 
D 3 HOH 65 1067 65 HOH HOH A . 
D 3 HOH 66 1068 66 HOH HOH A . 
D 3 HOH 67 1069 67 HOH HOH A . 
D 3 HOH 68 1070 68 HOH HOH A . 
D 3 HOH 69 1071 69 HOH HOH A . 
D 3 HOH 70 1072 70 HOH HOH A . 
D 3 HOH 71 1073 71 HOH HOH A . 
D 3 HOH 72 1074 72 HOH HOH A . 
D 3 HOH 73 1075 73 HOH HOH A . 
D 3 HOH 74 1076 74 HOH HOH A . 
D 3 HOH 75 1077 75 HOH HOH A . 
D 3 HOH 76 1078 76 HOH HOH A . 
D 3 HOH 77 1079 77 HOH HOH A . 
D 3 HOH 78 1080 78 HOH HOH A . 
D 3 HOH 79 1081 79 HOH HOH A . 
D 3 HOH 80 1082 80 HOH HOH A . 
D 3 HOH 81 1083 81 HOH HOH A . 
D 3 HOH 82 1084 82 HOH HOH A . 
D 3 HOH 83 1085 83 HOH HOH A . 
D 3 HOH 84 1086 84 HOH HOH A . 
D 3 HOH 85 1087 85 HOH HOH A . 
D 3 HOH 86 1088 86 HOH HOH A . 
D 3 HOH 87 1089 87 HOH HOH A . 
D 3 HOH 88 1090 88 HOH HOH A . 
D 3 HOH 89 1091 89 HOH HOH A . 
D 3 HOH 90 1092 90 HOH HOH A . 
D 3 HOH 91 1093 91 HOH HOH A . 
D 3 HOH 92 1094 92 HOH HOH A . 
D 3 HOH 93 1095 93 HOH HOH A . 
D 3 HOH 94 1096 94 HOH HOH A . 
D 3 HOH 95 1097 95 HOH HOH A . 
D 3 HOH 96 1098 96 HOH HOH A . 
# 
loop_
_pdbx_unobs_or_zero_occ_atoms.id 
_pdbx_unobs_or_zero_occ_atoms.PDB_model_num 
_pdbx_unobs_or_zero_occ_atoms.polymer_flag 
_pdbx_unobs_or_zero_occ_atoms.occupancy_flag 
_pdbx_unobs_or_zero_occ_atoms.auth_asym_id 
_pdbx_unobs_or_zero_occ_atoms.auth_comp_id 
_pdbx_unobs_or_zero_occ_atoms.auth_seq_id 
_pdbx_unobs_or_zero_occ_atoms.PDB_ins_code 
_pdbx_unobs_or_zero_occ_atoms.auth_atom_id 
_pdbx_unobs_or_zero_occ_atoms.label_alt_id 
_pdbx_unobs_or_zero_occ_atoms.label_asym_id 
_pdbx_unobs_or_zero_occ_atoms.label_comp_id 
_pdbx_unobs_or_zero_occ_atoms.label_seq_id 
_pdbx_unobs_or_zero_occ_atoms.label_atom_id 
1  1 Y 0 A LYS 28  ? CE  ? A LYS 28  CE  
2  1 Y 0 A LYS 28  ? NZ  ? A LYS 28  NZ  
3  1 Y 0 A LYS 65  ? CE  ? A LYS 65  CE  
4  1 Y 0 A LYS 65  ? NZ  ? A LYS 65  NZ  
5  1 Y 0 A LYS 80  ? CD  ? A LYS 80  CD  
6  1 Y 0 A LYS 80  ? CE  ? A LYS 80  CE  
7  1 Y 0 A LYS 80  ? NZ  ? A LYS 80  NZ  
8  1 Y 0 A LYS 103 ? CD  ? A LYS 103 CD  
9  1 Y 0 A LYS 103 ? CE  ? A LYS 103 CE  
10 1 Y 0 A LYS 103 ? NZ  ? A LYS 103 NZ  
11 1 Y 0 A LYS 129 ? CG  ? A LYS 129 CG  
12 1 Y 0 A LYS 129 ? CD  ? A LYS 129 CD  
13 1 Y 0 A LYS 129 ? CE  ? A LYS 129 CE  
14 1 Y 0 A LYS 129 ? NZ  ? A LYS 129 NZ  
15 1 Y 0 A GLU 131 ? CG  ? A GLU 131 CG  
16 1 Y 0 A GLU 131 ? CD  ? A GLU 131 CD  
17 1 Y 0 A GLU 131 ? OE1 ? A GLU 131 OE1 
18 1 Y 0 A GLU 131 ? OE2 ? A GLU 131 OE2 
19 1 Y 0 A GLN 132 ? CG  ? A GLN 132 CG  
20 1 Y 0 A GLN 132 ? CD  ? A GLN 132 CD  
21 1 Y 0 A GLN 132 ? OE1 ? A GLN 132 OE1 
22 1 Y 0 A GLN 132 ? NE2 ? A GLN 132 NE2 
23 1 Y 0 A LYS 134 ? CG  ? A LYS 134 CG  
24 1 Y 0 A LYS 134 ? CD  ? A LYS 134 CD  
25 1 Y 0 A LYS 134 ? CE  ? A LYS 134 CE  
26 1 Y 0 A LYS 134 ? NZ  ? A LYS 134 NZ  
27 1 Y 0 A LYS 137 ? CD  ? A LYS 137 CD  
28 1 Y 0 A LYS 137 ? CE  ? A LYS 137 CE  
29 1 Y 0 A LYS 137 ? NZ  ? A LYS 137 NZ  
# 
loop_
_software.name 
_software.classification 
_software.version 
_software.citation_id 
_software.pdbx_ordinal 
DENZO     'data reduction' .   ? 1 
SCALEPACK 'data scaling'   .   ? 2 
AMoRE     phasing          .   ? 3 
CNS       refinement       1.0 ? 4 
# 
_cell.entry_id           1FM4 
_cell.length_a           33.130 
_cell.length_b           57.230 
_cell.length_c           38.650 
_cell.angle_alpha        90.00 
_cell.angle_beta         91.94 
_cell.angle_gamma        90.00 
_cell.Z_PDB              2 
_cell.pdbx_unique_axis   ? 
_cell.length_a_esd       ? 
_cell.length_b_esd       ? 
_cell.length_c_esd       ? 
_cell.angle_alpha_esd    ? 
_cell.angle_beta_esd     ? 
_cell.angle_gamma_esd    ? 
# 
_symmetry.entry_id                         1FM4 
_symmetry.space_group_name_H-M             'P 1 21 1' 
_symmetry.pdbx_full_space_group_name_H-M   ? 
_symmetry.cell_setting                     ? 
_symmetry.Int_Tables_number                4 
_symmetry.space_group_name_Hall            ? 
# 
_exptl.entry_id          1FM4 
_exptl.method            'X-RAY DIFFRACTION' 
_exptl.crystals_number   1 
# 
_exptl_crystal.id                    1 
_exptl_crystal.density_meas          ? 
_exptl_crystal.density_percent_sol   41.43 
_exptl_crystal.density_Matthews      2.10 
_exptl_crystal.description           ? 
_exptl_crystal.F_000                 ? 
_exptl_crystal.preparation           ? 
# 
_exptl_crystal_grow.crystal_id      1 
_exptl_crystal_grow.method          'VAPOR DIFFUSION, HANGING DROP' 
_exptl_crystal_grow.pH              4.6 
_exptl_crystal_grow.temp            298 
_exptl_crystal_grow.temp_details    ? 
_exptl_crystal_grow.pdbx_details    
'100mM sodium acetate, 20mM ammonium sulphate, 30%Peg-MME 2000, pH 4.6, VAPOR DIFFUSION, HANGING DROP, temperature 298K' 
_exptl_crystal_grow.pdbx_pH_range   . 
# 
_diffrn.id                     1 
_diffrn.ambient_temp           298 
_diffrn.ambient_temp_details   ? 
_diffrn.crystal_id             1 
# 
_diffrn_detector.diffrn_id              1 
_diffrn_detector.detector               'IMAGE PLATE' 
_diffrn_detector.type                   MARRESEARCH 
_diffrn_detector.pdbx_collection_date   1999-04-17 
_diffrn_detector.details                ? 
# 
_diffrn_radiation.diffrn_id                        1 
_diffrn_radiation.wavelength_id                    1 
_diffrn_radiation.monochromator                    ? 
_diffrn_radiation.pdbx_monochromatic_or_laue_m_l   M 
_diffrn_radiation.pdbx_diffrn_protocol             'SINGLE WAVELENGTH' 
_diffrn_radiation.pdbx_scattering_type             x-ray 
# 
_diffrn_radiation_wavelength.id           1 
_diffrn_radiation_wavelength.wavelength   1.5418 
_diffrn_radiation_wavelength.wt           1.0 
# 
_diffrn_source.diffrn_id                   1 
_diffrn_source.source                      'ROTATING ANODE' 
_diffrn_source.type                        'RIGAKU RU200' 
_diffrn_source.pdbx_wavelength             1.5418 
_diffrn_source.pdbx_synchrotron_site       ? 
_diffrn_source.pdbx_synchrotron_beamline   ? 
_diffrn_source.pdbx_wavelength_list        ? 
# 
_reflns.entry_id                     1FM4 
_reflns.observed_criterion_sigma_I   -2.0 
_reflns.observed_criterion_sigma_F   0.0 
_reflns.d_resolution_low             30.0 
_reflns.d_resolution_high            1.97 
_reflns.number_obs                   9670 
_reflns.number_all                   32201 
_reflns.percent_possible_obs         95.4 
_reflns.pdbx_Rmerge_I_obs            0.117 
_reflns.pdbx_Rsym_value              ? 
_reflns.pdbx_netI_over_sigmaI        10.2 
_reflns.B_iso_Wilson_estimate        12.2 
_reflns.pdbx_redundancy              3.3 
_reflns.R_free_details               ? 
_reflns.limit_h_max                  ? 
_reflns.limit_h_min                  ? 
_reflns.limit_k_max                  ? 
_reflns.limit_k_min                  ? 
_reflns.limit_l_max                  ? 
_reflns.limit_l_min                  ? 
_reflns.observed_criterion_F_max     ? 
_reflns.observed_criterion_F_min     ? 
_reflns.pdbx_chi_squared             ? 
_reflns.pdbx_scaling_rejects         ? 
_reflns.pdbx_diffrn_id               1 
_reflns.pdbx_ordinal                 1 
# 
_reflns_shell.d_res_high             1.97 
_reflns_shell.d_res_low              2.07 
_reflns_shell.percent_possible_obs   ? 
_reflns_shell.percent_possible_all   59.6 
_reflns_shell.Rmerge_I_obs           0.371 
_reflns_shell.meanI_over_sigI_obs    ? 
_reflns_shell.pdbx_Rsym_value        ? 
_reflns_shell.pdbx_redundancy        1.9 
_reflns_shell.number_unique_all      607 
_reflns_shell.number_measured_all    ? 
_reflns_shell.number_measured_obs    ? 
_reflns_shell.number_unique_obs      ? 
_reflns_shell.pdbx_chi_squared       ? 
_reflns_shell.pdbx_diffrn_id         ? 
_reflns_shell.pdbx_ordinal           1 
# 
_refine.entry_id                                 1FM4 
_refine.ls_number_reflns_obs                     9658 
_refine.ls_number_reflns_all                     9658 
_refine.pdbx_ls_sigma_I                          .000000 
_refine.pdbx_ls_sigma_F                          0.0 
_refine.pdbx_data_cutoff_high_absF               807800.84 
_refine.pdbx_data_cutoff_low_absF                0.00 
_refine.ls_d_res_low                             28.66 
_refine.ls_d_res_high                            1.97 
_refine.ls_percent_reflns_obs                    96.3 
_refine.ls_R_factor_obs                          ? 
_refine.ls_R_factor_all                          ? 
_refine.ls_R_factor_R_work                       0.197 
_refine.ls_R_factor_R_free                       0.24 
_refine.ls_R_factor_R_free_error                 0.008 
_refine.ls_R_factor_R_free_error_details         ? 
_refine.ls_percent_reflns_R_free                 10.3 
_refine.ls_number_reflns_R_free                  999 
_refine.ls_number_parameters                     ? 
_refine.ls_number_restraints                     ? 
_refine.occupancy_min                            ? 
_refine.occupancy_max                            ? 
_refine.B_iso_mean                               16.3 
_refine.aniso_B[1][1]                            -1.03 
_refine.aniso_B[2][2]                            0.12 
_refine.aniso_B[3][3]                            0.90 
_refine.aniso_B[1][2]                            0.00 
_refine.aniso_B[1][3]                            1.44 
_refine.aniso_B[2][3]                            0.00 
_refine.solvent_model_details                    'FLAT MODEL' 
_refine.solvent_model_param_ksol                 0.336 
_refine.solvent_model_param_bsol                 66.13 
_refine.pdbx_ls_cross_valid_method               THROUGHOUT 
_refine.details                                  'Bulk solvent correction' 
_refine.pdbx_starting_model                      ? 
_refine.pdbx_method_to_determine_struct          ? 
_refine.pdbx_isotropic_thermal_model             RESTRAINED 
_refine.pdbx_stereochemistry_target_values       'Engh & Huber' 
_refine.pdbx_stereochem_target_val_spec_case     ? 
_refine.pdbx_R_Free_selection_details            RANDOM 
_refine.pdbx_overall_ESU_R_Free                  ? 
_refine.overall_SU_B                             ? 
_refine.ls_redundancy_reflns_obs                 ? 
_refine.B_iso_min                                ? 
_refine.B_iso_max                                ? 
_refine.overall_SU_ML                            ? 
_refine.pdbx_overall_ESU_R                       ? 
_refine.pdbx_data_cutoff_high_rms_absF           ? 
_refine.correlation_coeff_Fo_to_Fc               ? 
_refine.overall_SU_R_Cruickshank_DPI             ? 
_refine.overall_SU_R_free                        ? 
_refine.correlation_coeff_Fo_to_Fc_free          ? 
_refine.pdbx_solvent_vdw_probe_radii             ? 
_refine.pdbx_solvent_ion_probe_radii             ? 
_refine.pdbx_solvent_shrinkage_radii             ? 
_refine.pdbx_refine_id                           'X-RAY DIFFRACTION' 
_refine.pdbx_overall_phase_error                 ? 
_refine.ls_wR_factor_R_free                      ? 
_refine.ls_wR_factor_R_work                      ? 
_refine.overall_FOM_free_R_set                   ? 
_refine.overall_FOM_work_R_set                   ? 
_refine.pdbx_diffrn_id                           1 
_refine.pdbx_TLS_residual_ADP_flag               ? 
_refine.pdbx_overall_SU_R_free_Cruickshank_DPI   ? 
_refine.pdbx_overall_SU_R_Blow_DPI               ? 
_refine.pdbx_overall_SU_R_free_Blow_DPI          ? 
# 
_refine_analyze.entry_id                        1FM4 
_refine_analyze.Luzzati_coordinate_error_obs    0.24 
_refine_analyze.Luzzati_sigma_a_obs             0.14 
_refine_analyze.Luzzati_d_res_low_obs           5.00 
_refine_analyze.Luzzati_coordinate_error_free   0.29 
_refine_analyze.Luzzati_sigma_a_free            0.16 
_refine_analyze.Luzzati_d_res_low_free          ? 
_refine_analyze.number_disordered_residues      ? 
_refine_analyze.occupancy_sum_hydrogen          ? 
_refine_analyze.occupancy_sum_non_hydrogen      ? 
_refine_analyze.pdbx_Luzzati_d_res_high_obs     ? 
_refine_analyze.pdbx_refine_id                  'X-RAY DIFFRACTION' 
# 
_refine_hist.pdbx_refine_id                   'X-RAY DIFFRACTION' 
_refine_hist.cycle_id                         LAST 
_refine_hist.pdbx_number_atoms_protein        1228 
_refine_hist.pdbx_number_atoms_nucleic_acid   0 
_refine_hist.pdbx_number_atoms_ligand         56 
_refine_hist.number_atoms_solvent             96 
_refine_hist.number_atoms_total               1380 
_refine_hist.d_res_high                       1.97 
_refine_hist.d_res_low                        28.66 
# 
loop_
_refine_ls_restr.type 
_refine_ls_restr.dev_ideal 
_refine_ls_restr.dev_ideal_target 
_refine_ls_restr.weight 
_refine_ls_restr.number 
_refine_ls_restr.pdbx_refine_id 
_refine_ls_restr.pdbx_restraint_function 
c_bond_d           0.009 ?    ? ? 'X-RAY DIFFRACTION' ? 
c_angle_deg        1.3   ?    ? ? 'X-RAY DIFFRACTION' ? 
c_dihedral_angle_d 23.8  ?    ? ? 'X-RAY DIFFRACTION' ? 
c_improper_angle_d 0.92  ?    ? ? 'X-RAY DIFFRACTION' ? 
c_mcbond_it        1.83  1.50 ? ? 'X-RAY DIFFRACTION' ? 
c_mcangle_it       2.52  2.00 ? ? 'X-RAY DIFFRACTION' ? 
c_scbond_it        3.16  2.00 ? ? 'X-RAY DIFFRACTION' ? 
c_scangle_it       4.48  2.50 ? ? 'X-RAY DIFFRACTION' ? 
# 
_refine_ls_shell.pdbx_total_number_of_bins_used   6 
_refine_ls_shell.d_res_high                       1.97 
_refine_ls_shell.d_res_low                        2.09 
_refine_ls_shell.number_reflns_R_work             991 
_refine_ls_shell.R_factor_R_work                  0.359 
_refine_ls_shell.percent_reflns_obs               64.6 
_refine_ls_shell.R_factor_R_free                  0.388 
_refine_ls_shell.R_factor_R_free_error            0.036 
_refine_ls_shell.percent_reflns_R_free            10.3 
_refine_ls_shell.number_reflns_R_free             114 
_refine_ls_shell.redundancy_reflns_obs            ? 
_refine_ls_shell.number_reflns_all                ? 
_refine_ls_shell.number_reflns_obs                ? 
_refine_ls_shell.pdbx_refine_id                   'X-RAY DIFFRACTION' 
_refine_ls_shell.R_factor_all                     ? 
# 
loop_
_pdbx_xplor_file.serial_no 
_pdbx_xplor_file.param_file 
_pdbx_xplor_file.topol_file 
_pdbx_xplor_file.pdbx_refine_id 
1 PROTEIN_REP.PARAM PROTEIN.TOP 'X-RAY DIFFRACTION' 
2 WATER_REP.PARAM   WATER.TOP   'X-RAY DIFFRACTION' 
3 CHOL.PAR          CHOL.TOP    'X-RAY DIFFRACTION' 
# 
_struct.entry_id                  1FM4 
_struct.title                     'CRYSTAL STRUCTURE OF THE BIRCH POLLEN ALLERGEN BET V 1L' 
_struct.pdbx_model_details        ? 
_struct.pdbx_CASP_flag            ? 
_struct.pdbx_model_type_details   ? 
# 
_struct_keywords.entry_id        1FM4 
_struct_keywords.pdbx_keywords   ALLERGEN 
_struct_keywords.text            'alpha-beta: 6 anti-parallel beta strands and 3 alpha helices., ALLERGEN' 
# 
loop_
_struct_asym.id 
_struct_asym.pdbx_blank_PDB_chainid_flag 
_struct_asym.pdbx_modified 
_struct_asym.entity_id 
_struct_asym.details 
A N N 1 ? 
B N N 2 ? 
C N N 2 ? 
D N N 3 ? 
# 
_struct_ref.id                         1 
_struct_ref.db_code                    BEV1L_BETVE 
_struct_ref.db_name                    UNP 
_struct_ref.entity_id                  1 
_struct_ref.pdbx_db_accession          P43185 
_struct_ref.pdbx_align_begin           1 
_struct_ref.pdbx_seq_one_letter_code   
;GVFNYETEATSVIPAARMFKAFILDGDKLVPKVAPQAISSVENIEGNGGPGTIKKINFPEGFPFKYVKDRVDEVDHTNFK
YNYSVIEGGPVGDTLEKISNEIKIVATPDGGCVLKISNKYHTKGNHEVKAEQVKASKEMGETLLRAVESYLLAHSDAYN
;
_struct_ref.pdbx_db_isoform            ? 
# 
_struct_ref_seq.align_id                      1 
_struct_ref_seq.ref_id                        1 
_struct_ref_seq.pdbx_PDB_id_code              1FM4 
_struct_ref_seq.pdbx_strand_id                A 
_struct_ref_seq.seq_align_beg                 1 
_struct_ref_seq.pdbx_seq_align_beg_ins_code   ? 
_struct_ref_seq.seq_align_end                 159 
_struct_ref_seq.pdbx_seq_align_end_ins_code   ? 
_struct_ref_seq.pdbx_db_accession             P43185 
_struct_ref_seq.db_align_beg                  1 
_struct_ref_seq.pdbx_db_align_beg_ins_code    ? 
_struct_ref_seq.db_align_end                  159 
_struct_ref_seq.pdbx_db_align_end_ins_code    ? 
_struct_ref_seq.pdbx_auth_seq_align_beg       1 
_struct_ref_seq.pdbx_auth_seq_align_end       159 
# 
_pdbx_struct_assembly.id                   1 
_pdbx_struct_assembly.details              author_defined_assembly 
_pdbx_struct_assembly.method_details       ? 
_pdbx_struct_assembly.oligomeric_details   monomeric 
_pdbx_struct_assembly.oligomeric_count     1 
# 
_pdbx_struct_assembly_gen.assembly_id       1 
_pdbx_struct_assembly_gen.oper_expression   1 
_pdbx_struct_assembly_gen.asym_id_list      A,B,C,D 
# 
_pdbx_struct_oper_list.id                   1 
_pdbx_struct_oper_list.type                 'identity operation' 
_pdbx_struct_oper_list.name                 1_555 
_pdbx_struct_oper_list.symmetry_operation   x,y,z 
_pdbx_struct_oper_list.matrix[1][1]         1.0000000000 
_pdbx_struct_oper_list.matrix[1][2]         0.0000000000 
_pdbx_struct_oper_list.matrix[1][3]         0.0000000000 
_pdbx_struct_oper_list.vector[1]            0.0000000000 
_pdbx_struct_oper_list.matrix[2][1]         0.0000000000 
_pdbx_struct_oper_list.matrix[2][2]         1.0000000000 
_pdbx_struct_oper_list.matrix[2][3]         0.0000000000 
_pdbx_struct_oper_list.vector[2]            0.0000000000 
_pdbx_struct_oper_list.matrix[3][1]         0.0000000000 
_pdbx_struct_oper_list.matrix[3][2]         0.0000000000 
_pdbx_struct_oper_list.matrix[3][3]         1.0000000000 
_pdbx_struct_oper_list.vector[3]            0.0000000000 
# 
_struct_biol.id                    1 
_struct_biol.pdbx_parent_biol_id   ? 
_struct_biol.details               ? 
# 
loop_
_struct_conf.conf_type_id 
_struct_conf.id 
_struct_conf.pdbx_PDB_helix_id 
_struct_conf.beg_label_comp_id 
_struct_conf.beg_label_asym_id 
_struct_conf.beg_label_seq_id 
_struct_conf.pdbx_beg_PDB_ins_code 
_struct_conf.end_label_comp_id 
_struct_conf.end_label_asym_id 
_struct_conf.end_label_seq_id 
_struct_conf.pdbx_end_PDB_ins_code 
_struct_conf.beg_auth_comp_id 
_struct_conf.beg_auth_asym_id 
_struct_conf.beg_auth_seq_id 
_struct_conf.end_auth_comp_id 
_struct_conf.end_auth_asym_id 
_struct_conf.end_auth_seq_id 
_struct_conf.pdbx_PDB_helix_class 
_struct_conf.details 
_struct_conf.pdbx_PDB_helix_length 
HELX_P HELX_P1 1 PRO A 14  ? ILE A 23  ? PRO A 14  ILE A 23  1 ? 10 
HELX_P HELX_P2 2 ASP A 25  ? ALA A 34  ? ASP A 25  ALA A 34  1 ? 10 
HELX_P HELX_P3 3 VAL A 133 ? HIS A 154 ? VAL A 133 HIS A 154 1 ? 22 
# 
_struct_conf_type.id          HELX_P 
_struct_conf_type.criteria    ? 
_struct_conf_type.reference   ? 
# 
_struct_sheet.id               A 
_struct_sheet.type             ? 
_struct_sheet.number_strands   7 
_struct_sheet.details          ? 
# 
loop_
_struct_sheet_order.sheet_id 
_struct_sheet_order.range_id_1 
_struct_sheet_order.range_id_2 
_struct_sheet_order.offset 
_struct_sheet_order.sense 
A 1 2 ? anti-parallel 
A 2 3 ? anti-parallel 
A 3 4 ? anti-parallel 
A 4 5 ? anti-parallel 
A 5 6 ? anti-parallel 
A 6 7 ? anti-parallel 
# 
loop_
_struct_sheet_range.sheet_id 
_struct_sheet_range.id 
_struct_sheet_range.beg_label_comp_id 
_struct_sheet_range.beg_label_asym_id 
_struct_sheet_range.beg_label_seq_id 
_struct_sheet_range.pdbx_beg_PDB_ins_code 
_struct_sheet_range.end_label_comp_id 
_struct_sheet_range.end_label_asym_id 
_struct_sheet_range.end_label_seq_id 
_struct_sheet_range.pdbx_end_PDB_ins_code 
_struct_sheet_range.beg_auth_comp_id 
_struct_sheet_range.beg_auth_asym_id 
_struct_sheet_range.beg_auth_seq_id 
_struct_sheet_range.end_auth_comp_id 
_struct_sheet_range.end_auth_asym_id 
_struct_sheet_range.end_auth_seq_id 
A 1 VAL A 2   ? SER A 11  ? VAL A 2   SER A 11  
A 2 CYS A 112 ? THR A 122 ? CYS A 112 THR A 122 
A 3 LEU A 95  ? ALA A 106 ? LEU A 95  ALA A 106 
A 4 LYS A 80  ? GLU A 87  ? LYS A 80  GLU A 87  
A 5 TYR A 66  ? ASP A 75  ? TYR A 66  ASP A 75  
A 6 ILE A 53  ? ASN A 57  ? ILE A 53  ASN A 57  
A 7 SER A 40  ? GLU A 45  ? SER A 40  GLU A 45  
# 
loop_
_pdbx_struct_sheet_hbond.sheet_id 
_pdbx_struct_sheet_hbond.range_id_1 
_pdbx_struct_sheet_hbond.range_id_2 
_pdbx_struct_sheet_hbond.range_1_label_atom_id 
_pdbx_struct_sheet_hbond.range_1_label_comp_id 
_pdbx_struct_sheet_hbond.range_1_label_asym_id 
_pdbx_struct_sheet_hbond.range_1_label_seq_id 
_pdbx_struct_sheet_hbond.range_1_PDB_ins_code 
_pdbx_struct_sheet_hbond.range_1_auth_atom_id 
_pdbx_struct_sheet_hbond.range_1_auth_comp_id 
_pdbx_struct_sheet_hbond.range_1_auth_asym_id 
_pdbx_struct_sheet_hbond.range_1_auth_seq_id 
_pdbx_struct_sheet_hbond.range_2_label_atom_id 
_pdbx_struct_sheet_hbond.range_2_label_comp_id 
_pdbx_struct_sheet_hbond.range_2_label_asym_id 
_pdbx_struct_sheet_hbond.range_2_label_seq_id 
_pdbx_struct_sheet_hbond.range_2_PDB_ins_code 
_pdbx_struct_sheet_hbond.range_2_auth_atom_id 
_pdbx_struct_sheet_hbond.range_2_auth_comp_id 
_pdbx_struct_sheet_hbond.range_2_auth_asym_id 
_pdbx_struct_sheet_hbond.range_2_auth_seq_id 
A 1 2 N SER A 11  ? N SER A 11  O CYS A 112 ? O CYS A 112 
A 2 3 O HIS A 121 ? O HIS A 121 N GLU A 96  ? N GLU A 96  
A 3 4 O ILE A 102 ? O ILE A 102 N TYR A 81  ? N TYR A 81  
A 4 5 O GLU A 87  ? O GLU A 87  N LYS A 68  ? N LYS A 68  
A 5 6 N ASP A 69  ? N ASP A 69  O LYS A 54  ? O LYS A 54  
A 6 7 N ASN A 57  ? N ASN A 57  O SER A 40  ? O SER A 40  
# 
loop_
_struct_site.id 
_struct_site.pdbx_evidence_code 
_struct_site.pdbx_auth_asym_id 
_struct_site.pdbx_auth_comp_id 
_struct_site.pdbx_auth_seq_id 
_struct_site.pdbx_auth_ins_code 
_struct_site.pdbx_num_residues 
_struct_site.details 
AC1 Software A DXC 1001 ? 10 'BINDING SITE FOR RESIDUE DXC A 1001' 
AC2 Software A DXC 1002 ? 11 'BINDING SITE FOR RESIDUE DXC A 1002' 
# 
loop_
_struct_site_gen.id 
_struct_site_gen.site_id 
_struct_site_gen.pdbx_num_res 
_struct_site_gen.label_comp_id 
_struct_site_gen.label_asym_id 
_struct_site_gen.label_seq_id 
_struct_site_gen.pdbx_auth_ins_code 
_struct_site_gen.auth_comp_id 
_struct_site_gen.auth_asym_id 
_struct_site_gen.auth_seq_id 
_struct_site_gen.label_atom_id 
_struct_site_gen.label_alt_id 
_struct_site_gen.symmetry 
_struct_site_gen.details 
1  AC1 10 PHE A 58  ? PHE A 58   . ? 1_555 ? 
2  AC1 10 PRO A 63  ? PRO A 63   . ? 1_555 ? 
3  AC1 10 PHE A 64  ? PHE A 64   . ? 1_555 ? 
4  AC1 10 PRO A 90  ? PRO A 90   . ? 1_555 ? 
5  AC1 10 THR A 94  ? THR A 94   . ? 1_555 ? 
6  AC1 10 ILE A 98  ? ILE A 98   . ? 1_555 ? 
7  AC1 10 HIS A 126 ? HIS A 126  . ? 1_555 ? 
8  AC1 10 GLN A 132 ? GLN A 132  . ? 1_555 ? 
9  AC1 10 SER A 136 ? SER A 136  . ? 1_555 ? 
10 AC1 10 DXC C .   ? DXC A 1002 . ? 1_555 ? 
11 AC2 11 PHE A 22  ? PHE A 22   . ? 1_555 ? 
12 AC2 11 ILE A 23  ? ILE A 23   . ? 1_555 ? 
13 AC2 11 ASP A 69  ? ASP A 69   . ? 1_555 ? 
14 AC2 11 TYR A 83  ? TYR A 83   . ? 1_555 ? 
15 AC2 11 ILE A 98  ? ILE A 98   . ? 1_555 ? 
16 AC2 11 ASN A 100 ? ASN A 100  . ? 1_555 ? 
17 AC2 11 ASN A 118 ? ASN A 118  . ? 1_555 ? 
18 AC2 11 TYR A 120 ? TYR A 120  . ? 1_555 ? 
19 AC2 11 SER A 136 ? SER A 136  . ? 1_555 ? 
20 AC2 11 DXC B .   ? DXC A 1001 . ? 1_555 ? 
21 AC2 11 HOH D .   ? HOH A 1075 . ? 1_555 ? 
# 
loop_
_pdbx_validate_torsion.id 
_pdbx_validate_torsion.PDB_model_num 
_pdbx_validate_torsion.auth_comp_id 
_pdbx_validate_torsion.auth_asym_id 
_pdbx_validate_torsion.auth_seq_id 
_pdbx_validate_torsion.PDB_ins_code 
_pdbx_validate_torsion.label_alt_id 
_pdbx_validate_torsion.phi 
_pdbx_validate_torsion.psi 
1 1 ILE A 23 ? ? -92.96  -65.83 
2 1 ASP A 93 ? ? -109.94 -87.52 
# 
loop_
_chem_comp_atom.comp_id 
_chem_comp_atom.atom_id 
_chem_comp_atom.type_symbol 
_chem_comp_atom.pdbx_aromatic_flag 
_chem_comp_atom.pdbx_stereo_config 
_chem_comp_atom.pdbx_ordinal 
ALA N    N N N 1   
ALA CA   C N S 2   
ALA C    C N N 3   
ALA O    O N N 4   
ALA CB   C N N 5   
ALA OXT  O N N 6   
ALA H    H N N 7   
ALA H2   H N N 8   
ALA HA   H N N 9   
ALA HB1  H N N 10  
ALA HB2  H N N 11  
ALA HB3  H N N 12  
ALA HXT  H N N 13  
ARG N    N N N 14  
ARG CA   C N S 15  
ARG C    C N N 16  
ARG O    O N N 17  
ARG CB   C N N 18  
ARG CG   C N N 19  
ARG CD   C N N 20  
ARG NE   N N N 21  
ARG CZ   C N N 22  
ARG NH1  N N N 23  
ARG NH2  N N N 24  
ARG OXT  O N N 25  
ARG H    H N N 26  
ARG H2   H N N 27  
ARG HA   H N N 28  
ARG HB2  H N N 29  
ARG HB3  H N N 30  
ARG HG2  H N N 31  
ARG HG3  H N N 32  
ARG HD2  H N N 33  
ARG HD3  H N N 34  
ARG HE   H N N 35  
ARG HH11 H N N 36  
ARG HH12 H N N 37  
ARG HH21 H N N 38  
ARG HH22 H N N 39  
ARG HXT  H N N 40  
ASN N    N N N 41  
ASN CA   C N S 42  
ASN C    C N N 43  
ASN O    O N N 44  
ASN CB   C N N 45  
ASN CG   C N N 46  
ASN OD1  O N N 47  
ASN ND2  N N N 48  
ASN OXT  O N N 49  
ASN H    H N N 50  
ASN H2   H N N 51  
ASN HA   H N N 52  
ASN HB2  H N N 53  
ASN HB3  H N N 54  
ASN HD21 H N N 55  
ASN HD22 H N N 56  
ASN HXT  H N N 57  
ASP N    N N N 58  
ASP CA   C N S 59  
ASP C    C N N 60  
ASP O    O N N 61  
ASP CB   C N N 62  
ASP CG   C N N 63  
ASP OD1  O N N 64  
ASP OD2  O N N 65  
ASP OXT  O N N 66  
ASP H    H N N 67  
ASP H2   H N N 68  
ASP HA   H N N 69  
ASP HB2  H N N 70  
ASP HB3  H N N 71  
ASP HD2  H N N 72  
ASP HXT  H N N 73  
CYS N    N N N 74  
CYS CA   C N R 75  
CYS C    C N N 76  
CYS O    O N N 77  
CYS CB   C N N 78  
CYS SG   S N N 79  
CYS OXT  O N N 80  
CYS H    H N N 81  
CYS H2   H N N 82  
CYS HA   H N N 83  
CYS HB2  H N N 84  
CYS HB3  H N N 85  
CYS HG   H N N 86  
CYS HXT  H N N 87  
DXC C1   C N R 88  
DXC C2   C N N 89  
DXC C3   C N R 90  
DXC C4   C N S 91  
DXC C5   C N N 92  
DXC C6   C N N 93  
DXC C7   C N N 94  
DXC C8   C N N 95  
DXC C9   C N R 96  
DXC C10  C N S 97  
DXC C11  C N S 98  
DXC C12  C N R 99  
DXC C13  C N S 100 
DXC C14  C N N 101 
DXC C15  C N N 102 
DXC C16  C N N 103 
DXC C17  C N R 104 
DXC C18  C N N 105 
DXC C19  C N R 106 
DXC O1   O N N 107 
DXC O2   O N N 108 
DXC C20  C N N 109 
DXC C21  C N N 110 
DXC C22  C N N 111 
DXC C23  C N N 112 
DXC O3   O N N 113 
DXC O4   O N N 114 
DXC C24  C N N 115 
DXC H1   H N N 116 
DXC H22  H N N 117 
DXC H21  H N N 118 
DXC H3   H N N 119 
DXC H52  H N N 120 
DXC H51  H N N 121 
DXC H62  H N N 122 
DXC H61  H N N 123 
DXC H72  H N N 124 
DXC H71  H N N 125 
DXC H82  H N N 126 
DXC H81  H N N 127 
DXC H9   H N N 128 
DXC H10  H N N 129 
DXC H11  H N N 130 
DXC H13  H N N 131 
DXC H142 H N N 132 
DXC H141 H N N 133 
DXC H152 H N N 134 
DXC H151 H N N 135 
DXC H162 H N N 136 
DXC H161 H N N 137 
DXC H17  H N N 138 
DXC H183 H N N 139 
DXC H182 H N N 140 
DXC H181 H N N 141 
DXC H19  H N N 142 
DXC H1O1 H N N 143 
DXC H2   H N N 144 
DXC H203 H N N 145 
DXC H202 H N N 146 
DXC H201 H N N 147 
DXC H212 H N N 148 
DXC H211 H N N 149 
DXC H222 H N N 150 
DXC H221 H N N 151 
DXC HO4  H N N 152 
DXC H243 H N N 153 
DXC H242 H N N 154 
DXC H241 H N N 155 
GLN N    N N N 156 
GLN CA   C N S 157 
GLN C    C N N 158 
GLN O    O N N 159 
GLN CB   C N N 160 
GLN CG   C N N 161 
GLN CD   C N N 162 
GLN OE1  O N N 163 
GLN NE2  N N N 164 
GLN OXT  O N N 165 
GLN H    H N N 166 
GLN H2   H N N 167 
GLN HA   H N N 168 
GLN HB2  H N N 169 
GLN HB3  H N N 170 
GLN HG2  H N N 171 
GLN HG3  H N N 172 
GLN HE21 H N N 173 
GLN HE22 H N N 174 
GLN HXT  H N N 175 
GLU N    N N N 176 
GLU CA   C N S 177 
GLU C    C N N 178 
GLU O    O N N 179 
GLU CB   C N N 180 
GLU CG   C N N 181 
GLU CD   C N N 182 
GLU OE1  O N N 183 
GLU OE2  O N N 184 
GLU OXT  O N N 185 
GLU H    H N N 186 
GLU H2   H N N 187 
GLU HA   H N N 188 
GLU HB2  H N N 189 
GLU HB3  H N N 190 
GLU HG2  H N N 191 
GLU HG3  H N N 192 
GLU HE2  H N N 193 
GLU HXT  H N N 194 
GLY N    N N N 195 
GLY CA   C N N 196 
GLY C    C N N 197 
GLY O    O N N 198 
GLY OXT  O N N 199 
GLY H    H N N 200 
GLY H2   H N N 201 
GLY HA2  H N N 202 
GLY HA3  H N N 203 
GLY HXT  H N N 204 
HIS N    N N N 205 
HIS CA   C N S 206 
HIS C    C N N 207 
HIS O    O N N 208 
HIS CB   C N N 209 
HIS CG   C Y N 210 
HIS ND1  N Y N 211 
HIS CD2  C Y N 212 
HIS CE1  C Y N 213 
HIS NE2  N Y N 214 
HIS OXT  O N N 215 
HIS H    H N N 216 
HIS H2   H N N 217 
HIS HA   H N N 218 
HIS HB2  H N N 219 
HIS HB3  H N N 220 
HIS HD1  H N N 221 
HIS HD2  H N N 222 
HIS HE1  H N N 223 
HIS HE2  H N N 224 
HIS HXT  H N N 225 
HOH O    O N N 226 
HOH H1   H N N 227 
HOH H2   H N N 228 
ILE N    N N N 229 
ILE CA   C N S 230 
ILE C    C N N 231 
ILE O    O N N 232 
ILE CB   C N S 233 
ILE CG1  C N N 234 
ILE CG2  C N N 235 
ILE CD1  C N N 236 
ILE OXT  O N N 237 
ILE H    H N N 238 
ILE H2   H N N 239 
ILE HA   H N N 240 
ILE HB   H N N 241 
ILE HG12 H N N 242 
ILE HG13 H N N 243 
ILE HG21 H N N 244 
ILE HG22 H N N 245 
ILE HG23 H N N 246 
ILE HD11 H N N 247 
ILE HD12 H N N 248 
ILE HD13 H N N 249 
ILE HXT  H N N 250 
LEU N    N N N 251 
LEU CA   C N S 252 
LEU C    C N N 253 
LEU O    O N N 254 
LEU CB   C N N 255 
LEU CG   C N N 256 
LEU CD1  C N N 257 
LEU CD2  C N N 258 
LEU OXT  O N N 259 
LEU H    H N N 260 
LEU H2   H N N 261 
LEU HA   H N N 262 
LEU HB2  H N N 263 
LEU HB3  H N N 264 
LEU HG   H N N 265 
LEU HD11 H N N 266 
LEU HD12 H N N 267 
LEU HD13 H N N 268 
LEU HD21 H N N 269 
LEU HD22 H N N 270 
LEU HD23 H N N 271 
LEU HXT  H N N 272 
LYS N    N N N 273 
LYS CA   C N S 274 
LYS C    C N N 275 
LYS O    O N N 276 
LYS CB   C N N 277 
LYS CG   C N N 278 
LYS CD   C N N 279 
LYS CE   C N N 280 
LYS NZ   N N N 281 
LYS OXT  O N N 282 
LYS H    H N N 283 
LYS H2   H N N 284 
LYS HA   H N N 285 
LYS HB2  H N N 286 
LYS HB3  H N N 287 
LYS HG2  H N N 288 
LYS HG3  H N N 289 
LYS HD2  H N N 290 
LYS HD3  H N N 291 
LYS HE2  H N N 292 
LYS HE3  H N N 293 
LYS HZ1  H N N 294 
LYS HZ2  H N N 295 
LYS HZ3  H N N 296 
LYS HXT  H N N 297 
MET N    N N N 298 
MET CA   C N S 299 
MET C    C N N 300 
MET O    O N N 301 
MET CB   C N N 302 
MET CG   C N N 303 
MET SD   S N N 304 
MET CE   C N N 305 
MET OXT  O N N 306 
MET H    H N N 307 
MET H2   H N N 308 
MET HA   H N N 309 
MET HB2  H N N 310 
MET HB3  H N N 311 
MET HG2  H N N 312 
MET HG3  H N N 313 
MET HE1  H N N 314 
MET HE2  H N N 315 
MET HE3  H N N 316 
MET HXT  H N N 317 
PHE N    N N N 318 
PHE CA   C N S 319 
PHE C    C N N 320 
PHE O    O N N 321 
PHE CB   C N N 322 
PHE CG   C Y N 323 
PHE CD1  C Y N 324 
PHE CD2  C Y N 325 
PHE CE1  C Y N 326 
PHE CE2  C Y N 327 
PHE CZ   C Y N 328 
PHE OXT  O N N 329 
PHE H    H N N 330 
PHE H2   H N N 331 
PHE HA   H N N 332 
PHE HB2  H N N 333 
PHE HB3  H N N 334 
PHE HD1  H N N 335 
PHE HD2  H N N 336 
PHE HE1  H N N 337 
PHE HE2  H N N 338 
PHE HZ   H N N 339 
PHE HXT  H N N 340 
PRO N    N N N 341 
PRO CA   C N S 342 
PRO C    C N N 343 
PRO O    O N N 344 
PRO CB   C N N 345 
PRO CG   C N N 346 
PRO CD   C N N 347 
PRO OXT  O N N 348 
PRO H    H N N 349 
PRO HA   H N N 350 
PRO HB2  H N N 351 
PRO HB3  H N N 352 
PRO HG2  H N N 353 
PRO HG3  H N N 354 
PRO HD2  H N N 355 
PRO HD3  H N N 356 
PRO HXT  H N N 357 
SER N    N N N 358 
SER CA   C N S 359 
SER C    C N N 360 
SER O    O N N 361 
SER CB   C N N 362 
SER OG   O N N 363 
SER OXT  O N N 364 
SER H    H N N 365 
SER H2   H N N 366 
SER HA   H N N 367 
SER HB2  H N N 368 
SER HB3  H N N 369 
SER HG   H N N 370 
SER HXT  H N N 371 
THR N    N N N 372 
THR CA   C N S 373 
THR C    C N N 374 
THR O    O N N 375 
THR CB   C N R 376 
THR OG1  O N N 377 
THR CG2  C N N 378 
THR OXT  O N N 379 
THR H    H N N 380 
THR H2   H N N 381 
THR HA   H N N 382 
THR HB   H N N 383 
THR HG1  H N N 384 
THR HG21 H N N 385 
THR HG22 H N N 386 
THR HG23 H N N 387 
THR HXT  H N N 388 
TYR N    N N N 389 
TYR CA   C N S 390 
TYR C    C N N 391 
TYR O    O N N 392 
TYR CB   C N N 393 
TYR CG   C Y N 394 
TYR CD1  C Y N 395 
TYR CD2  C Y N 396 
TYR CE1  C Y N 397 
TYR CE2  C Y N 398 
TYR CZ   C Y N 399 
TYR OH   O N N 400 
TYR OXT  O N N 401 
TYR H    H N N 402 
TYR H2   H N N 403 
TYR HA   H N N 404 
TYR HB2  H N N 405 
TYR HB3  H N N 406 
TYR HD1  H N N 407 
TYR HD2  H N N 408 
TYR HE1  H N N 409 
TYR HE2  H N N 410 
TYR HH   H N N 411 
TYR HXT  H N N 412 
VAL N    N N N 413 
VAL CA   C N S 414 
VAL C    C N N 415 
VAL O    O N N 416 
VAL CB   C N N 417 
VAL CG1  C N N 418 
VAL CG2  C N N 419 
VAL OXT  O N N 420 
VAL H    H N N 421 
VAL H2   H N N 422 
VAL HA   H N N 423 
VAL HB   H N N 424 
VAL HG11 H N N 425 
VAL HG12 H N N 426 
VAL HG13 H N N 427 
VAL HG21 H N N 428 
VAL HG22 H N N 429 
VAL HG23 H N N 430 
VAL HXT  H N N 431 
# 
loop_
_chem_comp_bond.comp_id 
_chem_comp_bond.atom_id_1 
_chem_comp_bond.atom_id_2 
_chem_comp_bond.value_order 
_chem_comp_bond.pdbx_aromatic_flag 
_chem_comp_bond.pdbx_stereo_config 
_chem_comp_bond.pdbx_ordinal 
ALA N   CA   sing N N 1   
ALA N   H    sing N N 2   
ALA N   H2   sing N N 3   
ALA CA  C    sing N N 4   
ALA CA  CB   sing N N 5   
ALA CA  HA   sing N N 6   
ALA C   O    doub N N 7   
ALA C   OXT  sing N N 8   
ALA CB  HB1  sing N N 9   
ALA CB  HB2  sing N N 10  
ALA CB  HB3  sing N N 11  
ALA OXT HXT  sing N N 12  
ARG N   CA   sing N N 13  
ARG N   H    sing N N 14  
ARG N   H2   sing N N 15  
ARG CA  C    sing N N 16  
ARG CA  CB   sing N N 17  
ARG CA  HA   sing N N 18  
ARG C   O    doub N N 19  
ARG C   OXT  sing N N 20  
ARG CB  CG   sing N N 21  
ARG CB  HB2  sing N N 22  
ARG CB  HB3  sing N N 23  
ARG CG  CD   sing N N 24  
ARG CG  HG2  sing N N 25  
ARG CG  HG3  sing N N 26  
ARG CD  NE   sing N N 27  
ARG CD  HD2  sing N N 28  
ARG CD  HD3  sing N N 29  
ARG NE  CZ   sing N N 30  
ARG NE  HE   sing N N 31  
ARG CZ  NH1  sing N N 32  
ARG CZ  NH2  doub N N 33  
ARG NH1 HH11 sing N N 34  
ARG NH1 HH12 sing N N 35  
ARG NH2 HH21 sing N N 36  
ARG NH2 HH22 sing N N 37  
ARG OXT HXT  sing N N 38  
ASN N   CA   sing N N 39  
ASN N   H    sing N N 40  
ASN N   H2   sing N N 41  
ASN CA  C    sing N N 42  
ASN CA  CB   sing N N 43  
ASN CA  HA   sing N N 44  
ASN C   O    doub N N 45  
ASN C   OXT  sing N N 46  
ASN CB  CG   sing N N 47  
ASN CB  HB2  sing N N 48  
ASN CB  HB3  sing N N 49  
ASN CG  OD1  doub N N 50  
ASN CG  ND2  sing N N 51  
ASN ND2 HD21 sing N N 52  
ASN ND2 HD22 sing N N 53  
ASN OXT HXT  sing N N 54  
ASP N   CA   sing N N 55  
ASP N   H    sing N N 56  
ASP N   H2   sing N N 57  
ASP CA  C    sing N N 58  
ASP CA  CB   sing N N 59  
ASP CA  HA   sing N N 60  
ASP C   O    doub N N 61  
ASP C   OXT  sing N N 62  
ASP CB  CG   sing N N 63  
ASP CB  HB2  sing N N 64  
ASP CB  HB3  sing N N 65  
ASP CG  OD1  doub N N 66  
ASP CG  OD2  sing N N 67  
ASP OD2 HD2  sing N N 68  
ASP OXT HXT  sing N N 69  
CYS N   CA   sing N N 70  
CYS N   H    sing N N 71  
CYS N   H2   sing N N 72  
CYS CA  C    sing N N 73  
CYS CA  CB   sing N N 74  
CYS CA  HA   sing N N 75  
CYS C   O    doub N N 76  
CYS C   OXT  sing N N 77  
CYS CB  SG   sing N N 78  
CYS CB  HB2  sing N N 79  
CYS CB  HB3  sing N N 80  
CYS SG  HG   sing N N 81  
CYS OXT HXT  sing N N 82  
DXC C1  C2   sing N N 83  
DXC C1  C6   sing N N 84  
DXC C1  O2   sing N N 85  
DXC C1  H1   sing N N 86  
DXC C2  C3   sing N N 87  
DXC C2  H22  sing N N 88  
DXC C2  H21  sing N N 89  
DXC C3  C4   sing N N 90  
DXC C3  C7   sing N N 91  
DXC C3  H3   sing N N 92  
DXC C4  C5   sing N N 93  
DXC C4  C10  sing N N 94  
DXC C4  C18  sing N N 95  
DXC C5  C6   sing N N 96  
DXC C5  H52  sing N N 97  
DXC C5  H51  sing N N 98  
DXC C6  H62  sing N N 99  
DXC C6  H61  sing N N 100 
DXC C7  C8   sing N N 101 
DXC C7  H72  sing N N 102 
DXC C7  H71  sing N N 103 
DXC C8  C9   sing N N 104 
DXC C8  H82  sing N N 105 
DXC C8  H81  sing N N 106 
DXC C9  C10  sing N N 107 
DXC C9  C11  sing N N 108 
DXC C9  H9   sing N N 109 
DXC C10 C14  sing N N 110 
DXC C10 H10  sing N N 111 
DXC C11 C12  sing N N 112 
DXC C11 C15  sing N N 113 
DXC C11 H11  sing N N 114 
DXC C12 C13  sing N N 115 
DXC C12 C17  sing N N 116 
DXC C12 C20  sing N N 117 
DXC C13 C14  sing N N 118 
DXC C13 O1   sing N N 119 
DXC C13 H13  sing N N 120 
DXC C14 H142 sing N N 121 
DXC C14 H141 sing N N 122 
DXC C15 C16  sing N N 123 
DXC C15 H152 sing N N 124 
DXC C15 H151 sing N N 125 
DXC C16 C17  sing N N 126 
DXC C16 H162 sing N N 127 
DXC C16 H161 sing N N 128 
DXC C17 C19  sing N N 129 
DXC C17 H17  sing N N 130 
DXC C18 H183 sing N N 131 
DXC C18 H182 sing N N 132 
DXC C18 H181 sing N N 133 
DXC C19 C21  sing N N 134 
DXC C19 C24  sing N N 135 
DXC C19 H19  sing N N 136 
DXC O1  H1O1 sing N N 137 
DXC O2  H2   sing N N 138 
DXC C20 H203 sing N N 139 
DXC C20 H202 sing N N 140 
DXC C20 H201 sing N N 141 
DXC C21 C22  sing N N 142 
DXC C21 H212 sing N N 143 
DXC C21 H211 sing N N 144 
DXC C22 C23  sing N N 145 
DXC C22 H222 sing N N 146 
DXC C22 H221 sing N N 147 
DXC C23 O3   doub N N 148 
DXC C23 O4   sing N N 149 
DXC O4  HO4  sing N N 150 
DXC C24 H243 sing N N 151 
DXC C24 H242 sing N N 152 
DXC C24 H241 sing N N 153 
GLN N   CA   sing N N 154 
GLN N   H    sing N N 155 
GLN N   H2   sing N N 156 
GLN CA  C    sing N N 157 
GLN CA  CB   sing N N 158 
GLN CA  HA   sing N N 159 
GLN C   O    doub N N 160 
GLN C   OXT  sing N N 161 
GLN CB  CG   sing N N 162 
GLN CB  HB2  sing N N 163 
GLN CB  HB3  sing N N 164 
GLN CG  CD   sing N N 165 
GLN CG  HG2  sing N N 166 
GLN CG  HG3  sing N N 167 
GLN CD  OE1  doub N N 168 
GLN CD  NE2  sing N N 169 
GLN NE2 HE21 sing N N 170 
GLN NE2 HE22 sing N N 171 
GLN OXT HXT  sing N N 172 
GLU N   CA   sing N N 173 
GLU N   H    sing N N 174 
GLU N   H2   sing N N 175 
GLU CA  C    sing N N 176 
GLU CA  CB   sing N N 177 
GLU CA  HA   sing N N 178 
GLU C   O    doub N N 179 
GLU C   OXT  sing N N 180 
GLU CB  CG   sing N N 181 
GLU CB  HB2  sing N N 182 
GLU CB  HB3  sing N N 183 
GLU CG  CD   sing N N 184 
GLU CG  HG2  sing N N 185 
GLU CG  HG3  sing N N 186 
GLU CD  OE1  doub N N 187 
GLU CD  OE2  sing N N 188 
GLU OE2 HE2  sing N N 189 
GLU OXT HXT  sing N N 190 
GLY N   CA   sing N N 191 
GLY N   H    sing N N 192 
GLY N   H2   sing N N 193 
GLY CA  C    sing N N 194 
GLY CA  HA2  sing N N 195 
GLY CA  HA3  sing N N 196 
GLY C   O    doub N N 197 
GLY C   OXT  sing N N 198 
GLY OXT HXT  sing N N 199 
HIS N   CA   sing N N 200 
HIS N   H    sing N N 201 
HIS N   H2   sing N N 202 
HIS CA  C    sing N N 203 
HIS CA  CB   sing N N 204 
HIS CA  HA   sing N N 205 
HIS C   O    doub N N 206 
HIS C   OXT  sing N N 207 
HIS CB  CG   sing N N 208 
HIS CB  HB2  sing N N 209 
HIS CB  HB3  sing N N 210 
HIS CG  ND1  sing Y N 211 
HIS CG  CD2  doub Y N 212 
HIS ND1 CE1  doub Y N 213 
HIS ND1 HD1  sing N N 214 
HIS CD2 NE2  sing Y N 215 
HIS CD2 HD2  sing N N 216 
HIS CE1 NE2  sing Y N 217 
HIS CE1 HE1  sing N N 218 
HIS NE2 HE2  sing N N 219 
HIS OXT HXT  sing N N 220 
HOH O   H1   sing N N 221 
HOH O   H2   sing N N 222 
ILE N   CA   sing N N 223 
ILE N   H    sing N N 224 
ILE N   H2   sing N N 225 
ILE CA  C    sing N N 226 
ILE CA  CB   sing N N 227 
ILE CA  HA   sing N N 228 
ILE C   O    doub N N 229 
ILE C   OXT  sing N N 230 
ILE CB  CG1  sing N N 231 
ILE CB  CG2  sing N N 232 
ILE CB  HB   sing N N 233 
ILE CG1 CD1  sing N N 234 
ILE CG1 HG12 sing N N 235 
ILE CG1 HG13 sing N N 236 
ILE CG2 HG21 sing N N 237 
ILE CG2 HG22 sing N N 238 
ILE CG2 HG23 sing N N 239 
ILE CD1 HD11 sing N N 240 
ILE CD1 HD12 sing N N 241 
ILE CD1 HD13 sing N N 242 
ILE OXT HXT  sing N N 243 
LEU N   CA   sing N N 244 
LEU N   H    sing N N 245 
LEU N   H2   sing N N 246 
LEU CA  C    sing N N 247 
LEU CA  CB   sing N N 248 
LEU CA  HA   sing N N 249 
LEU C   O    doub N N 250 
LEU C   OXT  sing N N 251 
LEU CB  CG   sing N N 252 
LEU CB  HB2  sing N N 253 
LEU CB  HB3  sing N N 254 
LEU CG  CD1  sing N N 255 
LEU CG  CD2  sing N N 256 
LEU CG  HG   sing N N 257 
LEU CD1 HD11 sing N N 258 
LEU CD1 HD12 sing N N 259 
LEU CD1 HD13 sing N N 260 
LEU CD2 HD21 sing N N 261 
LEU CD2 HD22 sing N N 262 
LEU CD2 HD23 sing N N 263 
LEU OXT HXT  sing N N 264 
LYS N   CA   sing N N 265 
LYS N   H    sing N N 266 
LYS N   H2   sing N N 267 
LYS CA  C    sing N N 268 
LYS CA  CB   sing N N 269 
LYS CA  HA   sing N N 270 
LYS C   O    doub N N 271 
LYS C   OXT  sing N N 272 
LYS CB  CG   sing N N 273 
LYS CB  HB2  sing N N 274 
LYS CB  HB3  sing N N 275 
LYS CG  CD   sing N N 276 
LYS CG  HG2  sing N N 277 
LYS CG  HG3  sing N N 278 
LYS CD  CE   sing N N 279 
LYS CD  HD2  sing N N 280 
LYS CD  HD3  sing N N 281 
LYS CE  NZ   sing N N 282 
LYS CE  HE2  sing N N 283 
LYS CE  HE3  sing N N 284 
LYS NZ  HZ1  sing N N 285 
LYS NZ  HZ2  sing N N 286 
LYS NZ  HZ3  sing N N 287 
LYS OXT HXT  sing N N 288 
MET N   CA   sing N N 289 
MET N   H    sing N N 290 
MET N   H2   sing N N 291 
MET CA  C    sing N N 292 
MET CA  CB   sing N N 293 
MET CA  HA   sing N N 294 
MET C   O    doub N N 295 
MET C   OXT  sing N N 296 
MET CB  CG   sing N N 297 
MET CB  HB2  sing N N 298 
MET CB  HB3  sing N N 299 
MET CG  SD   sing N N 300 
MET CG  HG2  sing N N 301 
MET CG  HG3  sing N N 302 
MET SD  CE   sing N N 303 
MET CE  HE1  sing N N 304 
MET CE  HE2  sing N N 305 
MET CE  HE3  sing N N 306 
MET OXT HXT  sing N N 307 
PHE N   CA   sing N N 308 
PHE N   H    sing N N 309 
PHE N   H2   sing N N 310 
PHE CA  C    sing N N 311 
PHE CA  CB   sing N N 312 
PHE CA  HA   sing N N 313 
PHE C   O    doub N N 314 
PHE C   OXT  sing N N 315 
PHE CB  CG   sing N N 316 
PHE CB  HB2  sing N N 317 
PHE CB  HB3  sing N N 318 
PHE CG  CD1  doub Y N 319 
PHE CG  CD2  sing Y N 320 
PHE CD1 CE1  sing Y N 321 
PHE CD1 HD1  sing N N 322 
PHE CD2 CE2  doub Y N 323 
PHE CD2 HD2  sing N N 324 
PHE CE1 CZ   doub Y N 325 
PHE CE1 HE1  sing N N 326 
PHE CE2 CZ   sing Y N 327 
PHE CE2 HE2  sing N N 328 
PHE CZ  HZ   sing N N 329 
PHE OXT HXT  sing N N 330 
PRO N   CA   sing N N 331 
PRO N   CD   sing N N 332 
PRO N   H    sing N N 333 
PRO CA  C    sing N N 334 
PRO CA  CB   sing N N 335 
PRO CA  HA   sing N N 336 
PRO C   O    doub N N 337 
PRO C   OXT  sing N N 338 
PRO CB  CG   sing N N 339 
PRO CB  HB2  sing N N 340 
PRO CB  HB3  sing N N 341 
PRO CG  CD   sing N N 342 
PRO CG  HG2  sing N N 343 
PRO CG  HG3  sing N N 344 
PRO CD  HD2  sing N N 345 
PRO CD  HD3  sing N N 346 
PRO OXT HXT  sing N N 347 
SER N   CA   sing N N 348 
SER N   H    sing N N 349 
SER N   H2   sing N N 350 
SER CA  C    sing N N 351 
SER CA  CB   sing N N 352 
SER CA  HA   sing N N 353 
SER C   O    doub N N 354 
SER C   OXT  sing N N 355 
SER CB  OG   sing N N 356 
SER CB  HB2  sing N N 357 
SER CB  HB3  sing N N 358 
SER OG  HG   sing N N 359 
SER OXT HXT  sing N N 360 
THR N   CA   sing N N 361 
THR N   H    sing N N 362 
THR N   H2   sing N N 363 
THR CA  C    sing N N 364 
THR CA  CB   sing N N 365 
THR CA  HA   sing N N 366 
THR C   O    doub N N 367 
THR C   OXT  sing N N 368 
THR CB  OG1  sing N N 369 
THR CB  CG2  sing N N 370 
THR CB  HB   sing N N 371 
THR OG1 HG1  sing N N 372 
THR CG2 HG21 sing N N 373 
THR CG2 HG22 sing N N 374 
THR CG2 HG23 sing N N 375 
THR OXT HXT  sing N N 376 
TYR N   CA   sing N N 377 
TYR N   H    sing N N 378 
TYR N   H2   sing N N 379 
TYR CA  C    sing N N 380 
TYR CA  CB   sing N N 381 
TYR CA  HA   sing N N 382 
TYR C   O    doub N N 383 
TYR C   OXT  sing N N 384 
TYR CB  CG   sing N N 385 
TYR CB  HB2  sing N N 386 
TYR CB  HB3  sing N N 387 
TYR CG  CD1  doub Y N 388 
TYR CG  CD2  sing Y N 389 
TYR CD1 CE1  sing Y N 390 
TYR CD1 HD1  sing N N 391 
TYR CD2 CE2  doub Y N 392 
TYR CD2 HD2  sing N N 393 
TYR CE1 CZ   doub Y N 394 
TYR CE1 HE1  sing N N 395 
TYR CE2 CZ   sing Y N 396 
TYR CE2 HE2  sing N N 397 
TYR CZ  OH   sing N N 398 
TYR OH  HH   sing N N 399 
TYR OXT HXT  sing N N 400 
VAL N   CA   sing N N 401 
VAL N   H    sing N N 402 
VAL N   H2   sing N N 403 
VAL CA  C    sing N N 404 
VAL CA  CB   sing N N 405 
VAL CA  HA   sing N N 406 
VAL C   O    doub N N 407 
VAL C   OXT  sing N N 408 
VAL CB  CG1  sing N N 409 
VAL CB  CG2  sing N N 410 
VAL CB  HB   sing N N 411 
VAL CG1 HG11 sing N N 412 
VAL CG1 HG12 sing N N 413 
VAL CG1 HG13 sing N N 414 
VAL CG2 HG21 sing N N 415 
VAL CG2 HG22 sing N N 416 
VAL CG2 HG23 sing N N 417 
VAL OXT HXT  sing N N 418 
# 
_atom_sites.entry_id                    1FM4 
_atom_sites.fract_transf_matrix[1][1]   0.01887052 
_atom_sites.fract_transf_matrix[1][2]   0.02215827 
_atom_sites.fract_transf_matrix[1][3]   -0.00806430 
_atom_sites.fract_transf_matrix[2][1]   0.00088422 
_atom_sites.fract_transf_matrix[2][2]   -0.00662807 
_atom_sites.fract_transf_matrix[2][3]   -0.01614288 
_atom_sites.fract_transf_matrix[3][1]   -0.01961102 
_atom_sites.fract_transf_matrix[3][2]   0.01522869 
_atom_sites.fract_transf_matrix[3][3]   -0.00732690 
_atom_sites.fract_transf_vector[1]      0.328707 
_atom_sites.fract_transf_vector[2]      0.020320 
_atom_sites.fract_transf_vector[3]      0.275177 
# 
loop_
_atom_type.symbol 
C 
N 
O 
S 
# 
loop_
_atom_site.group_PDB 
_atom_site.id 
_atom_site.type_symbol 
_atom_site.label_atom_id 
_atom_site.label_alt_id 
_atom_site.label_comp_id 
_atom_site.label_asym_id 
_atom_site.label_entity_id 
_atom_site.label_seq_id 
_atom_site.pdbx_PDB_ins_code 
_atom_site.Cartn_x 
_atom_site.Cartn_y 
_atom_site.Cartn_z 
_atom_site.occupancy 
_atom_site.B_iso_or_equiv 
_atom_site.pdbx_formal_charge 
_atom_site.auth_seq_id 
_atom_site.auth_comp_id 
_atom_site.auth_asym_id 
_atom_site.auth_atom_id 
_atom_site.pdbx_PDB_model_num 
ATOM   1    N N   . GLY A 1 1   ? -19.813 -2.672  10.973  1.00 12.94 ? 1    GLY A N   1 
ATOM   2    C CA  . GLY A 1 1   ? -18.887 -3.777  11.375  1.00 15.11 ? 1    GLY A CA  1 
ATOM   3    C C   . GLY A 1 1   ? -17.613 -3.809  10.559  1.00 14.33 ? 1    GLY A C   1 
ATOM   4    O O   . GLY A 1 1   ? -17.204 -2.784  10.012  1.00 15.93 ? 1    GLY A O   1 
ATOM   5    N N   . VAL A 1 2   ? -16.981 -4.979  10.478  1.00 10.45 ? 2    VAL A N   1 
ATOM   6    C CA  . VAL A 1 2   ? -15.739 -5.129  9.738   1.00 9.92  ? 2    VAL A CA  1 
ATOM   7    C C   . VAL A 1 2   ? -15.733 -6.284  8.730   1.00 10.04 ? 2    VAL A C   1 
ATOM   8    O O   . VAL A 1 2   ? -16.190 -7.397  9.023   1.00 10.50 ? 2    VAL A O   1 
ATOM   9    C CB  . VAL A 1 2   ? -14.554 -5.343  10.712  1.00 12.10 ? 2    VAL A CB  1 
ATOM   10   C CG1 . VAL A 1 2   ? -13.272 -5.564  9.942   1.00 15.48 ? 2    VAL A CG1 1 
ATOM   11   C CG2 . VAL A 1 2   ? -14.416 -4.150  11.623  1.00 13.71 ? 2    VAL A CG2 1 
ATOM   12   N N   . PHE A 1 3   ? -15.219 -6.004  7.540   1.00 8.18  ? 3    PHE A N   1 
ATOM   13   C CA  . PHE A 1 3   ? -15.078 -7.012  6.493   1.00 10.09 ? 3    PHE A CA  1 
ATOM   14   C C   . PHE A 1 3   ? -13.576 -7.229  6.382   1.00 10.73 ? 3    PHE A C   1 
ATOM   15   O O   . PHE A 1 3   ? -12.812 -6.265  6.207   1.00 9.61  ? 3    PHE A O   1 
ATOM   16   C CB  . PHE A 1 3   ? -15.621 -6.500  5.165   1.00 9.19  ? 3    PHE A CB  1 
ATOM   17   C CG  . PHE A 1 3   ? -17.120 -6.415  5.111   1.00 10.67 ? 3    PHE A CG  1 
ATOM   18   C CD1 . PHE A 1 3   ? -17.873 -7.510  4.699   1.00 11.15 ? 3    PHE A CD1 1 
ATOM   19   C CD2 . PHE A 1 3   ? -17.779 -5.233  5.463   1.00 10.06 ? 3    PHE A CD2 1 
ATOM   20   C CE1 . PHE A 1 3   ? -19.279 -7.439  4.631   1.00 11.18 ? 3    PHE A CE1 1 
ATOM   21   C CE2 . PHE A 1 3   ? -19.188 -5.149  5.400   1.00 13.19 ? 3    PHE A CE2 1 
ATOM   22   C CZ  . PHE A 1 3   ? -19.935 -6.256  4.980   1.00 10.02 ? 3    PHE A CZ  1 
ATOM   23   N N   . ASN A 1 4   ? -13.154 -8.483  6.494   1.00 11.91 ? 4    ASN A N   1 
ATOM   24   C CA  . ASN A 1 4   ? -11.735 -8.826  6.431   1.00 13.47 ? 4    ASN A CA  1 
ATOM   25   C C   . ASN A 1 4   ? -11.365 -9.543  5.135   1.00 14.77 ? 4    ASN A C   1 
ATOM   26   O O   . ASN A 1 4   ? -11.936 -10.578 4.809   1.00 12.96 ? 4    ASN A O   1 
ATOM   27   C CB  . ASN A 1 4   ? -11.378 -9.706  7.626   1.00 19.13 ? 4    ASN A CB  1 
ATOM   28   C CG  . ASN A 1 4   ? -11.675 -9.031  8.940   1.00 22.59 ? 4    ASN A CG  1 
ATOM   29   O OD1 . ASN A 1 4   ? -11.067 -8.017  9.274   1.00 25.60 ? 4    ASN A OD1 1 
ATOM   30   N ND2 . ASN A 1 4   ? -12.627 -9.577  9.690   1.00 25.21 ? 4    ASN A ND2 1 
ATOM   31   N N   . TYR A 1 5   ? -10.408 -8.976  4.408   1.00 14.86 ? 5    TYR A N   1 
ATOM   32   C CA  . TYR A 1 5   ? -9.945  -9.537  3.151   1.00 17.36 ? 5    TYR A CA  1 
ATOM   33   C C   . TYR A 1 5   ? -8.428  -9.716  3.184   1.00 17.76 ? 5    TYR A C   1 
ATOM   34   O O   . TYR A 1 5   ? -7.693  -8.867  3.689   1.00 15.98 ? 5    TYR A O   1 
ATOM   35   C CB  . TYR A 1 5   ? -10.345 -8.626  1.998   1.00 16.68 ? 5    TYR A CB  1 
ATOM   36   C CG  . TYR A 1 5   ? -11.832 -8.647  1.717   1.00 18.92 ? 5    TYR A CG  1 
ATOM   37   C CD1 . TYR A 1 5   ? -12.408 -9.697  1.006   1.00 17.85 ? 5    TYR A CD1 1 
ATOM   38   C CD2 . TYR A 1 5   ? -12.663 -7.620  2.170   1.00 17.42 ? 5    TYR A CD2 1 
ATOM   39   C CE1 . TYR A 1 5   ? -13.770 -9.727  0.743   1.00 19.32 ? 5    TYR A CE1 1 
ATOM   40   C CE2 . TYR A 1 5   ? -14.028 -7.640  1.911   1.00 19.62 ? 5    TYR A CE2 1 
ATOM   41   C CZ  . TYR A 1 5   ? -14.576 -8.697  1.193   1.00 19.93 ? 5    TYR A CZ  1 
ATOM   42   O OH  . TYR A 1 5   ? -15.927 -8.720  0.916   1.00 17.58 ? 5    TYR A OH  1 
ATOM   43   N N   . GLU A 1 6   ? -7.969  -10.841 2.661   1.00 15.85 ? 6    GLU A N   1 
ATOM   44   C CA  . GLU A 1 6   ? -6.552  -11.133 2.649   1.00 17.40 ? 6    GLU A CA  1 
ATOM   45   C C   . GLU A 1 6   ? -6.145  -11.616 1.283   1.00 18.26 ? 6    GLU A C   1 
ATOM   46   O O   . GLU A 1 6   ? -6.926  -12.274 0.578   1.00 16.83 ? 6    GLU A O   1 
ATOM   47   C CB  . GLU A 1 6   ? -6.227  -12.205 3.690   1.00 20.50 ? 6    GLU A CB  1 
ATOM   48   C CG  . GLU A 1 6   ? -6.530  -11.772 5.106   1.00 27.33 ? 6    GLU A CG  1 
ATOM   49   C CD  . GLU A 1 6   ? -6.172  -12.821 6.137   1.00 31.12 ? 6    GLU A CD  1 
ATOM   50   O OE1 . GLU A 1 6   ? -6.160  -12.485 7.342   1.00 35.58 ? 6    GLU A OE1 1 
ATOM   51   O OE2 . GLU A 1 6   ? -5.907  -13.976 5.750   1.00 30.94 ? 6    GLU A OE2 1 
ATOM   52   N N   . THR A 1 7   ? -4.921  -11.264 0.906   1.00 15.56 ? 7    THR A N   1 
ATOM   53   C CA  . THR A 1 7   ? -4.365  -11.677 -0.360  1.00 15.74 ? 7    THR A CA  1 
ATOM   54   C C   . THR A 1 7   ? -2.836  -11.756 -0.242  1.00 14.63 ? 7    THR A C   1 
ATOM   55   O O   . THR A 1 7   ? -2.251  -11.260 0.720   1.00 14.98 ? 7    THR A O   1 
ATOM   56   C CB  . THR A 1 7   ? -4.754  -10.705 -1.492  1.00 17.92 ? 7    THR A CB  1 
ATOM   57   O OG1 . THR A 1 7   ? -4.302  -11.250 -2.729  1.00 21.84 ? 7    THR A OG1 1 
ATOM   58   C CG2 . THR A 1 7   ? -4.129  -9.339  -1.293  1.00 15.68 ? 7    THR A CG2 1 
ATOM   59   N N   . GLU A 1 8   ? -2.205  -12.398 -1.213  1.00 13.06 ? 8    GLU A N   1 
ATOM   60   C CA  . GLU A 1 8   ? -0.757  -12.552 -1.218  1.00 15.42 ? 8    GLU A CA  1 
ATOM   61   C C   . GLU A 1 8   ? -0.230  -12.230 -2.595  1.00 15.47 ? 8    GLU A C   1 
ATOM   62   O O   . GLU A 1 8   ? -0.926  -12.416 -3.590  1.00 12.94 ? 8    GLU A O   1 
ATOM   63   C CB  . GLU A 1 8   ? -0.350  -13.989 -0.905  1.00 15.87 ? 8    GLU A CB  1 
ATOM   64   C CG  . GLU A 1 8   ? -0.721  -14.480 0.466   1.00 23.67 ? 8    GLU A CG  1 
ATOM   65   C CD  . GLU A 1 8   ? -0.034  -15.792 0.803   1.00 23.15 ? 8    GLU A CD  1 
ATOM   66   O OE1 . GLU A 1 8   ? -0.200  -16.262 1.944   1.00 27.29 ? 8    GLU A OE1 1 
ATOM   67   O OE2 . GLU A 1 8   ? 0.673   -16.347 -0.069  1.00 25.63 ? 8    GLU A OE2 1 
ATOM   68   N N   . ALA A 1 9   ? 1.016   -11.777 -2.641  1.00 14.64 ? 9    ALA A N   1 
ATOM   69   C CA  . ALA A 1 9   ? 1.668   -11.448 -3.899  1.00 14.04 ? 9    ALA A CA  1 
ATOM   70   C C   . ALA A 1 9   ? 3.103   -11.922 -3.767  1.00 13.59 ? 9    ALA A C   1 
ATOM   71   O O   . ALA A 1 9   ? 3.690   -11.819 -2.696  1.00 12.57 ? 9    ALA A O   1 
ATOM   72   C CB  . ALA A 1 9   ? 1.627   -9.938  -4.132  1.00 15.39 ? 9    ALA A CB  1 
ATOM   73   N N   . THR A 1 10  ? 3.664   -12.446 -4.846  1.00 12.20 ? 10   THR A N   1 
ATOM   74   C CA  . THR A 1 10  ? 5.037   -12.925 -4.814  1.00 14.17 ? 10   THR A CA  1 
ATOM   75   C C   . THR A 1 10  ? 5.932   -12.010 -5.635  1.00 11.90 ? 10   THR A C   1 
ATOM   76   O O   . THR A 1 10  ? 5.472   -11.359 -6.574  1.00 12.60 ? 10   THR A O   1 
ATOM   77   C CB  . THR A 1 10  ? 5.143   -14.327 -5.403  1.00 14.86 ? 10   THR A CB  1 
ATOM   78   O OG1 . THR A 1 10  ? 4.825   -14.255 -6.795  1.00 19.59 ? 10   THR A OG1 1 
ATOM   79   C CG2 . THR A 1 10  ? 4.164   -15.276 -4.718  1.00 11.98 ? 10   THR A CG2 1 
ATOM   80   N N   . SER A 1 11  ? 7.212   -11.960 -5.273  1.00 9.90  ? 11   SER A N   1 
ATOM   81   C CA  . SER A 1 11  ? 8.185   -11.139 -5.986  1.00 7.77  ? 11   SER A CA  1 
ATOM   82   C C   . SER A 1 11  ? 9.517   -11.873 -6.045  1.00 6.43  ? 11   SER A C   1 
ATOM   83   O O   . SER A 1 11  ? 9.812   -12.696 -5.193  1.00 3.92  ? 11   SER A O   1 
ATOM   84   C CB  . SER A 1 11  ? 8.390   -9.791  -5.283  1.00 8.71  ? 11   SER A CB  1 
ATOM   85   O OG  . SER A 1 11  ? 9.385   -9.030  -5.956  1.00 10.99 ? 11   SER A OG  1 
ATOM   86   N N   . VAL A 1 12  ? 10.310  -11.584 -7.070  1.00 4.42  ? 12   VAL A N   1 
ATOM   87   C CA  . VAL A 1 12  ? 11.618  -12.197 -7.203  1.00 6.43  ? 12   VAL A CA  1 
ATOM   88   C C   . VAL A 1 12  ? 12.675  -11.405 -6.435  1.00 7.82  ? 12   VAL A C   1 
ATOM   89   O O   . VAL A 1 12  ? 13.812  -11.838 -6.317  1.00 10.46 ? 12   VAL A O   1 
ATOM   90   C CB  . VAL A 1 12  ? 12.058  -12.270 -8.684  1.00 7.91  ? 12   VAL A CB  1 
ATOM   91   C CG1 . VAL A 1 12  ? 11.191  -13.294 -9.441  1.00 10.14 ? 12   VAL A CG1 1 
ATOM   92   C CG2 . VAL A 1 12  ? 11.933  -10.887 -9.329  1.00 7.06  ? 12   VAL A CG2 1 
ATOM   93   N N   . ILE A 1 13  ? 12.307  -10.235 -5.926  1.00 7.41  ? 13   ILE A N   1 
ATOM   94   C CA  . ILE A 1 13  ? 13.253  -9.405  -5.184  1.00 9.60  ? 13   ILE A CA  1 
ATOM   95   C C   . ILE A 1 13  ? 13.296  -9.814  -3.705  1.00 8.14  ? 13   ILE A C   1 
ATOM   96   O O   . ILE A 1 13  ? 12.284  -10.211 -3.144  1.00 8.76  ? 13   ILE A O   1 
ATOM   97   C CB  . ILE A 1 13  ? 12.858  -7.895  -5.269  1.00 10.85 ? 13   ILE A CB  1 
ATOM   98   C CG1 . ILE A 1 13  ? 12.847  -7.426  -6.730  1.00 10.30 ? 13   ILE A CG1 1 
ATOM   99   C CG2 . ILE A 1 13  ? 13.813  -7.053  -4.420  1.00 10.07 ? 13   ILE A CG2 1 
ATOM   100  C CD1 . ILE A 1 13  ? 14.188  -7.521  -7.427  1.00 11.98 ? 13   ILE A CD1 1 
ATOM   101  N N   . PRO A 1 14  ? 14.480  -9.749  -3.065  1.00 6.49  ? 14   PRO A N   1 
ATOM   102  C CA  . PRO A 1 14  ? 14.575  -10.120 -1.647  1.00 9.14  ? 14   PRO A CA  1 
ATOM   103  C C   . PRO A 1 14  ? 13.723  -9.207  -0.763  1.00 7.74  ? 14   PRO A C   1 
ATOM   104  O O   . PRO A 1 14  ? 13.590  -8.013  -1.039  1.00 6.35  ? 14   PRO A O   1 
ATOM   105  C CB  . PRO A 1 14  ? 16.068  -9.966  -1.336  1.00 7.49  ? 14   PRO A CB  1 
ATOM   106  C CG  . PRO A 1 14  ? 16.717  -10.280 -2.647  1.00 12.37 ? 14   PRO A CG  1 
ATOM   107  C CD  . PRO A 1 14  ? 15.822  -9.550  -3.644  1.00 10.01 ? 14   PRO A CD  1 
ATOM   108  N N   . ALA A 1 15  ? 13.192  -9.776  0.320   1.00 7.32  ? 15   ALA A N   1 
ATOM   109  C CA  . ALA A 1 15  ? 12.345  -9.059  1.270   1.00 5.30  ? 15   ALA A CA  1 
ATOM   110  C C   . ALA A 1 15  ? 12.844  -7.725  1.842   1.00 5.06  ? 15   ALA A C   1 
ATOM   111  O O   . ALA A 1 15  ? 12.109  -6.740  1.844   1.00 3.49  ? 15   ALA A O   1 
ATOM   112  C CB  . ALA A 1 15  ? 11.980  -9.993  2.415   1.00 6.63  ? 15   ALA A CB  1 
ATOM   113  N N   . ALA A 1 16  ? 14.072  -7.672  2.345   1.00 6.25  ? 16   ALA A N   1 
ATOM   114  C CA  . ALA A 1 16  ? 14.559  -6.427  2.935   1.00 7.39  ? 16   ALA A CA  1 
ATOM   115  C C   . ALA A 1 16  ? 14.617  -5.291  1.911   1.00 10.81 ? 16   ALA A C   1 
ATOM   116  O O   . ALA A 1 16  ? 14.287  -4.130  2.205   1.00 11.58 ? 16   ALA A O   1 
ATOM   117  C CB  . ALA A 1 16  ? 15.939  -6.653  3.562   1.00 10.48 ? 16   ALA A CB  1 
ATOM   118  N N   . ARG A 1 17  ? 15.023  -5.630  0.697   1.00 8.38  ? 17   ARG A N   1 
ATOM   119  C CA  . ARG A 1 17  ? 15.134  -4.632  -0.343  1.00 7.81  ? 17   ARG A CA  1 
ATOM   120  C C   . ARG A 1 17  ? 13.747  -4.165  -0.790  1.00 6.29  ? 17   ARG A C   1 
ATOM   121  O O   . ARG A 1 17  ? 13.526  -2.967  -0.985  1.00 3.79  ? 17   ARG A O   1 
ATOM   122  C CB  . ARG A 1 17  ? 15.922  -5.206  -1.524  1.00 10.82 ? 17   ARG A CB  1 
ATOM   123  C CG  . ARG A 1 17  ? 16.540  -4.141  -2.398  1.00 9.12  ? 17   ARG A CG  1 
ATOM   124  C CD  . ARG A 1 17  ? 17.204  -4.750  -3.627  1.00 9.59  ? 17   ARG A CD  1 
ATOM   125  N NE  . ARG A 1 17  ? 17.540  -3.711  -4.605  1.00 8.90  ? 17   ARG A NE  1 
ATOM   126  C CZ  . ARG A 1 17  ? 17.637  -3.928  -5.913  1.00 9.14  ? 17   ARG A CZ  1 
ATOM   127  N NH1 . ARG A 1 17  ? 17.428  -5.143  -6.399  1.00 6.74  ? 17   ARG A NH1 1 
ATOM   128  N NH2 . ARG A 1 17  ? 17.924  -2.930  -6.734  1.00 10.69 ? 17   ARG A NH2 1 
ATOM   129  N N   . MET A 1 18  ? 12.816  -5.104  -0.941  1.00 5.93  ? 18   MET A N   1 
ATOM   130  C CA  . MET A 1 18  ? 11.453  -4.755  -1.366  1.00 6.07  ? 18   MET A CA  1 
ATOM   131  C C   . MET A 1 18  ? 10.796  -3.913  -0.275  1.00 6.91  ? 18   MET A C   1 
ATOM   132  O O   . MET A 1 18  ? 10.133  -2.914  -0.552  1.00 7.41  ? 18   MET A O   1 
ATOM   133  C CB  . MET A 1 18  ? 10.626  -6.029  -1.622  1.00 6.96  ? 18   MET A CB  1 
ATOM   134  C CG  . MET A 1 18  ? 9.193   -5.761  -2.122  1.00 11.43 ? 18   MET A CG  1 
ATOM   135  S SD  . MET A 1 18  ? 9.091   -4.752  -3.646  1.00 16.84 ? 18   MET A SD  1 
ATOM   136  C CE  . MET A 1 18  ? 9.606   -5.914  -4.919  1.00 16.56 ? 18   MET A CE  1 
ATOM   137  N N   . PHE A 1 19  ? 10.995  -4.305  0.974   1.00 4.92  ? 19   PHE A N   1 
ATOM   138  C CA  . PHE A 1 19  ? 10.412  -3.547  2.066   1.00 6.60  ? 19   PHE A CA  1 
ATOM   139  C C   . PHE A 1 19  ? 10.853  -2.076  2.048   1.00 9.37  ? 19   PHE A C   1 
ATOM   140  O O   . PHE A 1 19  ? 10.034  -1.155  2.186   1.00 9.58  ? 19   PHE A O   1 
ATOM   141  C CB  . PHE A 1 19  ? 10.788  -4.162  3.405   1.00 7.99  ? 19   PHE A CB  1 
ATOM   142  C CG  . PHE A 1 19  ? 10.019  -3.588  4.544   1.00 9.16  ? 19   PHE A CG  1 
ATOM   143  C CD1 . PHE A 1 19  ? 8.645   -3.800  4.637   1.00 11.51 ? 19   PHE A CD1 1 
ATOM   144  C CD2 . PHE A 1 19  ? 10.647  -2.812  5.503   1.00 11.14 ? 19   PHE A CD2 1 
ATOM   145  C CE1 . PHE A 1 19  ? 7.905   -3.241  5.681   1.00 13.07 ? 19   PHE A CE1 1 
ATOM   146  C CE2 . PHE A 1 19  ? 9.923   -2.247  6.549   1.00 9.75  ? 19   PHE A CE2 1 
ATOM   147  C CZ  . PHE A 1 19  ? 8.551   -2.463  6.639   1.00 11.41 ? 19   PHE A CZ  1 
ATOM   148  N N   . LYS A 1 20  ? 12.148  -1.861  1.874   1.00 9.15  ? 20   LYS A N   1 
ATOM   149  C CA  . LYS A 1 20  ? 12.723  -0.521  1.848   1.00 11.64 ? 20   LYS A CA  1 
ATOM   150  C C   . LYS A 1 20  ? 12.248  0.320   0.664   1.00 11.58 ? 20   LYS A C   1 
ATOM   151  O O   . LYS A 1 20  ? 11.889  1.498   0.821   1.00 8.28  ? 20   LYS A O   1 
ATOM   152  C CB  . LYS A 1 20  ? 14.251  -0.626  1.814   1.00 16.02 ? 20   LYS A CB  1 
ATOM   153  C CG  . LYS A 1 20  ? 14.987  0.663   2.115   1.00 23.50 ? 20   LYS A CG  1 
ATOM   154  C CD  . LYS A 1 20  ? 14.691  1.129   3.536   1.00 33.13 ? 20   LYS A CD  1 
ATOM   155  C CE  . LYS A 1 20  ? 15.390  2.442   3.871   1.00 34.40 ? 20   LYS A CE  1 
ATOM   156  N NZ  . LYS A 1 20  ? 15.001  2.904   5.236   1.00 38.68 ? 20   LYS A NZ  1 
ATOM   157  N N   . ALA A 1 21  ? 12.229  -0.287  -0.519  1.00 5.74  ? 21   ALA A N   1 
ATOM   158  C CA  . ALA A 1 21  ? 11.843  0.432   -1.724  1.00 7.20  ? 21   ALA A CA  1 
ATOM   159  C C   . ALA A 1 21  ? 10.345  0.694   -1.891  1.00 7.53  ? 21   ALA A C   1 
ATOM   160  O O   . ALA A 1 21  ? 9.919   1.824   -2.154  1.00 5.72  ? 21   ALA A O   1 
ATOM   161  C CB  . ALA A 1 21  ? 12.365  -0.318  -2.956  1.00 2.64  ? 21   ALA A CB  1 
ATOM   162  N N   . PHE A 1 22  ? 9.566   -0.366  -1.746  1.00 6.16  ? 22   PHE A N   1 
ATOM   163  C CA  . PHE A 1 22  ? 8.128   -0.312  -1.933  1.00 9.10  ? 22   PHE A CA  1 
ATOM   164  C C   . PHE A 1 22  ? 7.372   0.336   -0.782  1.00 9.01  ? 22   PHE A C   1 
ATOM   165  O O   . PHE A 1 22  ? 6.485   1.162   -1.007  1.00 7.64  ? 22   PHE A O   1 
ATOM   166  C CB  . PHE A 1 22  ? 7.602   -1.739  -2.168  1.00 10.79 ? 22   PHE A CB  1 
ATOM   167  C CG  . PHE A 1 22  ? 6.181   -1.806  -2.661  1.00 15.31 ? 22   PHE A CG  1 
ATOM   168  C CD1 . PHE A 1 22  ? 5.736   -0.967  -3.681  1.00 17.07 ? 22   PHE A CD1 1 
ATOM   169  C CD2 . PHE A 1 22  ? 5.297   -2.747  -2.141  1.00 16.70 ? 22   PHE A CD2 1 
ATOM   170  C CE1 . PHE A 1 22  ? 4.434   -1.066  -4.174  1.00 15.86 ? 22   PHE A CE1 1 
ATOM   171  C CE2 . PHE A 1 22  ? 3.990   -2.853  -2.633  1.00 17.15 ? 22   PHE A CE2 1 
ATOM   172  C CZ  . PHE A 1 22  ? 3.563   -2.011  -3.650  1.00 13.54 ? 22   PHE A CZ  1 
ATOM   173  N N   . ILE A 1 23  ? 7.727   -0.033  0.444   1.00 7.90  ? 23   ILE A N   1 
ATOM   174  C CA  . ILE A 1 23  ? 7.022   0.477   1.604   1.00 11.45 ? 23   ILE A CA  1 
ATOM   175  C C   . ILE A 1 23  ? 7.623   1.724   2.227   1.00 11.90 ? 23   ILE A C   1 
ATOM   176  O O   . ILE A 1 23  ? 7.014   2.790   2.210   1.00 12.82 ? 23   ILE A O   1 
ATOM   177  C CB  . ILE A 1 23  ? 6.893   -0.609  2.701   1.00 15.40 ? 23   ILE A CB  1 
ATOM   178  C CG1 . ILE A 1 23  ? 6.241   -1.862  2.125   1.00 13.71 ? 23   ILE A CG1 1 
ATOM   179  C CG2 . ILE A 1 23  ? 6.060   -0.084  3.867   1.00 16.83 ? 23   ILE A CG2 1 
ATOM   180  C CD1 . ILE A 1 23  ? 4.920   -1.608  1.448   1.00 18.62 ? 23   ILE A CD1 1 
ATOM   181  N N   . LEU A 1 24  ? 8.819   1.596   2.779   1.00 11.46 ? 24   LEU A N   1 
ATOM   182  C CA  . LEU A 1 24  ? 9.437   2.731   3.432   1.00 13.10 ? 24   LEU A CA  1 
ATOM   183  C C   . LEU A 1 24  ? 9.607   3.951   2.527   1.00 13.90 ? 24   LEU A C   1 
ATOM   184  O O   . LEU A 1 24  ? 9.257   5.056   2.916   1.00 16.56 ? 24   LEU A O   1 
ATOM   185  C CB  . LEU A 1 24  ? 10.784  2.315   4.021   1.00 13.66 ? 24   LEU A CB  1 
ATOM   186  C CG  . LEU A 1 24  ? 10.700  1.192   5.054   1.00 12.77 ? 24   LEU A CG  1 
ATOM   187  C CD1 . LEU A 1 24  ? 12.096  0.914   5.598   1.00 14.96 ? 24   LEU A CD1 1 
ATOM   188  C CD2 . LEU A 1 24  ? 9.755   1.589   6.181   1.00 14.50 ? 24   LEU A CD2 1 
ATOM   189  N N   . ASP A 1 25  ? 10.148  3.763   1.328   1.00 11.42 ? 25   ASP A N   1 
ATOM   190  C CA  . ASP A 1 25  ? 10.334  4.895   0.437   1.00 13.25 ? 25   ASP A CA  1 
ATOM   191  C C   . ASP A 1 25  ? 9.376   4.888   -0.733  1.00 9.92  ? 25   ASP A C   1 
ATOM   192  O O   . ASP A 1 25  ? 9.651   5.490   -1.761  1.00 8.43  ? 25   ASP A O   1 
ATOM   193  C CB  . ASP A 1 25  ? 11.774  4.932   -0.062  1.00 17.02 ? 25   ASP A CB  1 
ATOM   194  C CG  . ASP A 1 25  ? 12.764  4.979   1.074   1.00 25.19 ? 25   ASP A CG  1 
ATOM   195  O OD1 . ASP A 1 25  ? 12.482  5.685   2.069   1.00 28.74 ? 25   ASP A OD1 1 
ATOM   196  O OD2 . ASP A 1 25  ? 13.821  4.316   0.981   1.00 30.68 ? 25   ASP A OD2 1 
ATOM   197  N N   . GLY A 1 26  ? 8.254   4.196   -0.578  1.00 8.19  ? 26   GLY A N   1 
ATOM   198  C CA  . GLY A 1 26  ? 7.284   4.142   -1.653  1.00 8.85  ? 26   GLY A CA  1 
ATOM   199  C C   . GLY A 1 26  ? 6.720   5.507   -2.012  1.00 8.64  ? 26   GLY A C   1 
ATOM   200  O O   . GLY A 1 26  ? 6.308   5.724   -3.148  1.00 5.95  ? 26   GLY A O   1 
ATOM   201  N N   . ASP A 1 27  ? 6.687   6.441   -1.065  1.00 8.42  ? 27   ASP A N   1 
ATOM   202  C CA  . ASP A 1 27  ? 6.150   7.758   -1.395  1.00 11.21 ? 27   ASP A CA  1 
ATOM   203  C C   . ASP A 1 27  ? 7.052   8.507   -2.368  1.00 12.03 ? 27   ASP A C   1 
ATOM   204  O O   . ASP A 1 27  ? 6.620   9.477   -3.012  1.00 13.32 ? 27   ASP A O   1 
ATOM   205  C CB  . ASP A 1 27  ? 5.900   8.605   -0.135  1.00 14.64 ? 27   ASP A CB  1 
ATOM   206  C CG  . ASP A 1 27  ? 7.085   8.638   0.813   1.00 19.11 ? 27   ASP A CG  1 
ATOM   207  O OD1 . ASP A 1 27  ? 8.150   8.069   0.492   1.00 19.91 ? 27   ASP A OD1 1 
ATOM   208  O OD2 . ASP A 1 27  ? 6.939   9.245   1.898   1.00 19.31 ? 27   ASP A OD2 1 
ATOM   209  N N   . LYS A 1 28  ? 8.299   8.061   -2.488  1.00 10.02 ? 28   LYS A N   1 
ATOM   210  C CA  . LYS A 1 28  ? 9.227   8.700   -3.422  1.00 13.02 ? 28   LYS A CA  1 
ATOM   211  C C   . LYS A 1 28  ? 9.396   7.880   -4.688  1.00 11.93 ? 28   LYS A C   1 
ATOM   212  O O   . LYS A 1 28  ? 9.383   8.425   -5.780  1.00 16.45 ? 28   LYS A O   1 
ATOM   213  C CB  . LYS A 1 28  ? 10.591  8.917   -2.767  1.00 15.91 ? 28   LYS A CB  1 
ATOM   214  C CG  . LYS A 1 28  ? 10.542  9.870   -1.581  1.00 20.86 ? 28   LYS A CG  1 
ATOM   215  C CD  . LYS A 1 28  ? 11.866  9.912   -0.829  1.00 25.37 ? 28   LYS A CD  1 
ATOM   216  C CE  . LYS A 1 28  ? 11.810  10.909  0.318   0.00 23.91 ? 28   LYS A CE  1 
ATOM   217  N NZ  . LYS A 1 28  ? 13.103  10.986  1.054   0.00 24.44 ? 28   LYS A NZ  1 
ATOM   218  N N   . LEU A 1 29  ? 9.519   6.564   -4.552  1.00 11.19 ? 29   LEU A N   1 
ATOM   219  C CA  . LEU A 1 29  ? 9.717   5.709   -5.714  1.00 11.51 ? 29   LEU A CA  1 
ATOM   220  C C   . LEU A 1 29  ? 8.486   5.434   -6.581  1.00 12.85 ? 29   LEU A C   1 
ATOM   221  O O   . LEU A 1 29  ? 8.555   5.512   -7.800  1.00 11.98 ? 29   LEU A O   1 
ATOM   222  C CB  . LEU A 1 29  ? 10.324  4.372   -5.273  1.00 8.36  ? 29   LEU A CB  1 
ATOM   223  C CG  . LEU A 1 29  ? 10.678  3.361   -6.373  1.00 11.13 ? 29   LEU A CG  1 
ATOM   224  C CD1 . LEU A 1 29  ? 11.710  3.957   -7.350  1.00 12.98 ? 29   LEU A CD1 1 
ATOM   225  C CD2 . LEU A 1 29  ? 11.228  2.098   -5.722  1.00 8.91  ? 29   LEU A CD2 1 
ATOM   226  N N   . VAL A 1 30  ? 7.354   5.125   -5.961  1.00 12.99 ? 30   VAL A N   1 
ATOM   227  C CA  . VAL A 1 30  ? 6.167   4.792   -6.740  1.00 13.69 ? 30   VAL A CA  1 
ATOM   228  C C   . VAL A 1 30  ? 5.693   5.843   -7.738  1.00 11.56 ? 30   VAL A C   1 
ATOM   229  O O   . VAL A 1 30  ? 5.383   5.509   -8.881  1.00 10.55 ? 30   VAL A O   1 
ATOM   230  C CB  . VAL A 1 30  ? 5.012   4.358   -5.807  1.00 14.08 ? 30   VAL A CB  1 
ATOM   231  C CG1 . VAL A 1 30  ? 3.778   4.016   -6.626  1.00 15.39 ? 30   VAL A CG1 1 
ATOM   232  C CG2 . VAL A 1 30  ? 5.456   3.138   -4.977  1.00 13.90 ? 30   VAL A CG2 1 
ATOM   233  N N   . PRO A 1 31  ? 5.619   7.123   -7.335  1.00 10.75 ? 31   PRO A N   1 
ATOM   234  C CA  . PRO A 1 31  ? 5.172   8.132   -8.305  1.00 10.29 ? 31   PRO A CA  1 
ATOM   235  C C   . PRO A 1 31  ? 6.160   8.265   -9.476  1.00 11.52 ? 31   PRO A C   1 
ATOM   236  O O   . PRO A 1 31  ? 5.806   8.731   -10.554 1.00 11.34 ? 31   PRO A O   1 
ATOM   237  C CB  . PRO A 1 31  ? 5.103   9.415   -7.475  1.00 7.67  ? 31   PRO A CB  1 
ATOM   238  C CG  . PRO A 1 31  ? 4.838   8.897   -6.069  1.00 11.82 ? 31   PRO A CG  1 
ATOM   239  C CD  . PRO A 1 31  ? 5.761   7.707   -5.990  1.00 9.74  ? 31   PRO A CD  1 
ATOM   240  N N   . LYS A 1 32  ? 7.404   7.863   -9.246  1.00 12.28 ? 32   LYS A N   1 
ATOM   241  C CA  . LYS A 1 32  ? 8.431   7.925   -10.275 1.00 13.26 ? 32   LYS A CA  1 
ATOM   242  C C   . LYS A 1 32  ? 8.285   6.787   -11.283 1.00 12.38 ? 32   LYS A C   1 
ATOM   243  O O   . LYS A 1 32  ? 8.346   7.011   -12.491 1.00 11.63 ? 32   LYS A O   1 
ATOM   244  C CB  . LYS A 1 32  ? 9.806   7.873   -9.608  1.00 14.70 ? 32   LYS A CB  1 
ATOM   245  C CG  . LYS A 1 32  ? 10.993  7.561   -10.505 1.00 20.95 ? 32   LYS A CG  1 
ATOM   246  C CD  . LYS A 1 32  ? 12.249  7.494   -9.640  1.00 26.68 ? 32   LYS A CD  1 
ATOM   247  C CE  . LYS A 1 32  ? 13.430  6.871   -10.361 1.00 30.73 ? 32   LYS A CE  1 
ATOM   248  N NZ  . LYS A 1 32  ? 13.829  7.615   -11.587 1.00 32.42 ? 32   LYS A NZ  1 
ATOM   249  N N   . VAL A 1 33  ? 8.072   5.568   -10.801 1.00 12.58 ? 33   VAL A N   1 
ATOM   250  C CA  . VAL A 1 33  ? 7.946   4.422   -11.711 1.00 12.75 ? 33   VAL A CA  1 
ATOM   251  C C   . VAL A 1 33  ? 6.529   4.080   -12.190 1.00 13.03 ? 33   VAL A C   1 
ATOM   252  O O   . VAL A 1 33  ? 6.365   3.357   -13.181 1.00 9.59  ? 33   VAL A O   1 
ATOM   253  C CB  . VAL A 1 33  ? 8.569   3.141   -11.091 1.00 11.83 ? 33   VAL A CB  1 
ATOM   254  C CG1 . VAL A 1 33  ? 10.038  3.398   -10.737 1.00 10.49 ? 33   VAL A CG1 1 
ATOM   255  C CG2 . VAL A 1 33  ? 7.790   2.708   -9.865  1.00 8.88  ? 33   VAL A CG2 1 
ATOM   256  N N   . ALA A 1 34  ? 5.508   4.599   -11.513 1.00 9.27  ? 34   ALA A N   1 
ATOM   257  C CA  . ALA A 1 34  ? 4.128   4.288   -11.893 1.00 11.88 ? 34   ALA A CA  1 
ATOM   258  C C   . ALA A 1 34  ? 3.228   5.529   -11.934 1.00 12.51 ? 34   ALA A C   1 
ATOM   259  O O   . ALA A 1 34  ? 2.196   5.582   -11.266 1.00 10.44 ? 34   ALA A O   1 
ATOM   260  C CB  . ALA A 1 34  ? 3.562   3.265   -10.931 1.00 8.13  ? 34   ALA A CB  1 
ATOM   261  N N   . PRO A 1 35  ? 3.603   6.530   -12.746 1.00 14.08 ? 35   PRO A N   1 
ATOM   262  C CA  . PRO A 1 35  ? 2.863   7.785   -12.898 1.00 14.30 ? 35   PRO A CA  1 
ATOM   263  C C   . PRO A 1 35  ? 1.460   7.632   -13.440 1.00 13.82 ? 35   PRO A C   1 
ATOM   264  O O   . PRO A 1 35  ? 0.628   8.509   -13.266 1.00 17.72 ? 35   PRO A O   1 
ATOM   265  C CB  . PRO A 1 35  ? 3.766   8.604   -13.821 1.00 15.08 ? 35   PRO A CB  1 
ATOM   266  C CG  . PRO A 1 35  ? 4.395   7.555   -14.669 1.00 15.33 ? 35   PRO A CG  1 
ATOM   267  C CD  . PRO A 1 35  ? 4.757   6.496   -13.658 1.00 13.99 ? 35   PRO A CD  1 
ATOM   268  N N   . GLN A 1 36  ? 1.188   6.515   -14.093 1.00 14.35 ? 36   GLN A N   1 
ATOM   269  C CA  . GLN A 1 36  ? -0.143  6.286   -14.636 1.00 17.88 ? 36   GLN A CA  1 
ATOM   270  C C   . GLN A 1 36  ? -1.115  5.814   -13.561 1.00 15.93 ? 36   GLN A C   1 
ATOM   271  O O   . GLN A 1 36  ? -2.323  5.784   -13.796 1.00 17.24 ? 36   GLN A O   1 
ATOM   272  C CB  . GLN A 1 36  ? -0.080  5.251   -15.754 1.00 22.33 ? 36   GLN A CB  1 
ATOM   273  C CG  . GLN A 1 36  ? 1.092   5.458   -16.689 1.00 29.13 ? 36   GLN A CG  1 
ATOM   274  C CD  . GLN A 1 36  ? 2.272   4.563   -16.343 1.00 33.91 ? 36   GLN A CD  1 
ATOM   275  O OE1 . GLN A 1 36  ? 2.479   4.197   -15.176 1.00 29.10 ? 36   GLN A OE1 1 
ATOM   276  N NE2 . GLN A 1 36  ? 3.060   4.208   -17.361 1.00 34.50 ? 36   GLN A NE2 1 
ATOM   277  N N   . ALA A 1 37  ? -0.597  5.461   -12.384 1.00 11.39 ? 37   ALA A N   1 
ATOM   278  C CA  . ALA A 1 37  ? -1.440  4.985   -11.287 1.00 11.59 ? 37   ALA A CA  1 
ATOM   279  C C   . ALA A 1 37  ? -1.451  5.897   -10.049 1.00 11.47 ? 37   ALA A C   1 
ATOM   280  O O   . ALA A 1 37  ? -2.460  5.984   -9.334  1.00 11.55 ? 37   ALA A O   1 
ATOM   281  C CB  . ALA A 1 37  ? -1.012  3.567   -10.895 1.00 14.07 ? 37   ALA A CB  1 
ATOM   282  N N   . ILE A 1 38  ? -0.330  6.565   -9.792  1.00 10.90 ? 38   ILE A N   1 
ATOM   283  C CA  . ILE A 1 38  ? -0.217  7.474   -8.652  1.00 9.90  ? 38   ILE A CA  1 
ATOM   284  C C   . ILE A 1 38  ? 0.465   8.736   -9.174  1.00 10.21 ? 38   ILE A C   1 
ATOM   285  O O   . ILE A 1 38  ? 1.633   8.689   -9.545  1.00 10.35 ? 38   ILE A O   1 
ATOM   286  C CB  . ILE A 1 38  ? 0.660   6.853   -7.505  1.00 10.10 ? 38   ILE A CB  1 
ATOM   287  C CG1 . ILE A 1 38  ? 0.101   5.484   -7.075  1.00 8.41  ? 38   ILE A CG1 1 
ATOM   288  C CG2 . ILE A 1 38  ? 0.723   7.815   -6.297  1.00 5.53  ? 38   ILE A CG2 1 
ATOM   289  C CD1 . ILE A 1 38  ? -1.230  5.521   -6.311  1.00 8.87  ? 38   ILE A CD1 1 
ATOM   290  N N   . SER A 1 39  ? -0.257  9.856   -9.226  1.00 8.99  ? 39   SER A N   1 
ATOM   291  C CA  . SER A 1 39  ? 0.344   11.093  -9.715  1.00 9.94  ? 39   SER A CA  1 
ATOM   292  C C   . SER A 1 39  ? 1.291   11.735  -8.704  1.00 9.68  ? 39   SER A C   1 
ATOM   293  O O   . SER A 1 39  ? 2.249   12.392  -9.095  1.00 10.52 ? 39   SER A O   1 
ATOM   294  C CB  . SER A 1 39  ? -0.731  12.100  -10.164 1.00 11.87 ? 39   SER A CB  1 
ATOM   295  O OG  . SER A 1 39  ? -1.497  12.588  -9.082  1.00 19.16 ? 39   SER A OG  1 
ATOM   296  N N   . SER A 1 40  ? 1.034   11.561  -7.407  1.00 7.28  ? 40   SER A N   1 
ATOM   297  C CA  . SER A 1 40  ? 1.934   12.112  -6.397  1.00 6.96  ? 40   SER A CA  1 
ATOM   298  C C   . SER A 1 40  ? 1.522   11.707  -4.991  1.00 8.92  ? 40   SER A C   1 
ATOM   299  O O   . SER A 1 40  ? 0.401   11.260  -4.768  1.00 7.96  ? 40   SER A O   1 
ATOM   300  C CB  . SER A 1 40  ? 1.995   13.649  -6.484  1.00 7.52  ? 40   SER A CB  1 
ATOM   301  O OG  . SER A 1 40  ? 0.776   14.260  -6.070  1.00 8.08  ? 40   SER A OG  1 
ATOM   302  N N   . VAL A 1 41  ? 2.453   11.860  -4.056  1.00 7.89  ? 41   VAL A N   1 
ATOM   303  C CA  . VAL A 1 41  ? 2.231   11.544  -2.655  1.00 9.11  ? 41   VAL A CA  1 
ATOM   304  C C   . VAL A 1 41  ? 2.766   12.727  -1.868  1.00 10.14 ? 41   VAL A C   1 
ATOM   305  O O   . VAL A 1 41  ? 3.930   13.095  -2.004  1.00 10.25 ? 41   VAL A O   1 
ATOM   306  C CB  . VAL A 1 41  ? 2.985   10.274  -2.242  1.00 4.16  ? 41   VAL A CB  1 
ATOM   307  C CG1 . VAL A 1 41  ? 2.764   10.014  -0.757  1.00 7.84  ? 41   VAL A CG1 1 
ATOM   308  C CG2 . VAL A 1 41  ? 2.507   9.085   -3.094  1.00 8.60  ? 41   VAL A CG2 1 
ATOM   309  N N   . GLU A 1 42  ? 1.907   13.322  -1.049  1.00 10.44 ? 42   GLU A N   1 
ATOM   310  C CA  . GLU A 1 42  ? 2.259   14.496  -0.266  1.00 10.38 ? 42   GLU A CA  1 
ATOM   311  C C   . GLU A 1 42  ? 2.361   14.173  1.222   1.00 10.84 ? 42   GLU A C   1 
ATOM   312  O O   . GLU A 1 42  ? 1.452   13.553  1.788   1.00 7.54  ? 42   GLU A O   1 
ATOM   313  C CB  . GLU A 1 42  ? 1.181   15.565  -0.487  1.00 11.39 ? 42   GLU A CB  1 
ATOM   314  C CG  . GLU A 1 42  ? 1.460   16.916  0.158   1.00 15.71 ? 42   GLU A CG  1 
ATOM   315  C CD  . GLU A 1 42  ? 0.292   17.891  0.011   1.00 16.46 ? 42   GLU A CD  1 
ATOM   316  O OE1 . GLU A 1 42  ? 0.417   19.050  0.454   1.00 23.46 ? 42   GLU A OE1 1 
ATOM   317  O OE2 . GLU A 1 42  ? -0.750  17.500  -0.542  1.00 16.55 ? 42   GLU A OE2 1 
ATOM   318  N N   . ASN A 1 43  ? 3.462   14.576  1.860   1.00 8.90  ? 43   ASN A N   1 
ATOM   319  C CA  . ASN A 1 43  ? 3.592   14.331  3.284   1.00 9.97  ? 43   ASN A CA  1 
ATOM   320  C C   . ASN A 1 43  ? 2.878   15.482  3.964   1.00 13.09 ? 43   ASN A C   1 
ATOM   321  O O   . ASN A 1 43  ? 3.263   16.644  3.791   1.00 10.90 ? 43   ASN A O   1 
ATOM   322  C CB  . ASN A 1 43  ? 5.045   14.314  3.724   1.00 14.93 ? 43   ASN A CB  1 
ATOM   323  C CG  . ASN A 1 43  ? 5.218   13.643  5.070   1.00 18.72 ? 43   ASN A CG  1 
ATOM   324  O OD1 . ASN A 1 43  ? 5.109   12.420  5.171   1.00 19.09 ? 43   ASN A OD1 1 
ATOM   325  N ND2 . ASN A 1 43  ? 5.465   14.437  6.117   1.00 17.71 ? 43   ASN A ND2 1 
ATOM   326  N N   . ILE A 1 44  ? 1.837   15.163  4.728   1.00 11.37 ? 44   ILE A N   1 
ATOM   327  C CA  . ILE A 1 44  ? 1.053   16.184  5.408   1.00 14.46 ? 44   ILE A CA  1 
ATOM   328  C C   . ILE A 1 44  ? 1.713   16.549  6.725   1.00 15.24 ? 44   ILE A C   1 
ATOM   329  O O   . ILE A 1 44  ? 1.897   17.723  7.029   1.00 13.02 ? 44   ILE A O   1 
ATOM   330  C CB  . ILE A 1 44  ? -0.393  15.695  5.657   1.00 16.65 ? 44   ILE A CB  1 
ATOM   331  C CG1 . ILE A 1 44  ? -1.080  15.376  4.324   1.00 15.88 ? 44   ILE A CG1 1 
ATOM   332  C CG2 . ILE A 1 44  ? -1.172  16.739  6.427   1.00 15.35 ? 44   ILE A CG2 1 
ATOM   333  C CD1 . ILE A 1 44  ? -1.190  16.565  3.362   1.00 19.97 ? 44   ILE A CD1 1 
ATOM   334  N N   . GLU A 1 45  ? 2.063   15.542  7.511   1.00 13.63 ? 45   GLU A N   1 
ATOM   335  C CA  . GLU A 1 45  ? 2.741   15.792  8.764   1.00 16.47 ? 45   GLU A CA  1 
ATOM   336  C C   . GLU A 1 45  ? 3.333   14.511  9.348   1.00 15.71 ? 45   GLU A C   1 
ATOM   337  O O   . GLU A 1 45  ? 2.867   13.402  9.061   1.00 13.38 ? 45   GLU A O   1 
ATOM   338  C CB  . GLU A 1 45  ? 1.788   16.470  9.750   1.00 23.22 ? 45   GLU A CB  1 
ATOM   339  C CG  . GLU A 1 45  ? 0.585   15.658  10.143  1.00 26.31 ? 45   GLU A CG  1 
ATOM   340  C CD  . GLU A 1 45  ? 0.889   14.721  11.280  1.00 33.49 ? 45   GLU A CD  1 
ATOM   341  O OE1 . GLU A 1 45  ? 1.539   15.174  12.253  1.00 34.76 ? 45   GLU A OE1 1 
ATOM   342  O OE2 . GLU A 1 45  ? 0.474   13.543  11.207  1.00 36.88 ? 45   GLU A OE2 1 
ATOM   343  N N   . GLY A 1 46  ? 4.382   14.676  10.143  1.00 12.64 ? 46   GLY A N   1 
ATOM   344  C CA  . GLY A 1 46  ? 5.037   13.538  10.757  1.00 14.80 ? 46   GLY A CA  1 
ATOM   345  C C   . GLY A 1 46  ? 6.325   13.247  10.023  1.00 13.47 ? 46   GLY A C   1 
ATOM   346  O O   . GLY A 1 46  ? 6.555   13.782  8.935   1.00 13.07 ? 46   GLY A O   1 
ATOM   347  N N   . ASN A 1 47  ? 7.167   12.401  10.600  1.00 16.09 ? 47   ASN A N   1 
ATOM   348  C CA  . ASN A 1 47  ? 8.439   12.077  9.971   1.00 18.46 ? 47   ASN A CA  1 
ATOM   349  C C   . ASN A 1 47  ? 8.589   10.614  9.582   1.00 21.20 ? 47   ASN A C   1 
ATOM   350  O O   . ASN A 1 47  ? 9.705   10.154  9.332   1.00 20.78 ? 47   ASN A O   1 
ATOM   351  C CB  . ASN A 1 47  ? 9.613   12.489  10.874  1.00 23.88 ? 47   ASN A CB  1 
ATOM   352  C CG  . ASN A 1 47  ? 9.528   11.890  12.272  1.00 25.78 ? 47   ASN A CG  1 
ATOM   353  O OD1 . ASN A 1 47  ? 9.132   10.741  12.449  1.00 30.13 ? 47   ASN A OD1 1 
ATOM   354  N ND2 . ASN A 1 47  ? 9.924   12.663  13.266  1.00 30.22 ? 47   ASN A ND2 1 
ATOM   355  N N   . GLY A 1 48  ? 7.477   9.878   9.529   1.00 17.23 ? 48   GLY A N   1 
ATOM   356  C CA  . GLY A 1 48  ? 7.563   8.480   9.138   1.00 16.13 ? 48   GLY A CA  1 
ATOM   357  C C   . GLY A 1 48  ? 7.156   7.475   10.198  1.00 15.73 ? 48   GLY A C   1 
ATOM   358  O O   . GLY A 1 48  ? 6.945   6.305   9.900   1.00 16.50 ? 48   GLY A O   1 
ATOM   359  N N   . GLY A 1 49  ? 7.039   7.919   11.441  1.00 15.77 ? 49   GLY A N   1 
ATOM   360  C CA  . GLY A 1 49  ? 6.642   7.002   12.488  1.00 13.69 ? 49   GLY A CA  1 
ATOM   361  C C   . GLY A 1 49  ? 5.140   7.055   12.678  1.00 13.43 ? 49   GLY A C   1 
ATOM   362  O O   . GLY A 1 49  ? 4.437   7.711   11.897  1.00 12.60 ? 49   GLY A O   1 
ATOM   363  N N   . PRO A 1 50  ? 4.612   6.361   13.701  1.00 12.30 ? 50   PRO A N   1 
ATOM   364  C CA  . PRO A 1 50  ? 3.179   6.337   14.002  1.00 11.35 ? 50   PRO A CA  1 
ATOM   365  C C   . PRO A 1 50  ? 2.605   7.757   13.985  1.00 12.22 ? 50   PRO A C   1 
ATOM   366  O O   . PRO A 1 50  ? 3.221   8.695   14.519  1.00 10.19 ? 50   PRO A O   1 
ATOM   367  C CB  . PRO A 1 50  ? 3.138   5.727   15.393  1.00 14.27 ? 50   PRO A CB  1 
ATOM   368  C CG  . PRO A 1 50  ? 4.310   4.771   15.368  1.00 11.89 ? 50   PRO A CG  1 
ATOM   369  C CD  . PRO A 1 50  ? 5.378   5.572   14.685  1.00 12.22 ? 50   PRO A CD  1 
ATOM   370  N N   . GLY A 1 51  ? 1.428   7.913   13.383  1.00 8.09  ? 51   GLY A N   1 
ATOM   371  C CA  . GLY A 1 51  ? 0.818   9.226   13.317  1.00 7.38  ? 51   GLY A CA  1 
ATOM   372  C C   . GLY A 1 51  ? 1.133   10.005  12.051  1.00 7.11  ? 51   GLY A C   1 
ATOM   373  O O   . GLY A 1 51  ? 0.519   11.034  11.787  1.00 6.28  ? 51   GLY A O   1 
ATOM   374  N N   . THR A 1 52  ? 2.088   9.536   11.256  1.00 6.36  ? 52   THR A N   1 
ATOM   375  C CA  . THR A 1 52  ? 2.422   10.249  10.027  1.00 8.71  ? 52   THR A CA  1 
ATOM   376  C C   . THR A 1 52  ? 1.257   10.201  9.048   1.00 6.19  ? 52   THR A C   1 
ATOM   377  O O   . THR A 1 52  ? 0.664   9.144   8.828   1.00 5.34  ? 52   THR A O   1 
ATOM   378  C CB  . THR A 1 52  ? 3.659   9.648   9.345   1.00 7.97  ? 52   THR A CB  1 
ATOM   379  O OG1 . THR A 1 52  ? 4.797   9.844   10.188  1.00 7.85  ? 52   THR A OG1 1 
ATOM   380  C CG2 . THR A 1 52  ? 3.913   10.310  7.985   1.00 11.75 ? 52   THR A CG2 1 
ATOM   381  N N   . ILE A 1 53  ? 0.929   11.341  8.461   1.00 4.43  ? 53   ILE A N   1 
ATOM   382  C CA  . ILE A 1 53  ? -0.169  11.382  7.507   1.00 5.68  ? 53   ILE A CA  1 
ATOM   383  C C   . ILE A 1 53  ? 0.335   11.760  6.131   1.00 7.73  ? 53   ILE A C   1 
ATOM   384  O O   . ILE A 1 53  ? 1.087   12.732  5.985   1.00 6.59  ? 53   ILE A O   1 
ATOM   385  C CB  . ILE A 1 53  ? -1.242  12.396  7.924   1.00 7.45  ? 53   ILE A CB  1 
ATOM   386  C CG1 . ILE A 1 53  ? -1.863  11.975  9.255   1.00 9.22  ? 53   ILE A CG1 1 
ATOM   387  C CG2 . ILE A 1 53  ? -2.316  12.495  6.832   1.00 4.37  ? 53   ILE A CG2 1 
ATOM   388  C CD1 . ILE A 1 53  ? -2.978  12.892  9.706   1.00 15.45 ? 53   ILE A CD1 1 
ATOM   389  N N   . LYS A 1 54  ? -0.079  10.984  5.130   1.00 7.36  ? 54   LYS A N   1 
ATOM   390  C CA  . LYS A 1 54  ? 0.301   11.212  3.733   1.00 8.59  ? 54   LYS A CA  1 
ATOM   391  C C   . LYS A 1 54  ? -0.936  11.256  2.834   1.00 10.16 ? 54   LYS A C   1 
ATOM   392  O O   . LYS A 1 54  ? -1.917  10.536  3.066   1.00 7.90  ? 54   LYS A O   1 
ATOM   393  C CB  . LYS A 1 54  ? 1.232   10.093  3.256   1.00 7.59  ? 54   LYS A CB  1 
ATOM   394  C CG  . LYS A 1 54  ? 2.568   10.070  4.015   1.00 12.50 ? 54   LYS A CG  1 
ATOM   395  C CD  . LYS A 1 54  ? 3.439   8.859   3.663   1.00 14.20 ? 54   LYS A CD  1 
ATOM   396  C CE  . LYS A 1 54  ? 4.784   8.960   4.391   1.00 18.24 ? 54   LYS A CE  1 
ATOM   397  N NZ  . LYS A 1 54  ? 5.649   7.779   4.135   1.00 23.40 ? 54   LYS A NZ  1 
ATOM   398  N N   . LYS A 1 55  ? -0.889  12.107  1.812   1.00 7.56  ? 55   LYS A N   1 
ATOM   399  C CA  . LYS A 1 55  ? -1.995  12.231  0.879   1.00 5.76  ? 55   LYS A CA  1 
ATOM   400  C C   . LYS A 1 55  ? -1.572  11.624  -0.455  1.00 6.46  ? 55   LYS A C   1 
ATOM   401  O O   . LYS A 1 55  ? -0.586  12.052  -1.078  1.00 8.11  ? 55   LYS A O   1 
ATOM   402  C CB  . LYS A 1 55  ? -2.394  13.709  0.716   1.00 4.66  ? 55   LYS A CB  1 
ATOM   403  C CG  . LYS A 1 55  ? -3.541  13.949  -0.252  1.00 8.60  ? 55   LYS A CG  1 
ATOM   404  C CD  . LYS A 1 55  ? -3.978  15.402  -0.174  1.00 6.09  ? 55   LYS A CD  1 
ATOM   405  C CE  . LYS A 1 55  ? -5.060  15.731  -1.180  1.00 11.84 ? 55   LYS A CE  1 
ATOM   406  N NZ  . LYS A 1 55  ? -5.517  17.131  -0.976  1.00 11.67 ? 55   LYS A NZ  1 
ATOM   407  N N   . ILE A 1 56  ? -2.327  10.615  -0.870  1.00 5.05  ? 56   ILE A N   1 
ATOM   408  C CA  . ILE A 1 56  ? -2.091  9.879   -2.094  1.00 4.56  ? 56   ILE A CA  1 
ATOM   409  C C   . ILE A 1 56  ? -3.041  10.447  -3.140  1.00 6.39  ? 56   ILE A C   1 
ATOM   410  O O   . ILE A 1 56  ? -4.267  10.374  -2.982  1.00 8.03  ? 56   ILE A O   1 
ATOM   411  C CB  . ILE A 1 56  ? -2.411  8.386   -1.881  1.00 8.71  ? 56   ILE A CB  1 
ATOM   412  C CG1 . ILE A 1 56  ? -1.823  7.909   -0.548  1.00 11.32 ? 56   ILE A CG1 1 
ATOM   413  C CG2 . ILE A 1 56  ? -1.869  7.551   -3.048  1.00 11.78 ? 56   ILE A CG2 1 
ATOM   414  C CD1 . ILE A 1 56  ? -0.335  8.113   -0.417  1.00 15.55 ? 56   ILE A CD1 1 
ATOM   415  N N   . ASN A 1 57  ? -2.480  11.027  -4.195  1.00 5.82  ? 57   ASN A N   1 
ATOM   416  C CA  . ASN A 1 57  ? -3.268  11.627  -5.272  1.00 4.70  ? 57   ASN A CA  1 
ATOM   417  C C   . ASN A 1 57  ? -3.298  10.726  -6.495  1.00 6.16  ? 57   ASN A C   1 
ATOM   418  O O   . ASN A 1 57  ? -2.263  10.210  -6.917  1.00 6.55  ? 57   ASN A O   1 
ATOM   419  C CB  . ASN A 1 57  ? -2.674  12.983  -5.659  1.00 8.99  ? 57   ASN A CB  1 
ATOM   420  C CG  . ASN A 1 57  ? -2.774  14.001  -4.530  1.00 11.92 ? 57   ASN A CG  1 
ATOM   421  O OD1 . ASN A 1 57  ? -3.867  14.275  -4.026  1.00 13.75 ? 57   ASN A OD1 1 
ATOM   422  N ND2 . ASN A 1 57  ? -1.639  14.563  -4.130  1.00 10.01 ? 57   ASN A ND2 1 
ATOM   423  N N   . PHE A 1 58  ? -4.484  10.535  -7.066  1.00 5.52  ? 58   PHE A N   1 
ATOM   424  C CA  . PHE A 1 58  ? -4.611  9.684   -8.242  1.00 7.41  ? 58   PHE A CA  1 
ATOM   425  C C   . PHE A 1 58  ? -4.722  10.483  -9.526  1.00 8.15  ? 58   PHE A C   1 
ATOM   426  O O   . PHE A 1 58  ? -5.170  11.635  -9.521  1.00 6.89  ? 58   PHE A O   1 
ATOM   427  C CB  . PHE A 1 58  ? -5.799  8.739   -8.062  1.00 5.43  ? 58   PHE A CB  1 
ATOM   428  C CG  . PHE A 1 58  ? -5.672  7.878   -6.848  1.00 5.52  ? 58   PHE A CG  1 
ATOM   429  C CD1 . PHE A 1 58  ? -6.224  8.283   -5.626  1.00 5.23  ? 58   PHE A CD1 1 
ATOM   430  C CD2 . PHE A 1 58  ? -4.901  6.720   -6.886  1.00 7.70  ? 58   PHE A CD2 1 
ATOM   431  C CE1 . PHE A 1 58  ? -6.003  7.548   -4.455  1.00 7.05  ? 58   PHE A CE1 1 
ATOM   432  C CE2 . PHE A 1 58  ? -4.668  5.976   -5.719  1.00 11.99 ? 58   PHE A CE2 1 
ATOM   433  C CZ  . PHE A 1 58  ? -5.221  6.395   -4.502  1.00 6.96  ? 58   PHE A CZ  1 
ATOM   434  N N   . PRO A 1 59  ? -4.309  9.878   -10.654 1.00 10.98 ? 59   PRO A N   1 
ATOM   435  C CA  . PRO A 1 59  ? -4.352  10.536  -11.964 1.00 10.44 ? 59   PRO A CA  1 
ATOM   436  C C   . PRO A 1 59  ? -5.767  10.967  -12.354 1.00 11.84 ? 59   PRO A C   1 
ATOM   437  O O   . PRO A 1 59  ? -6.765  10.445  -11.831 1.00 11.20 ? 59   PRO A O   1 
ATOM   438  C CB  . PRO A 1 59  ? -3.816  9.466   -12.918 1.00 9.63  ? 59   PRO A CB  1 
ATOM   439  C CG  . PRO A 1 59  ? -3.016  8.551   -12.026 1.00 14.66 ? 59   PRO A CG  1 
ATOM   440  C CD  . PRO A 1 59  ? -3.850  8.486   -10.780 1.00 9.43  ? 59   PRO A CD  1 
ATOM   441  N N   . GLU A 1 60  ? -5.839  11.907  -13.289 1.00 10.04 ? 60   GLU A N   1 
ATOM   442  C CA  . GLU A 1 60  ? -7.115  12.403  -13.780 1.00 14.46 ? 60   GLU A CA  1 
ATOM   443  C C   . GLU A 1 60  ? -7.866  11.217  -14.367 1.00 12.54 ? 60   GLU A C   1 
ATOM   444  O O   . GLU A 1 60  ? -7.251  10.289  -14.897 1.00 12.66 ? 60   GLU A O   1 
ATOM   445  C CB  . GLU A 1 60  ? -6.891  13.467  -14.861 1.00 17.69 ? 60   GLU A CB  1 
ATOM   446  C CG  . GLU A 1 60  ? -8.164  14.184  -15.282 1.00 30.83 ? 60   GLU A CG  1 
ATOM   447  C CD  . GLU A 1 60  ? -7.911  15.357  -16.210 1.00 34.41 ? 60   GLU A CD  1 
ATOM   448  O OE1 . GLU A 1 60  ? -6.775  15.885  -16.216 1.00 39.84 ? 60   GLU A OE1 1 
ATOM   449  O OE2 . GLU A 1 60  ? -8.856  15.761  -16.922 1.00 39.55 ? 60   GLU A OE2 1 
ATOM   450  N N   . GLY A 1 61  ? -9.190  11.230  -14.268 1.00 14.43 ? 61   GLY A N   1 
ATOM   451  C CA  . GLY A 1 61  ? -9.957  10.120  -14.808 1.00 11.87 ? 61   GLY A CA  1 
ATOM   452  C C   . GLY A 1 61  ? -10.242 8.979   -13.836 1.00 14.44 ? 61   GLY A C   1 
ATOM   453  O O   . GLY A 1 61  ? -11.146 8.177   -14.089 1.00 13.77 ? 61   GLY A O   1 
ATOM   454  N N   . PHE A 1 62  ? -9.476  8.868   -12.747 1.00 12.75 ? 62   PHE A N   1 
ATOM   455  C CA  . PHE A 1 62  ? -9.725  7.811   -11.758 1.00 13.27 ? 62   PHE A CA  1 
ATOM   456  C C   . PHE A 1 62  ? -11.008 8.151   -10.982 1.00 11.46 ? 62   PHE A C   1 
ATOM   457  O O   . PHE A 1 62  ? -11.382 9.310   -10.874 1.00 10.60 ? 62   PHE A O   1 
ATOM   458  C CB  . PHE A 1 62  ? -8.543  7.683   -10.777 1.00 15.73 ? 62   PHE A CB  1 
ATOM   459  C CG  . PHE A 1 62  ? -7.442  6.756   -11.251 1.00 15.52 ? 62   PHE A CG  1 
ATOM   460  C CD1 . PHE A 1 62  ? -6.848  6.930   -12.499 1.00 16.35 ? 62   PHE A CD1 1 
ATOM   461  C CD2 . PHE A 1 62  ? -6.987  5.727   -10.433 1.00 16.83 ? 62   PHE A CD2 1 
ATOM   462  C CE1 . PHE A 1 62  ? -5.810  6.090   -12.927 1.00 16.15 ? 62   PHE A CE1 1 
ATOM   463  C CE2 . PHE A 1 62  ? -5.950  4.884   -10.847 1.00 17.45 ? 62   PHE A CE2 1 
ATOM   464  C CZ  . PHE A 1 62  ? -5.361  5.070   -12.102 1.00 15.30 ? 62   PHE A CZ  1 
ATOM   465  N N   . PRO A 1 63  ? -11.688 7.140   -10.421 1.00 12.48 ? 63   PRO A N   1 
ATOM   466  C CA  . PRO A 1 63  ? -12.934 7.335   -9.660  1.00 11.48 ? 63   PRO A CA  1 
ATOM   467  C C   . PRO A 1 63  ? -12.822 8.318   -8.492  1.00 11.50 ? 63   PRO A C   1 
ATOM   468  O O   . PRO A 1 63  ? -13.666 9.205   -8.321  1.00 10.15 ? 63   PRO A O   1 
ATOM   469  C CB  . PRO A 1 63  ? -13.270 5.922   -9.170  1.00 10.93 ? 63   PRO A CB  1 
ATOM   470  C CG  . PRO A 1 63  ? -12.563 5.022   -10.174 1.00 13.45 ? 63   PRO A CG  1 
ATOM   471  C CD  . PRO A 1 63  ? -11.272 5.727   -10.407 1.00 11.26 ? 63   PRO A CD  1 
ATOM   472  N N   . PHE A 1 64  ? -11.787 8.146   -7.681  1.00 9.56  ? 64   PHE A N   1 
ATOM   473  C CA  . PHE A 1 64  ? -11.578 9.003   -6.520  1.00 9.52  ? 64   PHE A CA  1 
ATOM   474  C C   . PHE A 1 64  ? -10.296 9.780   -6.712  1.00 10.87 ? 64   PHE A C   1 
ATOM   475  O O   . PHE A 1 64  ? -9.289  9.241   -7.201  1.00 10.55 ? 64   PHE A O   1 
ATOM   476  C CB  . PHE A 1 64  ? -11.503 8.158   -5.252  1.00 9.22  ? 64   PHE A CB  1 
ATOM   477  C CG  . PHE A 1 64  ? -12.725 7.324   -5.022  1.00 11.21 ? 64   PHE A CG  1 
ATOM   478  C CD1 . PHE A 1 64  ? -13.952 7.929   -4.757  1.00 11.60 ? 64   PHE A CD1 1 
ATOM   479  C CD2 . PHE A 1 64  ? -12.657 5.940   -5.081  1.00 11.44 ? 64   PHE A CD2 1 
ATOM   480  C CE1 . PHE A 1 64  ? -15.094 7.166   -4.549  1.00 10.31 ? 64   PHE A CE1 1 
ATOM   481  C CE2 . PHE A 1 64  ? -13.798 5.166   -4.876  1.00 15.41 ? 64   PHE A CE2 1 
ATOM   482  C CZ  . PHE A 1 64  ? -15.018 5.782   -4.609  1.00 13.01 ? 64   PHE A CZ  1 
ATOM   483  N N   . LYS A 1 65  ? -10.348 11.049  -6.325  1.00 9.05  ? 65   LYS A N   1 
ATOM   484  C CA  . LYS A 1 65  ? -9.229  11.970  -6.475  1.00 9.87  ? 65   LYS A CA  1 
ATOM   485  C C   . LYS A 1 65  ? -8.040  11.686  -5.543  1.00 7.50  ? 65   LYS A C   1 
ATOM   486  O O   . LYS A 1 65  ? -6.891  11.848  -5.937  1.00 4.77  ? 65   LYS A O   1 
ATOM   487  C CB  . LYS A 1 65  ? -9.760  13.384  -6.264  1.00 13.12 ? 65   LYS A CB  1 
ATOM   488  C CG  . LYS A 1 65  ? -8.842  14.501  -6.688  1.00 20.19 ? 65   LYS A CG  1 
ATOM   489  C CD  . LYS A 1 65  ? -9.652  15.792  -6.856  1.00 20.95 ? 65   LYS A CD  1 
ATOM   490  C CE  . LYS A 1 65  ? -8.769  16.948  -7.297  0.00 20.57 ? 65   LYS A CE  1 
ATOM   491  N NZ  . LYS A 1 65  ? -9.545  18.208  -7.454  0.00 20.62 ? 65   LYS A NZ  1 
ATOM   492  N N   . TYR A 1 66  ? -8.306  11.261  -4.314  1.00 4.12  ? 66   TYR A N   1 
ATOM   493  C CA  . TYR A 1 66  ? -7.202  10.996  -3.393  1.00 5.17  ? 66   TYR A CA  1 
ATOM   494  C C   . TYR A 1 66  ? -7.703  10.279  -2.136  1.00 7.65  ? 66   TYR A C   1 
ATOM   495  O O   . TYR A 1 66  ? -8.906  10.162  -1.921  1.00 5.60  ? 66   TYR A O   1 
ATOM   496  C CB  . TYR A 1 66  ? -6.595  12.336  -2.957  1.00 7.94  ? 66   TYR A CB  1 
ATOM   497  C CG  . TYR A 1 66  ? -7.438  13.017  -1.890  1.00 8.41  ? 66   TYR A CG  1 
ATOM   498  C CD1 . TYR A 1 66  ? -7.305  12.671  -0.544  1.00 11.25 ? 66   TYR A CD1 1 
ATOM   499  C CD2 . TYR A 1 66  ? -8.445  13.916  -2.240  1.00 10.58 ? 66   TYR A CD2 1 
ATOM   500  C CE1 . TYR A 1 66  ? -8.156  13.187  0.422   1.00 10.14 ? 66   TYR A CE1 1 
ATOM   501  C CE2 . TYR A 1 66  ? -9.305  14.442  -1.276  1.00 12.52 ? 66   TYR A CE2 1 
ATOM   502  C CZ  . TYR A 1 66  ? -9.157  14.068  0.049   1.00 13.96 ? 66   TYR A CZ  1 
ATOM   503  O OH  . TYR A 1 66  ? -10.038 14.545  0.999   1.00 18.53 ? 66   TYR A OH  1 
ATOM   504  N N   . VAL A 1 67  ? -6.761  9.787   -1.330  1.00 4.56  ? 67   VAL A N   1 
ATOM   505  C CA  . VAL A 1 67  ? -7.066  9.211   -0.019  1.00 5.59  ? 67   VAL A CA  1 
ATOM   506  C C   . VAL A 1 67  ? -5.904  9.654   0.871   1.00 5.33  ? 67   VAL A C   1 
ATOM   507  O O   . VAL A 1 67  ? -4.845  10.093  0.385   1.00 2.13  ? 67   VAL A O   1 
ATOM   508  C CB  . VAL A 1 67  ? -7.155  7.639   0.027   1.00 7.94  ? 67   VAL A CB  1 
ATOM   509  C CG1 . VAL A 1 67  ? -8.235  7.145   -0.921  1.00 8.90  ? 67   VAL A CG1 1 
ATOM   510  C CG2 . VAL A 1 67  ? -5.792  6.998   -0.277  1.00 4.72  ? 67   VAL A CG2 1 
ATOM   511  N N   . LYS A 1 68  ? -6.111  9.586   2.175   1.00 6.00  ? 68   LYS A N   1 
ATOM   512  C CA  . LYS A 1 68  ? -5.054  9.953   3.100   1.00 9.77  ? 68   LYS A CA  1 
ATOM   513  C C   . LYS A 1 68  ? -4.732  8.729   3.920   1.00 9.43  ? 68   LYS A C   1 
ATOM   514  O O   . LYS A 1 68  ? -5.635  8.051   4.410   1.00 11.72 ? 68   LYS A O   1 
ATOM   515  C CB  . LYS A 1 68  ? -5.496  11.099  4.017   1.00 9.41  ? 68   LYS A CB  1 
ATOM   516  C CG  . LYS A 1 68  ? -5.498  12.452  3.332   1.00 14.37 ? 68   LYS A CG  1 
ATOM   517  C CD  . LYS A 1 68  ? -5.839  13.559  4.308   1.00 18.07 ? 68   LYS A CD  1 
ATOM   518  C CE  . LYS A 1 68  ? -5.876  14.902  3.605   1.00 22.92 ? 68   LYS A CE  1 
ATOM   519  N NZ  . LYS A 1 68  ? -6.459  15.942  4.499   1.00 26.90 ? 68   LYS A NZ  1 
ATOM   520  N N   . ASP A 1 69  ? -3.450  8.422   4.025   1.00 8.06  ? 69   ASP A N   1 
ATOM   521  C CA  . ASP A 1 69  ? -3.000  7.288   4.804   1.00 8.02  ? 69   ASP A CA  1 
ATOM   522  C C   . ASP A 1 69  ? -2.428  7.843   6.104   1.00 10.49 ? 69   ASP A C   1 
ATOM   523  O O   . ASP A 1 69  ? -1.887  8.958   6.141   1.00 11.89 ? 69   ASP A O   1 
ATOM   524  C CB  . ASP A 1 69  ? -1.855  6.526   4.105   1.00 7.92  ? 69   ASP A CB  1 
ATOM   525  C CG  . ASP A 1 69  ? -2.321  5.654   2.943   1.00 12.11 ? 69   ASP A CG  1 
ATOM   526  O OD1 . ASP A 1 69  ? -3.538  5.565   2.673   1.00 8.85  ? 69   ASP A OD1 1 
ATOM   527  O OD2 . ASP A 1 69  ? -1.439  5.040   2.298   1.00 8.58  ? 69   ASP A OD2 1 
ATOM   528  N N   . ARG A 1 70  ? -2.557  7.062   7.164   1.00 6.48  ? 70   ARG A N   1 
ATOM   529  C CA  . ARG A 1 70  ? -1.982  7.397   8.451   1.00 8.81  ? 70   ARG A CA  1 
ATOM   530  C C   . ARG A 1 70  ? -1.170  6.157   8.842   1.00 8.44  ? 70   ARG A C   1 
ATOM   531  O O   . ARG A 1 70  ? -1.699  5.038   8.856   1.00 7.96  ? 70   ARG A O   1 
ATOM   532  C CB  . ARG A 1 70  ? -3.052  7.681   9.516   1.00 8.60  ? 70   ARG A CB  1 
ATOM   533  C CG  . ARG A 1 70  ? -2.513  7.403   10.926  1.00 19.54 ? 70   ARG A CG  1 
ATOM   534  C CD  . ARG A 1 70  ? -2.925  8.379   12.000  1.00 22.39 ? 70   ARG A CD  1 
ATOM   535  N NE  . ARG A 1 70  ? -4.331  8.320   12.393  1.00 28.94 ? 70   ARG A NE  1 
ATOM   536  C CZ  . ARG A 1 70  ? -5.020  7.206   12.633  1.00 31.58 ? 70   ARG A CZ  1 
ATOM   537  N NH1 . ARG A 1 70  ? -4.443  6.013   12.510  1.00 29.03 ? 70   ARG A NH1 1 
ATOM   538  N NH2 . ARG A 1 70  ? -6.289  7.295   13.031  1.00 26.81 ? 70   ARG A NH2 1 
ATOM   539  N N   . VAL A 1 71  ? 0.117   6.348   9.119   1.00 7.80  ? 71   VAL A N   1 
ATOM   540  C CA  . VAL A 1 71  ? 0.985   5.244   9.514   1.00 5.36  ? 71   VAL A CA  1 
ATOM   541  C C   . VAL A 1 71  ? 0.633   4.850   10.944  1.00 6.40  ? 71   VAL A C   1 
ATOM   542  O O   . VAL A 1 71  ? 0.535   5.704   11.840  1.00 6.84  ? 71   VAL A O   1 
ATOM   543  C CB  . VAL A 1 71  ? 2.465   5.649   9.403   1.00 4.82  ? 71   VAL A CB  1 
ATOM   544  C CG1 . VAL A 1 71  ? 3.364   4.487   9.814   1.00 7.93  ? 71   VAL A CG1 1 
ATOM   545  C CG2 . VAL A 1 71  ? 2.771   6.067   7.956   1.00 2.91  ? 71   VAL A CG2 1 
ATOM   546  N N   . ASP A 1 72  ? 0.402   3.560   11.163  1.00 5.02  ? 72   ASP A N   1 
ATOM   547  C CA  . ASP A 1 72  ? 0.037   3.103   12.495  1.00 5.13  ? 72   ASP A CA  1 
ATOM   548  C C   . ASP A 1 72  ? 1.208   2.458   13.213  1.00 4.14  ? 72   ASP A C   1 
ATOM   549  O O   . ASP A 1 72  ? 1.464   2.766   14.370  1.00 3.26  ? 72   ASP A O   1 
ATOM   550  C CB  . ASP A 1 72  ? -1.129  2.102   12.442  1.00 9.14  ? 72   ASP A CB  1 
ATOM   551  C CG  . ASP A 1 72  ? -2.423  2.728   11.931  1.00 12.55 ? 72   ASP A CG  1 
ATOM   552  O OD1 . ASP A 1 72  ? -2.722  3.873   12.324  1.00 13.22 ? 72   ASP A OD1 1 
ATOM   553  O OD2 . ASP A 1 72  ? -3.144  2.069   11.151  1.00 12.93 ? 72   ASP A OD2 1 
ATOM   554  N N   . GLU A 1 73  ? 1.920   1.574   12.526  1.00 5.42  ? 73   GLU A N   1 
ATOM   555  C CA  . GLU A 1 73  ? 3.049   0.868   13.142  1.00 9.16  ? 73   GLU A CA  1 
ATOM   556  C C   . GLU A 1 73  ? 4.047   0.428   12.074  1.00 8.11  ? 73   GLU A C   1 
ATOM   557  O O   . GLU A 1 73  ? 3.655   0.078   10.963  1.00 8.38  ? 73   GLU A O   1 
ATOM   558  C CB  . GLU A 1 73  ? 2.511   -0.356  13.887  1.00 11.65 ? 73   GLU A CB  1 
ATOM   559  C CG  . GLU A 1 73  ? 3.139   -0.615  15.222  1.00 18.96 ? 73   GLU A CG  1 
ATOM   560  C CD  . GLU A 1 73  ? 2.292   -1.543  16.064  1.00 24.33 ? 73   GLU A CD  1 
ATOM   561  O OE1 . GLU A 1 73  ? 2.062   -2.689  15.621  1.00 28.89 ? 73   GLU A OE1 1 
ATOM   562  O OE2 . GLU A 1 73  ? 1.851   -1.131  17.161  1.00 22.56 ? 73   GLU A OE2 1 
ATOM   563  N N   . VAL A 1 74  ? 5.333   0.440   12.410  1.00 7.98  ? 74   VAL A N   1 
ATOM   564  C CA  . VAL A 1 74  ? 6.366   0.031   11.460  1.00 7.40  ? 74   VAL A CA  1 
ATOM   565  C C   . VAL A 1 74  ? 7.421   -0.839  12.141  1.00 11.38 ? 74   VAL A C   1 
ATOM   566  O O   . VAL A 1 74  ? 8.069   -0.404  13.099  1.00 12.23 ? 74   VAL A O   1 
ATOM   567  C CB  . VAL A 1 74  ? 7.097   1.257   10.865  1.00 10.03 ? 74   VAL A CB  1 
ATOM   568  C CG1 . VAL A 1 74  ? 7.865   0.852   9.613   1.00 12.57 ? 74   VAL A CG1 1 
ATOM   569  C CG2 . VAL A 1 74  ? 6.111   2.371   10.565  1.00 10.49 ? 74   VAL A CG2 1 
ATOM   570  N N   . ASP A 1 75  ? 7.599   -2.060  11.643  1.00 10.43 ? 75   ASP A N   1 
ATOM   571  C CA  . ASP A 1 75  ? 8.597   -2.972  12.190  1.00 10.71 ? 75   ASP A CA  1 
ATOM   572  C C   . ASP A 1 75  ? 9.687   -3.146  11.125  1.00 12.09 ? 75   ASP A C   1 
ATOM   573  O O   . ASP A 1 75  ? 9.579   -4.001  10.234  1.00 11.02 ? 75   ASP A O   1 
ATOM   574  C CB  . ASP A 1 75  ? 7.964   -4.320  12.533  1.00 11.56 ? 75   ASP A CB  1 
ATOM   575  C CG  . ASP A 1 75  ? 8.937   -5.265  13.221  1.00 18.89 ? 75   ASP A CG  1 
ATOM   576  O OD1 . ASP A 1 75  ? 10.150  -5.226  12.914  1.00 22.19 ? 75   ASP A OD1 1 
ATOM   577  O OD2 . ASP A 1 75  ? 8.487   -6.062  14.066  1.00 21.59 ? 75   ASP A OD2 1 
ATOM   578  N N   . HIS A 1 76  ? 10.707  -2.296  11.210  1.00 10.74 ? 76   HIS A N   1 
ATOM   579  C CA  . HIS A 1 76  ? 11.839  -2.296  10.284  1.00 17.10 ? 76   HIS A CA  1 
ATOM   580  C C   . HIS A 1 76  ? 12.598  -3.620  10.327  1.00 19.45 ? 76   HIS A C   1 
ATOM   581  O O   . HIS A 1 76  ? 13.327  -3.956  9.391   1.00 22.28 ? 76   HIS A O   1 
ATOM   582  C CB  . HIS A 1 76  ? 12.817  -1.158  10.636  1.00 17.18 ? 76   HIS A CB  1 
ATOM   583  C CG  . HIS A 1 76  ? 12.348  0.204   10.227  1.00 19.53 ? 76   HIS A CG  1 
ATOM   584  N ND1 . HIS A 1 76  ? 11.118  0.711   10.584  1.00 26.34 ? 76   HIS A ND1 1 
ATOM   585  C CD2 . HIS A 1 76  ? 12.963  1.181   9.520   1.00 21.34 ? 76   HIS A CD2 1 
ATOM   586  C CE1 . HIS A 1 76  ? 10.994  1.941   10.116  1.00 22.20 ? 76   HIS A CE1 1 
ATOM   587  N NE2 . HIS A 1 76  ? 12.099  2.251   9.467   1.00 23.14 ? 76   HIS A NE2 1 
ATOM   588  N N   . THR A 1 77  ? 12.420  -4.370  11.407  1.00 18.03 ? 77   THR A N   1 
ATOM   589  C CA  . THR A 1 77  ? 13.120  -5.630  11.580  1.00 18.91 ? 77   THR A CA  1 
ATOM   590  C C   . THR A 1 77  ? 12.458  -6.831  10.927  1.00 17.82 ? 77   THR A C   1 
ATOM   591  O O   . THR A 1 77  ? 13.099  -7.529  10.143  1.00 19.50 ? 77   THR A O   1 
ATOM   592  C CB  . THR A 1 77  ? 13.342  -5.937  13.085  1.00 21.14 ? 77   THR A CB  1 
ATOM   593  O OG1 . THR A 1 77  ? 14.170  -4.912  13.655  1.00 23.38 ? 77   THR A OG1 1 
ATOM   594  C CG2 . THR A 1 77  ? 14.026  -7.285  13.267  1.00 21.81 ? 77   THR A CG2 1 
ATOM   595  N N   . ASN A 1 78  ? 11.191  -7.081  11.244  1.00 13.75 ? 78   ASN A N   1 
ATOM   596  C CA  . ASN A 1 78  ? 10.500  -8.224  10.659  1.00 15.22 ? 78   ASN A CA  1 
ATOM   597  C C   . ASN A 1 78  ? 9.639   -7.874  9.446   1.00 12.46 ? 78   ASN A C   1 
ATOM   598  O O   . ASN A 1 78  ? 8.797   -8.664  9.032   1.00 10.61 ? 78   ASN A O   1 
ATOM   599  C CB  . ASN A 1 78  ? 9.648   -8.940  11.709  1.00 16.95 ? 78   ASN A CB  1 
ATOM   600  C CG  . ASN A 1 78  ? 10.481  -9.527  12.828  1.00 23.03 ? 78   ASN A CG  1 
ATOM   601  O OD1 . ASN A 1 78  ? 11.679  -9.784  12.662  1.00 25.41 ? 78   ASN A OD1 1 
ATOM   602  N ND2 . ASN A 1 78  ? 9.850   -9.757  13.975  1.00 25.41 ? 78   ASN A ND2 1 
ATOM   603  N N   . PHE A 1 79  ? 9.858   -6.681  8.899   1.00 9.64  ? 79   PHE A N   1 
ATOM   604  C CA  . PHE A 1 79  ? 9.165   -6.207  7.711   1.00 9.08  ? 79   PHE A CA  1 
ATOM   605  C C   . PHE A 1 79  ? 7.649   -6.242  7.780   1.00 9.79  ? 79   PHE A C   1 
ATOM   606  O O   . PHE A 1 79  ? 6.993   -6.883  6.952   1.00 9.51  ? 79   PHE A O   1 
ATOM   607  C CB  . PHE A 1 79  ? 9.645   -6.998  6.482   1.00 9.82  ? 79   PHE A CB  1 
ATOM   608  C CG  . PHE A 1 79  ? 11.135  -7.158  6.422   1.00 10.47 ? 79   PHE A CG  1 
ATOM   609  C CD1 . PHE A 1 79  ? 11.971  -6.055  6.607   1.00 11.28 ? 79   PHE A CD1 1 
ATOM   610  C CD2 . PHE A 1 79  ? 11.710  -8.411  6.219   1.00 14.56 ? 79   PHE A CD2 1 
ATOM   611  C CE1 . PHE A 1 79  ? 13.356  -6.194  6.594   1.00 11.00 ? 79   PHE A CE1 1 
ATOM   612  C CE2 . PHE A 1 79  ? 13.103  -8.564  6.204   1.00 14.06 ? 79   PHE A CE2 1 
ATOM   613  C CZ  . PHE A 1 79  ? 13.923  -7.452  6.393   1.00 14.42 ? 79   PHE A CZ  1 
ATOM   614  N N   . LYS A 1 80  ? 7.099   -5.552  8.773   1.00 9.28  ? 80   LYS A N   1 
ATOM   615  C CA  . LYS A 1 80  ? 5.656   -5.475  8.949   1.00 9.06  ? 80   LYS A CA  1 
ATOM   616  C C   . LYS A 1 80  ? 5.291   -3.981  8.923   1.00 7.48  ? 80   LYS A C   1 
ATOM   617  O O   . LYS A 1 80  ? 5.963   -3.152  9.546   1.00 8.29  ? 80   LYS A O   1 
ATOM   618  C CB  . LYS A 1 80  ? 5.274   -6.120  10.285  1.00 10.72 ? 80   LYS A CB  1 
ATOM   619  C CG  . LYS A 1 80  ? 3.793   -6.408  10.467  1.00 17.74 ? 80   LYS A CG  1 
ATOM   620  C CD  . LYS A 1 80  ? 3.500   -6.927  11.864  0.00 15.40 ? 80   LYS A CD  1 
ATOM   621  C CE  . LYS A 1 80  ? 2.010   -7.121  12.080  0.00 16.00 ? 80   LYS A CE  1 
ATOM   622  N NZ  . LYS A 1 80  ? 1.706   -7.629  13.446  0.00 15.66 ? 80   LYS A NZ  1 
ATOM   623  N N   . TYR A 1 81  ? 4.236   -3.638  8.196   1.00 5.07  ? 81   TYR A N   1 
ATOM   624  C CA  . TYR A 1 81  ? 3.813   -2.254  8.089   1.00 5.15  ? 81   TYR A CA  1 
ATOM   625  C C   . TYR A 1 81  ? 2.300   -2.179  8.264   1.00 7.04  ? 81   TYR A C   1 
ATOM   626  O O   . TYR A 1 81  ? 1.555   -2.886  7.579   1.00 5.73  ? 81   TYR A O   1 
ATOM   627  C CB  . TYR A 1 81  ? 4.206   -1.728  6.712   1.00 7.64  ? 81   TYR A CB  1 
ATOM   628  C CG  . TYR A 1 81  ? 4.021   -0.253  6.507   1.00 13.20 ? 81   TYR A CG  1 
ATOM   629  C CD1 . TYR A 1 81  ? 4.880   0.666   7.100   1.00 14.95 ? 81   TYR A CD1 1 
ATOM   630  C CD2 . TYR A 1 81  ? 3.014   0.228   5.667   1.00 15.26 ? 81   TYR A CD2 1 
ATOM   631  C CE1 . TYR A 1 81  ? 4.750   2.027   6.856   1.00 16.53 ? 81   TYR A CE1 1 
ATOM   632  C CE2 . TYR A 1 81  ? 2.875   1.584   5.422   1.00 17.22 ? 81   TYR A CE2 1 
ATOM   633  C CZ  . TYR A 1 81  ? 3.748   2.475   6.017   1.00 16.99 ? 81   TYR A CZ  1 
ATOM   634  O OH  . TYR A 1 81  ? 3.631   3.816   5.760   1.00 23.26 ? 81   TYR A OH  1 
ATOM   635  N N   . ASN A 1 82  ? 1.856   -1.347  9.205   1.00 4.84  ? 82   ASN A N   1 
ATOM   636  C CA  . ASN A 1 82  ? 0.432   -1.169  9.463   1.00 6.04  ? 82   ASN A CA  1 
ATOM   637  C C   . ASN A 1 82  ? 0.045   0.270   9.226   1.00 6.46  ? 82   ASN A C   1 
ATOM   638  O O   . ASN A 1 82  ? 0.680   1.188   9.760   1.00 5.48  ? 82   ASN A O   1 
ATOM   639  C CB  . ASN A 1 82  ? 0.069   -1.542  10.911  1.00 9.13  ? 82   ASN A CB  1 
ATOM   640  C CG  . ASN A 1 82  ? 0.256   -3.020  11.196  1.00 12.42 ? 82   ASN A CG  1 
ATOM   641  O OD1 . ASN A 1 82  ? 1.367   -3.480  11.411  1.00 15.62 ? 82   ASN A OD1 1 
ATOM   642  N ND2 . ASN A 1 82  ? -0.834  -3.769  11.176  1.00 14.30 ? 82   ASN A ND2 1 
ATOM   643  N N   . TYR A 1 83  ? -0.993  0.477   8.421   1.00 4.92  ? 83   TYR A N   1 
ATOM   644  C CA  . TYR A 1 83  ? -1.458  1.828   8.153   1.00 4.87  ? 83   TYR A CA  1 
ATOM   645  C C   . TYR A 1 83  ? -2.969  1.817   7.949   1.00 5.62  ? 83   TYR A C   1 
ATOM   646  O O   . TYR A 1 83  ? -3.590  0.759   7.737   1.00 3.85  ? 83   TYR A O   1 
ATOM   647  C CB  . TYR A 1 83  ? -0.736  2.445   6.924   1.00 4.57  ? 83   TYR A CB  1 
ATOM   648  C CG  . TYR A 1 83  ? -1.208  1.942   5.578   1.00 4.40  ? 83   TYR A CG  1 
ATOM   649  C CD1 . TYR A 1 83  ? -0.667  0.780   5.024   1.00 6.72  ? 83   TYR A CD1 1 
ATOM   650  C CD2 . TYR A 1 83  ? -2.236  2.606   4.876   1.00 3.10  ? 83   TYR A CD2 1 
ATOM   651  C CE1 . TYR A 1 83  ? -1.126  0.276   3.815   1.00 4.51  ? 83   TYR A CE1 1 
ATOM   652  C CE2 . TYR A 1 83  ? -2.705  2.109   3.660   1.00 3.07  ? 83   TYR A CE2 1 
ATOM   653  C CZ  . TYR A 1 83  ? -2.144  0.942   3.140   1.00 7.10  ? 83   TYR A CZ  1 
ATOM   654  O OH  . TYR A 1 83  ? -2.584  0.414   1.959   1.00 5.59  ? 83   TYR A OH  1 
ATOM   655  N N   . SER A 1 84  ? -3.562  2.999   8.025   1.00 5.82  ? 84   SER A N   1 
ATOM   656  C CA  . SER A 1 84  ? -5.011  3.139   7.870   1.00 5.09  ? 84   SER A CA  1 
ATOM   657  C C   . SER A 1 84  ? -5.378  4.202   6.843   1.00 5.96  ? 84   SER A C   1 
ATOM   658  O O   . SER A 1 84  ? -4.700  5.224   6.736   1.00 4.52  ? 84   SER A O   1 
ATOM   659  C CB  . SER A 1 84  ? -5.642  3.537   9.206   1.00 5.70  ? 84   SER A CB  1 
ATOM   660  O OG  . SER A 1 84  ? -5.492  2.524   10.173  1.00 8.83  ? 84   SER A OG  1 
ATOM   661  N N   . VAL A 1 85  ? -6.437  3.945   6.077   1.00 5.83  ? 85   VAL A N   1 
ATOM   662  C CA  . VAL A 1 85  ? -6.937  4.916   5.113   1.00 6.01  ? 85   VAL A CA  1 
ATOM   663  C C   . VAL A 1 85  ? -7.965  5.635   5.975   1.00 9.01  ? 85   VAL A C   1 
ATOM   664  O O   . VAL A 1 85  ? -8.958  5.036   6.406   1.00 4.76  ? 85   VAL A O   1 
ATOM   665  C CB  . VAL A 1 85  ? -7.634  4.251   3.916   1.00 6.31  ? 85   VAL A CB  1 
ATOM   666  C CG1 . VAL A 1 85  ? -8.159  5.334   2.982   1.00 5.23  ? 85   VAL A CG1 1 
ATOM   667  C CG2 . VAL A 1 85  ? -6.665  3.337   3.174   1.00 7.77  ? 85   VAL A CG2 1 
ATOM   668  N N   . ILE A 1 86  ? -7.720  6.914   6.236   1.00 5.24  ? 86   ILE A N   1 
ATOM   669  C CA  . ILE A 1 86  ? -8.580  7.680   7.126   1.00 8.22  ? 86   ILE A CA  1 
ATOM   670  C C   . ILE A 1 86  ? -9.425  8.781   6.507   1.00 9.83  ? 86   ILE A C   1 
ATOM   671  O O   . ILE A 1 86  ? -10.249 9.384   7.203   1.00 10.59 ? 86   ILE A O   1 
ATOM   672  C CB  . ILE A 1 86  ? -7.740  8.322   8.233   1.00 7.07  ? 86   ILE A CB  1 
ATOM   673  C CG1 . ILE A 1 86  ? -6.734  9.306   7.618   1.00 9.91  ? 86   ILE A CG1 1 
ATOM   674  C CG2 . ILE A 1 86  ? -7.000  7.235   9.001   1.00 12.92 ? 86   ILE A CG2 1 
ATOM   675  C CD1 . ILE A 1 86  ? -6.019  10.175  8.656   1.00 12.24 ? 86   ILE A CD1 1 
ATOM   676  N N   . GLU A 1 87  ? -9.227  9.054   5.221   1.00 10.35 ? 87   GLU A N   1 
ATOM   677  C CA  . GLU A 1 87  ? -10.000 10.097  4.565   1.00 11.30 ? 87   GLU A CA  1 
ATOM   678  C C   . GLU A 1 87  ? -9.936  9.944   3.061   1.00 12.82 ? 87   GLU A C   1 
ATOM   679  O O   . GLU A 1 87  ? -8.964  9.407   2.539   1.00 9.76  ? 87   GLU A O   1 
ATOM   680  C CB  . GLU A 1 87  ? -9.456  11.466  4.961   1.00 13.33 ? 87   GLU A CB  1 
ATOM   681  C CG  . GLU A 1 87  ? -10.259 12.618  4.413   1.00 14.62 ? 87   GLU A CG  1 
ATOM   682  C CD  . GLU A 1 87  ? -9.549  13.943  4.579   1.00 18.14 ? 87   GLU A CD  1 
ATOM   683  O OE1 . GLU A 1 87  ? -9.334  14.620  3.553   1.00 22.12 ? 87   GLU A OE1 1 
ATOM   684  O OE2 . GLU A 1 87  ? -9.205  14.302  5.727   1.00 13.85 ? 87   GLU A OE2 1 
ATOM   685  N N   . GLY A 1 88  ? -10.980 10.412  2.373   1.00 11.39 ? 88   GLY A N   1 
ATOM   686  C CA  . GLY A 1 88  ? -11.015 10.334  0.925   1.00 11.76 ? 88   GLY A CA  1 
ATOM   687  C C   . GLY A 1 88  ? -11.813 9.179   0.345   1.00 15.02 ? 88   GLY A C   1 
ATOM   688  O O   . GLY A 1 88  ? -12.028 8.143   0.991   1.00 11.33 ? 88   GLY A O   1 
ATOM   689  N N   . GLY A 1 89  ? -12.253 9.352   -0.899  1.00 17.08 ? 89   GLY A N   1 
ATOM   690  C CA  . GLY A 1 89  ? -13.022 8.310   -1.545  1.00 16.86 ? 89   GLY A CA  1 
ATOM   691  C C   . GLY A 1 89  ? -14.219 7.940   -0.694  1.00 18.89 ? 89   GLY A C   1 
ATOM   692  O O   . GLY A 1 89  ? -14.888 8.817   -0.142  1.00 18.35 ? 89   GLY A O   1 
ATOM   693  N N   . PRO A 1 90  ? -14.512 6.642   -0.558  1.00 17.89 ? 90   PRO A N   1 
ATOM   694  C CA  . PRO A 1 90  ? -15.651 6.188   0.246   1.00 19.88 ? 90   PRO A CA  1 
ATOM   695  C C   . PRO A 1 90  ? -15.498 6.411   1.753   1.00 20.85 ? 90   PRO A C   1 
ATOM   696  O O   . PRO A 1 90  ? -16.486 6.398   2.480   1.00 20.39 ? 90   PRO A O   1 
ATOM   697  C CB  . PRO A 1 90  ? -15.751 4.709   -0.111  1.00 19.90 ? 90   PRO A CB  1 
ATOM   698  C CG  . PRO A 1 90  ? -14.321 4.340   -0.355  1.00 22.25 ? 90   PRO A CG  1 
ATOM   699  C CD  . PRO A 1 90  ? -13.815 5.504   -1.176  1.00 19.02 ? 90   PRO A CD  1 
ATOM   700  N N   . VAL A 1 91  ? -14.269 6.618   2.223   1.00 20.65 ? 91   VAL A N   1 
ATOM   701  C CA  . VAL A 1 91  ? -14.068 6.830   3.648   1.00 23.57 ? 91   VAL A CA  1 
ATOM   702  C C   . VAL A 1 91  ? -14.728 8.149   4.055   1.00 26.02 ? 91   VAL A C   1 
ATOM   703  O O   . VAL A 1 91  ? -14.413 9.205   3.516   1.00 28.32 ? 91   VAL A O   1 
ATOM   704  C CB  . VAL A 1 91  ? -12.571 6.841   4.013   1.00 22.75 ? 91   VAL A CB  1 
ATOM   705  C CG1 . VAL A 1 91  ? -12.415 6.995   5.505   1.00 23.49 ? 91   VAL A CG1 1 
ATOM   706  C CG2 . VAL A 1 91  ? -11.910 5.549   3.551   1.00 19.82 ? 91   VAL A CG2 1 
ATOM   707  N N   . GLY A 1 92  ? -15.663 8.069   4.996   1.00 26.30 ? 92   GLY A N   1 
ATOM   708  C CA  . GLY A 1 92  ? -16.380 9.250   5.442   1.00 28.87 ? 92   GLY A CA  1 
ATOM   709  C C   . GLY A 1 92  ? -17.777 9.212   4.848   1.00 29.13 ? 92   GLY A C   1 
ATOM   710  O O   . GLY A 1 92  ? -18.655 9.993   5.203   1.00 31.84 ? 92   GLY A O   1 
ATOM   711  N N   . ASP A 1 93  ? -17.975 8.281   3.927   1.00 30.76 ? 93   ASP A N   1 
ATOM   712  C CA  . ASP A 1 93  ? -19.256 8.103   3.264   1.00 29.15 ? 93   ASP A CA  1 
ATOM   713  C C   . ASP A 1 93  ? -19.848 6.782   3.772   1.00 29.30 ? 93   ASP A C   1 
ATOM   714  O O   . ASP A 1 93  ? -20.599 6.751   4.760   1.00 27.73 ? 93   ASP A O   1 
ATOM   715  C CB  . ASP A 1 93  ? -19.037 8.038   1.748   1.00 32.09 ? 93   ASP A CB  1 
ATOM   716  C CG  . ASP A 1 93  ? -20.313 8.273   0.951   1.00 36.15 ? 93   ASP A CG  1 
ATOM   717  O OD1 . ASP A 1 93  ? -21.380 7.754   1.348   1.00 35.83 ? 93   ASP A OD1 1 
ATOM   718  O OD2 . ASP A 1 93  ? -20.244 8.972   -0.086  1.00 38.76 ? 93   ASP A OD2 1 
ATOM   719  N N   . THR A 1 94  ? -19.485 5.692   3.100   1.00 25.82 ? 94   THR A N   1 
ATOM   720  C CA  . THR A 1 94  ? -19.973 4.358   3.454   1.00 24.21 ? 94   THR A CA  1 
ATOM   721  C C   . THR A 1 94  ? -19.035 3.607   4.396   1.00 21.93 ? 94   THR A C   1 
ATOM   722  O O   . THR A 1 94  ? -19.416 2.575   4.965   1.00 19.31 ? 94   THR A O   1 
ATOM   723  C CB  . THR A 1 94  ? -20.159 3.497   2.200   1.00 23.27 ? 94   THR A CB  1 
ATOM   724  O OG1 . THR A 1 94  ? -18.955 3.536   1.425   1.00 24.83 ? 94   THR A OG1 1 
ATOM   725  C CG2 . THR A 1 94  ? -21.312 4.012   1.359   1.00 25.50 ? 94   THR A CG2 1 
ATOM   726  N N   . LEU A 1 95  ? -17.808 4.110   4.536   1.00 18.98 ? 95   LEU A N   1 
ATOM   727  C CA  . LEU A 1 95  ? -16.813 3.494   5.405   1.00 15.66 ? 95   LEU A CA  1 
ATOM   728  C C   . LEU A 1 95  ? -16.317 4.470   6.450   1.00 15.26 ? 95   LEU A C   1 
ATOM   729  O O   . LEU A 1 95  ? -16.280 5.683   6.226   1.00 16.58 ? 95   LEU A O   1 
ATOM   730  C CB  . LEU A 1 95  ? -15.598 3.001   4.600   1.00 16.83 ? 95   LEU A CB  1 
ATOM   731  C CG  . LEU A 1 95  ? -15.805 1.997   3.470   1.00 16.58 ? 95   LEU A CG  1 
ATOM   732  C CD1 . LEU A 1 95  ? -14.508 1.839   2.694   1.00 15.83 ? 95   LEU A CD1 1 
ATOM   733  C CD2 . LEU A 1 95  ? -16.264 0.666   4.044   1.00 16.63 ? 95   LEU A CD2 1 
ATOM   734  N N   . GLU A 1 96  ? -15.930 3.938   7.597   1.00 11.24 ? 96   GLU A N   1 
ATOM   735  C CA  . GLU A 1 96  ? -15.396 4.771   8.660   1.00 15.02 ? 96   GLU A CA  1 
ATOM   736  C C   . GLU A 1 96  ? -13.887 4.837   8.481   1.00 12.95 ? 96   GLU A C   1 
ATOM   737  O O   . GLU A 1 96  ? -13.278 5.873   8.714   1.00 12.48 ? 96   GLU A O   1 
ATOM   738  C CB  . GLU A 1 96  ? -15.724 4.182   10.028  1.00 17.31 ? 96   GLU A CB  1 
ATOM   739  C CG  . GLU A 1 96  ? -17.203 3.978   10.259  1.00 26.16 ? 96   GLU A CG  1 
ATOM   740  C CD  . GLU A 1 96  ? -17.539 3.822   11.731  1.00 33.68 ? 96   GLU A CD  1 
ATOM   741  O OE1 . GLU A 1 96  ? -16.815 3.077   12.431  1.00 36.11 ? 96   GLU A OE1 1 
ATOM   742  O OE2 . GLU A 1 96  ? -18.534 4.436   12.183  1.00 38.00 ? 96   GLU A OE2 1 
ATOM   743  N N   . LYS A 1 97  ? -13.294 3.719   8.066   1.00 10.65 ? 97   LYS A N   1 
ATOM   744  C CA  . LYS A 1 97  ? -11.854 3.646   7.843   1.00 11.09 ? 97   LYS A CA  1 
ATOM   745  C C   . LYS A 1 97  ? -11.472 2.274   7.330   1.00 10.11 ? 97   LYS A C   1 
ATOM   746  O O   . LYS A 1 97  ? -12.274 1.338   7.376   1.00 7.80  ? 97   LYS A O   1 
ATOM   747  C CB  . LYS A 1 97  ? -11.078 3.922   9.140   1.00 15.38 ? 97   LYS A CB  1 
ATOM   748  C CG  . LYS A 1 97  ? -11.267 2.870   10.217  1.00 17.87 ? 97   LYS A CG  1 
ATOM   749  C CD  . LYS A 1 97  ? -10.289 3.072   11.362  1.00 18.20 ? 97   LYS A CD  1 
ATOM   750  C CE  . LYS A 1 97  ? -10.287 1.873   12.296  1.00 19.48 ? 97   LYS A CE  1 
ATOM   751  N NZ  . LYS A 1 97  ? -9.306  2.046   13.411  1.00 24.83 ? 97   LYS A NZ  1 
ATOM   752  N N   . ILE A 1 98  ? -10.248 2.168   6.821   1.00 6.96  ? 98   ILE A N   1 
ATOM   753  C CA  . ILE A 1 98  ? -9.718  0.902   6.328   1.00 7.13  ? 98   ILE A CA  1 
ATOM   754  C C   . ILE A 1 98  ? -8.389  0.748   7.051   1.00 8.71  ? 98   ILE A C   1 
ATOM   755  O O   . ILE A 1 98  ? -7.568  1.675   7.038   1.00 7.98  ? 98   ILE A O   1 
ATOM   756  C CB  . ILE A 1 98  ? -9.411  0.916   4.811   1.00 3.72  ? 98   ILE A CB  1 
ATOM   757  C CG1 . ILE A 1 98  ? -10.610 1.430   4.018   1.00 4.23  ? 98   ILE A CG1 1 
ATOM   758  C CG2 . ILE A 1 98  ? -9.026  -0.495  4.363   1.00 6.46  ? 98   ILE A CG2 1 
ATOM   759  C CD1 . ILE A 1 98  ? -10.322 1.626   2.542   1.00 4.24  ? 98   ILE A CD1 1 
ATOM   760  N N   . SER A 1 99  ? -8.191  -0.401  7.680   1.00 5.84  ? 99   SER A N   1 
ATOM   761  C CA  . SER A 1 99  ? -6.956  -0.696  8.423   1.00 9.24  ? 99   SER A CA  1 
ATOM   762  C C   . SER A 1 99  ? -6.246  -1.790  7.664   1.00 7.03  ? 99   SER A C   1 
ATOM   763  O O   . SER A 1 99  ? -6.810  -2.862  7.459   1.00 8.36  ? 99   SER A O   1 
ATOM   764  C CB  . SER A 1 99  ? -7.271  -1.209  9.835   1.00 9.32  ? 99   SER A CB  1 
ATOM   765  O OG  . SER A 1 99  ? -8.094  -0.301  10.542  1.00 19.73 ? 99   SER A OG  1 
ATOM   766  N N   . ASN A 1 100 ? -4.998  -1.538  7.291   1.00 8.57  ? 100  ASN A N   1 
ATOM   767  C CA  . ASN A 1 100 ? -4.243  -2.495  6.511   1.00 9.07  ? 100  ASN A CA  1 
ATOM   768  C C   . ASN A 1 100 ? -2.954  -2.943  7.155   1.00 10.34 ? 100  ASN A C   1 
ATOM   769  O O   . ASN A 1 100 ? -2.340  -2.225  7.951   1.00 8.28  ? 100  ASN A O   1 
ATOM   770  C CB  . ASN A 1 100 ? -3.916  -1.900  5.150   1.00 12.73 ? 100  ASN A CB  1 
ATOM   771  C CG  . ASN A 1 100 ? -5.144  -1.449  4.413   1.00 15.62 ? 100  ASN A CG  1 
ATOM   772  O OD1 . ASN A 1 100 ? -6.099  -2.202  4.263   1.00 17.05 ? 100  ASN A OD1 1 
ATOM   773  N ND2 . ASN A 1 100 ? -5.128  -0.213  3.946   1.00 21.34 ? 100  ASN A ND2 1 
ATOM   774  N N   . GLU A 1 101 ? -2.544  -4.144  6.789   1.00 9.08  ? 101  GLU A N   1 
ATOM   775  C CA  . GLU A 1 101 ? -1.300  -4.691  7.289   1.00 11.77 ? 101  GLU A CA  1 
ATOM   776  C C   . GLU A 1 101 ? -0.553  -5.331  6.143   1.00 12.59 ? 101  GLU A C   1 
ATOM   777  O O   . GLU A 1 101 ? -1.138  -6.055  5.341   1.00 11.80 ? 101  GLU A O   1 
ATOM   778  C CB  . GLU A 1 101 ? -1.549  -5.745  8.357   1.00 12.49 ? 101  GLU A CB  1 
ATOM   779  C CG  . GLU A 1 101 ? -0.253  -6.365  8.870   1.00 20.16 ? 101  GLU A CG  1 
ATOM   780  C CD  . GLU A 1 101 ? -0.490  -7.333  10.002  1.00 22.67 ? 101  GLU A CD  1 
ATOM   781  O OE1 . GLU A 1 101 ? -1.085  -6.912  11.015  1.00 27.98 ? 101  GLU A OE1 1 
ATOM   782  O OE2 . GLU A 1 101 ? -0.082  -8.509  9.879   1.00 28.89 ? 101  GLU A OE2 1 
ATOM   783  N N   . ILE A 1 102 ? 0.738   -5.038  6.050   1.00 9.36  ? 102  ILE A N   1 
ATOM   784  C CA  . ILE A 1 102 ? 1.552   -5.634  5.026   1.00 10.47 ? 102  ILE A CA  1 
ATOM   785  C C   . ILE A 1 102 ? 2.719   -6.306  5.739   1.00 11.35 ? 102  ILE A C   1 
ATOM   786  O O   . ILE A 1 102 ? 3.388   -5.692  6.578   1.00 9.59  ? 102  ILE A O   1 
ATOM   787  C CB  . ILE A 1 102 ? 2.092   -4.603  4.022   1.00 10.93 ? 102  ILE A CB  1 
ATOM   788  C CG1 . ILE A 1 102 ? 0.926   -3.924  3.294   1.00 14.29 ? 102  ILE A CG1 1 
ATOM   789  C CG2 . ILE A 1 102 ? 2.978   -5.314  2.991   1.00 11.69 ? 102  ILE A CG2 1 
ATOM   790  C CD1 . ILE A 1 102 ? 1.360   -2.919  2.270   1.00 18.35 ? 102  ILE A CD1 1 
ATOM   791  N N   . LYS A 1 103 ? 2.923   -7.583  5.436   1.00 9.60  ? 103  LYS A N   1 
ATOM   792  C CA  . LYS A 1 103 ? 4.027   -8.337  6.019   1.00 9.68  ? 103  LYS A CA  1 
ATOM   793  C C   . LYS A 1 103 ? 4.789   -8.954  4.862   1.00 9.52  ? 103  LYS A C   1 
ATOM   794  O O   . LYS A 1 103 ? 4.194   -9.636  4.031   1.00 9.66  ? 103  LYS A O   1 
ATOM   795  C CB  . LYS A 1 103 ? 3.496   -9.434  6.933   1.00 11.01 ? 103  LYS A CB  1 
ATOM   796  C CG  . LYS A 1 103 ? 4.591   -10.270 7.605   1.00 15.52 ? 103  LYS A CG  1 
ATOM   797  C CD  . LYS A 1 103 ? 3.990   -11.314 8.534   0.00 14.05 ? 103  LYS A CD  1 
ATOM   798  C CE  . LYS A 1 103 ? 5.071   -12.114 9.243   0.00 14.45 ? 103  LYS A CE  1 
ATOM   799  N NZ  . LYS A 1 103 ? 4.495   -13.138 10.157  0.00 14.25 ? 103  LYS A NZ  1 
ATOM   800  N N   . ILE A 1 104 ? 6.097   -8.719  4.793   1.00 7.79  ? 104  ILE A N   1 
ATOM   801  C CA  . ILE A 1 104 ? 6.886   -9.287  3.709   1.00 9.65  ? 104  ILE A CA  1 
ATOM   802  C C   . ILE A 1 104 ? 7.759   -10.407 4.268   1.00 11.18 ? 104  ILE A C   1 
ATOM   803  O O   . ILE A 1 104 ? 8.498   -10.207 5.232   1.00 10.91 ? 104  ILE A O   1 
ATOM   804  C CB  . ILE A 1 104 ? 7.761   -8.205  3.029   1.00 8.07  ? 104  ILE A CB  1 
ATOM   805  C CG1 . ILE A 1 104 ? 6.904   -6.967  2.731   1.00 9.01  ? 104  ILE A CG1 1 
ATOM   806  C CG2 . ILE A 1 104 ? 8.357   -8.763  1.722   1.00 9.66  ? 104  ILE A CG2 1 
ATOM   807  C CD1 . ILE A 1 104 ? 7.507   -5.992  1.718   1.00 7.01  ? 104  ILE A CD1 1 
ATOM   808  N N   . VAL A 1 105 ? 7.659   -11.595 3.681   1.00 9.40  ? 105  VAL A N   1 
ATOM   809  C CA  . VAL A 1 105 ? 8.434   -12.733 4.170   1.00 9.55  ? 105  VAL A CA  1 
ATOM   810  C C   . VAL A 1 105 ? 9.353   -13.267 3.074   1.00 7.16  ? 105  VAL A C   1 
ATOM   811  O O   . VAL A 1 105 ? 8.973   -13.333 1.908   1.00 6.52  ? 105  VAL A O   1 
ATOM   812  C CB  . VAL A 1 105 ? 7.502   -13.852 4.662   1.00 10.77 ? 105  VAL A CB  1 
ATOM   813  C CG1 . VAL A 1 105 ? 6.611   -13.334 5.800   1.00 12.37 ? 105  VAL A CG1 1 
ATOM   814  C CG2 . VAL A 1 105 ? 6.629   -14.318 3.524   1.00 16.96 ? 105  VAL A CG2 1 
ATOM   815  N N   . ALA A 1 106 ? 10.565  -13.642 3.457   1.00 8.92  ? 106  ALA A N   1 
ATOM   816  C CA  . ALA A 1 106 ? 11.551  -14.150 2.509   1.00 8.54  ? 106  ALA A CA  1 
ATOM   817  C C   . ALA A 1 106 ? 11.224  -15.574 2.073   1.00 9.90  ? 106  ALA A C   1 
ATOM   818  O O   . ALA A 1 106 ? 10.597  -16.321 2.816   1.00 9.59  ? 106  ALA A O   1 
ATOM   819  C CB  . ALA A 1 106 ? 12.950  -14.108 3.146   1.00 8.27  ? 106  ALA A CB  1 
ATOM   820  N N   . THR A 1 107 ? 11.621  -15.930 0.857   1.00 10.24 ? 107  THR A N   1 
ATOM   821  C CA  . THR A 1 107 ? 11.438  -17.287 0.360   1.00 15.22 ? 107  THR A CA  1 
ATOM   822  C C   . THR A 1 107 ? 12.863  -17.789 0.112   1.00 15.28 ? 107  THR A C   1 
ATOM   823  O O   . THR A 1 107 ? 13.771  -16.990 -0.112  1.00 15.82 ? 107  THR A O   1 
ATOM   824  C CB  . THR A 1 107 ? 10.598  -17.329 -0.933  1.00 16.25 ? 107  THR A CB  1 
ATOM   825  O OG1 . THR A 1 107 ? 11.093  -16.366 -1.867  1.00 19.73 ? 107  THR A OG1 1 
ATOM   826  C CG2 . THR A 1 107 ? 9.152   -17.038 -0.616  1.00 17.00 ? 107  THR A CG2 1 
ATOM   827  N N   . PRO A 1 108 ? 13.076  -19.113 0.165   1.00 15.83 ? 108  PRO A N   1 
ATOM   828  C CA  . PRO A 1 108 ? 14.380  -19.755 -0.028  1.00 14.90 ? 108  PRO A CA  1 
ATOM   829  C C   . PRO A 1 108 ? 15.108  -19.473 -1.332  1.00 13.54 ? 108  PRO A C   1 
ATOM   830  O O   . PRO A 1 108 ? 16.325  -19.571 -1.387  1.00 13.85 ? 108  PRO A O   1 
ATOM   831  C CB  . PRO A 1 108 ? 14.064  -21.239 0.132   1.00 17.61 ? 108  PRO A CB  1 
ATOM   832  C CG  . PRO A 1 108 ? 12.864  -21.243 1.014   1.00 17.15 ? 108  PRO A CG  1 
ATOM   833  C CD  . PRO A 1 108 ? 12.043  -20.134 0.410   1.00 16.83 ? 108  PRO A CD  1 
ATOM   834  N N   . ASP A 1 109 ? 14.373  -19.115 -2.379  1.00 13.30 ? 109  ASP A N   1 
ATOM   835  C CA  . ASP A 1 109 ? 14.997  -18.840 -3.663  1.00 13.45 ? 109  ASP A CA  1 
ATOM   836  C C   . ASP A 1 109 ? 15.555  -17.428 -3.793  1.00 13.87 ? 109  ASP A C   1 
ATOM   837  O O   . ASP A 1 109 ? 16.091  -17.067 -4.832  1.00 16.03 ? 109  ASP A O   1 
ATOM   838  C CB  . ASP A 1 109 ? 14.003  -19.111 -4.798  1.00 17.90 ? 109  ASP A CB  1 
ATOM   839  C CG  . ASP A 1 109 ? 12.699  -18.337 -4.647  1.00 20.21 ? 109  ASP A CG  1 
ATOM   840  O OD1 . ASP A 1 109 ? 12.523  -17.608 -3.647  1.00 20.58 ? 109  ASP A OD1 1 
ATOM   841  O OD2 . ASP A 1 109 ? 11.840  -18.463 -5.545  1.00 27.21 ? 109  ASP A OD2 1 
ATOM   842  N N   . GLY A 1 110 ? 15.430  -16.621 -2.746  1.00 12.08 ? 110  GLY A N   1 
ATOM   843  C CA  . GLY A 1 110 ? 15.949  -15.270 -2.829  1.00 10.84 ? 110  GLY A CA  1 
ATOM   844  C C   . GLY A 1 110 ? 14.873  -14.235 -3.099  1.00 10.38 ? 110  GLY A C   1 
ATOM   845  O O   . GLY A 1 110 ? 15.166  -13.040 -3.177  1.00 14.41 ? 110  GLY A O   1 
ATOM   846  N N   . GLY A 1 111 ? 13.631  -14.689 -3.248  1.00 9.72  ? 111  GLY A N   1 
ATOM   847  C CA  . GLY A 1 111 ? 12.514  -13.778 -3.476  1.00 9.83  ? 111  GLY A CA  1 
ATOM   848  C C   . GLY A 1 111 ? 11.736  -13.469 -2.201  1.00 8.15  ? 111  GLY A C   1 
ATOM   849  O O   . GLY A 1 111 ? 12.263  -13.550 -1.087  1.00 5.44  ? 111  GLY A O   1 
ATOM   850  N N   . CYS A 1 112 ? 10.469  -13.101 -2.341  1.00 7.66  ? 112  CYS A N   1 
ATOM   851  C CA  . CYS A 1 112 ? 9.673   -12.808 -1.167  1.00 7.49  ? 112  CYS A CA  1 
ATOM   852  C C   . CYS A 1 112 ? 8.188   -12.891 -1.462  1.00 8.07  ? 112  CYS A C   1 
ATOM   853  O O   . CYS A 1 112 ? 7.775   -12.962 -2.622  1.00 8.57  ? 112  CYS A O   1 
ATOM   854  C CB  . CYS A 1 112 ? 10.027  -11.416 -0.600  1.00 5.57  ? 112  CYS A CB  1 
ATOM   855  S SG  . CYS A 1 112 ? 9.422   -9.958  -1.509  1.00 9.48  ? 112  CYS A SG  1 
ATOM   856  N N   . VAL A 1 113 ? 7.396   -12.904 -0.396  1.00 9.86  ? 113  VAL A N   1 
ATOM   857  C CA  . VAL A 1 113 ? 5.946   -12.955 -0.501  1.00 10.43 ? 113  VAL A CA  1 
ATOM   858  C C   . VAL A 1 113 ? 5.385   -11.824 0.348   1.00 11.51 ? 113  VAL A C   1 
ATOM   859  O O   . VAL A 1 113 ? 5.813   -11.619 1.485   1.00 11.77 ? 113  VAL A O   1 
ATOM   860  C CB  . VAL A 1 113 ? 5.370   -14.301 0.030   1.00 13.78 ? 113  VAL A CB  1 
ATOM   861  C CG1 . VAL A 1 113 ? 3.836   -14.288 -0.049  1.00 14.94 ? 113  VAL A CG1 1 
ATOM   862  C CG2 . VAL A 1 113 ? 5.910   -15.457 -0.789  1.00 13.37 ? 113  VAL A CG2 1 
ATOM   863  N N   . LEU A 1 114 ? 4.448   -11.070 -0.212  1.00 10.45 ? 114  LEU A N   1 
ATOM   864  C CA  . LEU A 1 114 ? 3.834   -9.987  0.537   1.00 11.44 ? 114  LEU A CA  1 
ATOM   865  C C   . LEU A 1 114 ? 2.463   -10.471 0.958   1.00 11.18 ? 114  LEU A C   1 
ATOM   866  O O   . LEU A 1 114 ? 1.656   -10.853 0.109   1.00 9.85  ? 114  LEU A O   1 
ATOM   867  C CB  . LEU A 1 114 ? 3.694   -8.732  -0.327  1.00 15.37 ? 114  LEU A CB  1 
ATOM   868  C CG  . LEU A 1 114 ? 4.986   -8.031  -0.755  1.00 17.95 ? 114  LEU A CG  1 
ATOM   869  C CD1 . LEU A 1 114 ? 5.697   -8.842  -1.831  1.00 20.08 ? 114  LEU A CD1 1 
ATOM   870  C CD2 . LEU A 1 114 ? 4.638   -6.639  -1.285  1.00 22.21 ? 114  LEU A CD2 1 
ATOM   871  N N   . LYS A 1 115 ? 2.217   -10.490 2.265   1.00 8.71  ? 115  LYS A N   1 
ATOM   872  C CA  . LYS A 1 115 ? 0.922   -10.904 2.799   1.00 10.61 ? 115  LYS A CA  1 
ATOM   873  C C   . LYS A 1 115 ? 0.158   -9.639  3.144   1.00 10.56 ? 115  LYS A C   1 
ATOM   874  O O   . LYS A 1 115 ? 0.563   -8.852  3.996   1.00 11.91 ? 115  LYS A O   1 
ATOM   875  C CB  . LYS A 1 115 ? 1.101   -11.786 4.034   1.00 13.17 ? 115  LYS A CB  1 
ATOM   876  C CG  . LYS A 1 115 ? 1.871   -13.085 3.745   1.00 20.19 ? 115  LYS A CG  1 
ATOM   877  C CD  . LYS A 1 115 ? 1.985   -13.945 5.008   1.00 23.27 ? 115  LYS A CD  1 
ATOM   878  C CE  . LYS A 1 115 ? 2.946   -15.103 4.827   1.00 28.12 ? 115  LYS A CE  1 
ATOM   879  N NZ  . LYS A 1 115 ? 2.463   -16.133 3.867   1.00 29.35 ? 115  LYS A NZ  1 
ATOM   880  N N   . ILE A 1 116 ? -0.958  -9.438  2.465   1.00 11.04 ? 116  ILE A N   1 
ATOM   881  C CA  . ILE A 1 116 ? -1.736  -8.243  2.665   1.00 11.10 ? 116  ILE A CA  1 
ATOM   882  C C   . ILE A 1 116 ? -3.062  -8.499  3.361   1.00 13.91 ? 116  ILE A C   1 
ATOM   883  O O   . ILE A 1 116 ? -3.803  -9.417  2.999   1.00 13.41 ? 116  ILE A O   1 
ATOM   884  C CB  . ILE A 1 116 ? -1.952  -7.580  1.311   1.00 14.19 ? 116  ILE A CB  1 
ATOM   885  C CG1 . ILE A 1 116 ? -0.577  -7.333  0.665   1.00 12.87 ? 116  ILE A CG1 1 
ATOM   886  C CG2 . ILE A 1 116 ? -2.753  -6.293  1.470   1.00 13.93 ? 116  ILE A CG2 1 
ATOM   887  C CD1 . ILE A 1 116 ? -0.609  -6.972  -0.802  1.00 19.19 ? 116  ILE A CD1 1 
ATOM   888  N N   . SER A 1 117 ? -3.333  -7.714  4.398   1.00 12.85 ? 117  SER A N   1 
ATOM   889  C CA  . SER A 1 117 ? -4.591  -7.835  5.122   1.00 12.51 ? 117  SER A CA  1 
ATOM   890  C C   . SER A 1 117 ? -5.271  -6.475  5.122   1.00 12.75 ? 117  SER A C   1 
ATOM   891  O O   . SER A 1 117 ? -4.645  -5.463  5.459   1.00 10.54 ? 117  SER A O   1 
ATOM   892  C CB  . SER A 1 117 ? -4.351  -8.299  6.556   1.00 16.20 ? 117  SER A CB  1 
ATOM   893  O OG  . SER A 1 117 ? -5.559  -8.248  7.298   1.00 24.12 ? 117  SER A OG  1 
ATOM   894  N N   . ASN A 1 118 ? -6.544  -6.460  4.726   1.00 9.97  ? 118  ASN A N   1 
ATOM   895  C CA  . ASN A 1 118 ? -7.341  -5.240  4.663   1.00 10.72 ? 118  ASN A CA  1 
ATOM   896  C C   . ASN A 1 118 ? -8.608  -5.427  5.497   1.00 11.40 ? 118  ASN A C   1 
ATOM   897  O O   . ASN A 1 118 ? -9.350  -6.400  5.299   1.00 12.17 ? 118  ASN A O   1 
ATOM   898  C CB  . ASN A 1 118 ? -7.786  -4.940  3.230   1.00 11.91 ? 118  ASN A CB  1 
ATOM   899  C CG  . ASN A 1 118 ? -6.632  -4.877  2.239   1.00 17.81 ? 118  ASN A CG  1 
ATOM   900  O OD1 . ASN A 1 118 ? -6.669  -5.534  1.210   1.00 19.71 ? 118  ASN A OD1 1 
ATOM   901  N ND2 . ASN A 1 118 ? -5.619  -4.074  2.535   1.00 19.57 ? 118  ASN A ND2 1 
ATOM   902  N N   . LYS A 1 119 ? -8.844  -4.510  6.429   1.00 11.37 ? 119  LYS A N   1 
ATOM   903  C CA  . LYS A 1 119 ? -10.038 -4.549  7.267   1.00 10.35 ? 119  LYS A CA  1 
ATOM   904  C C   . LYS A 1 119 ? -10.882 -3.298  6.988   1.00 8.91  ? 119  LYS A C   1 
ATOM   905  O O   . LYS A 1 119 ? -10.477 -2.172  7.299   1.00 7.70  ? 119  LYS A O   1 
ATOM   906  C CB  . LYS A 1 119 ? -9.650  -4.612  8.744   1.00 12.79 ? 119  LYS A CB  1 
ATOM   907  C CG  . LYS A 1 119 ? -9.155  -5.988  9.176   1.00 18.25 ? 119  LYS A CG  1 
ATOM   908  C CD  . LYS A 1 119 ? -8.347  -5.909  10.456  1.00 22.18 ? 119  LYS A CD  1 
ATOM   909  C CE  . LYS A 1 119 ? -8.055  -7.291  11.024  1.00 27.81 ? 119  LYS A CE  1 
ATOM   910  N NZ  . LYS A 1 119 ? -9.310  -7.935  11.518  1.00 29.87 ? 119  LYS A NZ  1 
ATOM   911  N N   . TYR A 1 120 ? -12.051 -3.507  6.391   1.00 9.07  ? 120  TYR A N   1 
ATOM   912  C CA  . TYR A 1 120 ? -12.946 -2.410  6.059   1.00 9.84  ? 120  TYR A CA  1 
ATOM   913  C C   . TYR A 1 120 ? -13.977 -2.202  7.154   1.00 10.70 ? 120  TYR A C   1 
ATOM   914  O O   . TYR A 1 120 ? -14.832 -3.061  7.380   1.00 12.75 ? 120  TYR A O   1 
ATOM   915  C CB  . TYR A 1 120 ? -13.652 -2.683  4.727   1.00 8.33  ? 120  TYR A CB  1 
ATOM   916  C CG  . TYR A 1 120 ? -12.715 -2.817  3.543   1.00 10.54 ? 120  TYR A CG  1 
ATOM   917  C CD1 . TYR A 1 120 ? -12.122 -4.040  3.233   1.00 11.63 ? 120  TYR A CD1 1 
ATOM   918  C CD2 . TYR A 1 120 ? -12.421 -1.716  2.727   1.00 8.93  ? 120  TYR A CD2 1 
ATOM   919  C CE1 . TYR A 1 120 ? -11.259 -4.170  2.133   1.00 10.94 ? 120  TYR A CE1 1 
ATOM   920  C CE2 . TYR A 1 120 ? -11.559 -1.831  1.631   1.00 8.45  ? 120  TYR A CE2 1 
ATOM   921  C CZ  . TYR A 1 120 ? -10.982 -3.059  1.343   1.00 14.26 ? 120  TYR A CZ  1 
ATOM   922  O OH  . TYR A 1 120 ? -10.108 -3.169  0.282   1.00 13.65 ? 120  TYR A OH  1 
ATOM   923  N N   . HIS A 1 121 ? -13.883 -1.072  7.853   1.00 10.96 ? 121  HIS A N   1 
ATOM   924  C CA  . HIS A 1 121 ? -14.830 -0.754  8.923   1.00 14.46 ? 121  HIS A CA  1 
ATOM   925  C C   . HIS A 1 121 ? -15.942 0.054   8.271   1.00 15.80 ? 121  HIS A C   1 
ATOM   926  O O   . HIS A 1 121 ? -15.730 1.195   7.862   1.00 11.84 ? 121  HIS A O   1 
ATOM   927  C CB  . HIS A 1 121 ? -14.169 0.079   10.022  1.00 14.02 ? 121  HIS A CB  1 
ATOM   928  C CG  . HIS A 1 121 ? -13.090 -0.645  10.763  1.00 14.94 ? 121  HIS A CG  1 
ATOM   929  N ND1 . HIS A 1 121 ? -11.884 -0.982  10.184  1.00 19.40 ? 121  HIS A ND1 1 
ATOM   930  C CD2 . HIS A 1 121 ? -13.040 -1.110  12.030  1.00 12.37 ? 121  HIS A CD2 1 
ATOM   931  C CE1 . HIS A 1 121 ? -11.139 -1.625  11.067  1.00 16.96 ? 121  HIS A CE1 1 
ATOM   932  N NE2 . HIS A 1 121 ? -11.818 -1.716  12.195  1.00 18.13 ? 121  HIS A NE2 1 
ATOM   933  N N   . THR A 1 122 ? -17.125 -0.540  8.179   1.00 17.30 ? 122  THR A N   1 
ATOM   934  C CA  . THR A 1 122 ? -18.246 0.119   7.525   1.00 20.62 ? 122  THR A CA  1 
ATOM   935  C C   . THR A 1 122 ? -19.080 1.020   8.409   1.00 23.29 ? 122  THR A C   1 
ATOM   936  O O   . THR A 1 122 ? -18.996 0.990   9.642   1.00 23.35 ? 122  THR A O   1 
ATOM   937  C CB  . THR A 1 122 ? -19.200 -0.898  6.915   1.00 20.17 ? 122  THR A CB  1 
ATOM   938  O OG1 . THR A 1 122 ? -19.724 -1.723  7.959   1.00 23.41 ? 122  THR A OG1 1 
ATOM   939  C CG2 . THR A 1 122 ? -18.487 -1.769  5.905   1.00 25.72 ? 122  THR A CG2 1 
ATOM   940  N N   . LYS A 1 123 ? -19.887 1.835   7.746   1.00 26.94 ? 123  LYS A N   1 
ATOM   941  C CA  . LYS A 1 123 ? -20.797 2.737   8.426   1.00 32.34 ? 123  LYS A CA  1 
ATOM   942  C C   . LYS A 1 123 ? -22.173 2.126   8.190   1.00 33.54 ? 123  LYS A C   1 
ATOM   943  O O   . LYS A 1 123 ? -22.474 1.690   7.076   1.00 32.76 ? 123  LYS A O   1 
ATOM   944  C CB  . LYS A 1 123 ? -20.731 4.142   7.814   1.00 34.05 ? 123  LYS A CB  1 
ATOM   945  C CG  . LYS A 1 123 ? -19.384 4.835   7.974   1.00 36.32 ? 123  LYS A CG  1 
ATOM   946  C CD  . LYS A 1 123 ? -19.353 6.190   7.269   1.00 38.64 ? 123  LYS A CD  1 
ATOM   947  C CE  . LYS A 1 123 ? -20.197 7.248   7.981   1.00 40.72 ? 123  LYS A CE  1 
ATOM   948  N NZ  . LYS A 1 123 ? -19.553 7.740   9.241   1.00 42.50 ? 123  LYS A NZ  1 
ATOM   949  N N   . GLY A 1 124 ? -22.988 2.065   9.241   1.00 34.67 ? 124  GLY A N   1 
ATOM   950  C CA  . GLY A 1 124 ? -24.322 1.508   9.107   1.00 35.16 ? 124  GLY A CA  1 
ATOM   951  C C   . GLY A 1 124 ? -24.332 0.064   8.657   1.00 36.55 ? 124  GLY A C   1 
ATOM   952  O O   . GLY A 1 124 ? -23.579 -0.761  9.177   1.00 38.56 ? 124  GLY A O   1 
ATOM   953  N N   . ASN A 1 125 ? -25.182 -0.250  7.688   1.00 35.29 ? 125  ASN A N   1 
ATOM   954  C CA  . ASN A 1 125 ? -25.271 -1.616  7.194   1.00 35.38 ? 125  ASN A CA  1 
ATOM   955  C C   . ASN A 1 125 ? -24.787 -1.744  5.748   1.00 32.95 ? 125  ASN A C   1 
ATOM   956  O O   . ASN A 1 125 ? -25.342 -2.516  4.961   1.00 33.22 ? 125  ASN A O   1 
ATOM   957  C CB  . ASN A 1 125 ? -26.715 -2.128  7.308   1.00 40.89 ? 125  ASN A CB  1 
ATOM   958  C CG  . ASN A 1 125 ? -27.678 -1.376  6.403   1.00 46.02 ? 125  ASN A CG  1 
ATOM   959  O OD1 . ASN A 1 125 ? -27.287 -0.444  5.693   1.00 50.60 ? 125  ASN A OD1 1 
ATOM   960  N ND2 . ASN A 1 125 ? -28.944 -1.779  6.422   1.00 48.87 ? 125  ASN A ND2 1 
ATOM   961  N N   . HIS A 1 126 ? -23.749 -0.995  5.397   1.00 26.68 ? 126  HIS A N   1 
ATOM   962  C CA  . HIS A 1 126 ? -23.210 -1.063  4.042   1.00 23.87 ? 126  HIS A CA  1 
ATOM   963  C C   . HIS A 1 126 ? -22.447 -2.380  3.853   1.00 20.12 ? 126  HIS A C   1 
ATOM   964  O O   . HIS A 1 126 ? -21.771 -2.834  4.767   1.00 23.03 ? 126  HIS A O   1 
ATOM   965  C CB  . HIS A 1 126 ? -22.267 0.119   3.807   1.00 21.31 ? 126  HIS A CB  1 
ATOM   966  C CG  . HIS A 1 126 ? -21.527 0.053   2.509   1.00 20.88 ? 126  HIS A CG  1 
ATOM   967  N ND1 . HIS A 1 126 ? -22.148 0.219   1.289   1.00 20.80 ? 126  HIS A ND1 1 
ATOM   968  C CD2 . HIS A 1 126 ? -20.214 -0.148  2.241   1.00 19.50 ? 126  HIS A CD2 1 
ATOM   969  C CE1 . HIS A 1 126 ? -21.248 0.131   0.324   1.00 22.14 ? 126  HIS A CE1 1 
ATOM   970  N NE2 . HIS A 1 126 ? -20.067 -0.092  0.875   1.00 20.52 ? 126  HIS A NE2 1 
ATOM   971  N N   . GLU A 1 127 ? -22.561 -2.993  2.677   1.00 18.97 ? 127  GLU A N   1 
ATOM   972  C CA  . GLU A 1 127 ? -21.854 -4.242  2.407   1.00 17.73 ? 127  GLU A CA  1 
ATOM   973  C C   . GLU A 1 127 ? -20.659 -4.015  1.488   1.00 19.84 ? 127  GLU A C   1 
ATOM   974  O O   . GLU A 1 127 ? -20.785 -3.339  0.477   1.00 17.73 ? 127  GLU A O   1 
ATOM   975  C CB  . GLU A 1 127 ? -22.779 -5.265  1.730   1.00 17.12 ? 127  GLU A CB  1 
ATOM   976  C CG  . GLU A 1 127 ? -22.052 -6.567  1.397   1.00 16.78 ? 127  GLU A CG  1 
ATOM   977  C CD  . GLU A 1 127 ? -22.889 -7.579  0.630   1.00 17.99 ? 127  GLU A CD  1 
ATOM   978  O OE1 . GLU A 1 127 ? -22.403 -8.709  0.436   1.00 14.29 ? 127  GLU A OE1 1 
ATOM   979  O OE2 . GLU A 1 127 ? -24.019 -7.255  0.213   1.00 19.32 ? 127  GLU A OE2 1 
ATOM   980  N N   . VAL A 1 128 ? -19.492 -4.558  1.835   1.00 20.26 ? 128  VAL A N   1 
ATOM   981  C CA  . VAL A 1 128 ? -18.351 -4.420  0.940   1.00 21.90 ? 128  VAL A CA  1 
ATOM   982  C C   . VAL A 1 128 ? -18.242 -5.768  0.227   1.00 23.14 ? 128  VAL A C   1 
ATOM   983  O O   . VAL A 1 128 ? -17.899 -6.791  0.826   1.00 23.07 ? 128  VAL A O   1 
ATOM   984  C CB  . VAL A 1 128 ? -17.017 -4.087  1.683   1.00 22.06 ? 128  VAL A CB  1 
ATOM   985  C CG1 . VAL A 1 128 ? -17.238 -2.996  2.702   1.00 20.66 ? 128  VAL A CG1 1 
ATOM   986  C CG2 . VAL A 1 128 ? -16.449 -5.301  2.329   1.00 26.03 ? 128  VAL A CG2 1 
ATOM   987  N N   . LYS A 1 129 ? -18.571 -5.769  -1.057  1.00 27.06 ? 129  LYS A N   1 
ATOM   988  C CA  . LYS A 1 129 ? -18.534 -6.989  -1.843  1.00 29.56 ? 129  LYS A CA  1 
ATOM   989  C C   . LYS A 1 129 ? -17.107 -7.409  -2.185  1.00 31.88 ? 129  LYS A C   1 
ATOM   990  O O   . LYS A 1 129 ? -16.282 -6.584  -2.597  1.00 32.47 ? 129  LYS A O   1 
ATOM   991  C CB  . LYS A 1 129 ? -19.342 -6.796  -3.126  1.00 30.78 ? 129  LYS A CB  1 
ATOM   992  C CG  . LYS A 1 129 ? -20.812 -6.481  -2.897  0.00 29.99 ? 129  LYS A CG  1 
ATOM   993  C CD  . LYS A 1 129 ? -21.542 -6.304  -4.218  0.00 29.90 ? 129  LYS A CD  1 
ATOM   994  C CE  . LYS A 1 129 ? -23.009 -5.967  -4.003  0.00 29.70 ? 129  LYS A CE  1 
ATOM   995  N NZ  . LYS A 1 129 ? -23.730 -5.780  -5.292  0.00 29.58 ? 129  LYS A NZ  1 
ATOM   996  N N   . ALA A 1 130 ? -16.829 -8.699  -2.016  1.00 32.38 ? 130  ALA A N   1 
ATOM   997  C CA  . ALA A 1 130 ? -15.511 -9.255  -2.305  1.00 32.15 ? 130  ALA A CA  1 
ATOM   998  C C   . ALA A 1 130 ? -15.076 -8.982  -3.747  1.00 33.46 ? 130  ALA A C   1 
ATOM   999  O O   . ALA A 1 130 ? -13.881 -8.984  -4.061  1.00 32.77 ? 130  ALA A O   1 
ATOM   1000 C CB  . ALA A 1 130 ? -15.518 -10.754 -2.034  1.00 34.01 ? 130  ALA A CB  1 
ATOM   1001 N N   . GLU A 1 131 ? -16.049 -8.740  -4.621  1.00 32.87 ? 131  GLU A N   1 
ATOM   1002 C CA  . GLU A 1 131 ? -15.768 -8.471  -6.025  1.00 30.47 ? 131  GLU A CA  1 
ATOM   1003 C C   . GLU A 1 131 ? -15.343 -7.029  -6.242  1.00 29.66 ? 131  GLU A C   1 
ATOM   1004 O O   . GLU A 1 131 ? -14.564 -6.734  -7.147  1.00 28.98 ? 131  GLU A O   1 
ATOM   1005 C CB  . GLU A 1 131 ? -17.003 -8.772  -6.882  1.00 31.14 ? 131  GLU A CB  1 
ATOM   1006 C CG  . GLU A 1 131 ? -17.483 -10.212 -6.789  0.00 30.67 ? 131  GLU A CG  1 
ATOM   1007 C CD  . GLU A 1 131 ? -18.687 -10.485 -7.669  0.00 30.64 ? 131  GLU A CD  1 
ATOM   1008 O OE1 . GLU A 1 131 ? -18.580 -10.300 -8.900  0.00 30.54 ? 131  GLU A OE1 1 
ATOM   1009 O OE2 . GLU A 1 131 ? -19.739 -10.888 -7.132  0.00 30.54 ? 131  GLU A OE2 1 
ATOM   1010 N N   . GLN A 1 132 ? -15.855 -6.129  -5.410  1.00 28.61 ? 132  GLN A N   1 
ATOM   1011 C CA  . GLN A 1 132 ? -15.514 -4.718  -5.536  1.00 27.56 ? 132  GLN A CA  1 
ATOM   1012 C C   . GLN A 1 132 ? -14.098 -4.417  -5.030  1.00 26.55 ? 132  GLN A C   1 
ATOM   1013 O O   . GLN A 1 132 ? -13.447 -3.487  -5.513  1.00 25.11 ? 132  GLN A O   1 
ATOM   1014 C CB  . GLN A 1 132 ? -16.531 -3.861  -4.777  1.00 27.76 ? 132  GLN A CB  1 
ATOM   1015 C CG  . GLN A 1 132 ? -17.958 -3.990  -5.283  0.00 27.50 ? 132  GLN A CG  1 
ATOM   1016 C CD  . GLN A 1 132 ? -18.918 -3.072  -4.553  0.00 27.45 ? 132  GLN A CD  1 
ATOM   1017 O OE1 . GLN A 1 132 ? -18.759 -1.851  -4.568  0.00 27.38 ? 132  GLN A OE1 1 
ATOM   1018 N NE2 . GLN A 1 132 ? -19.921 -3.654  -3.909  0.00 27.38 ? 132  GLN A NE2 1 
ATOM   1019 N N   . VAL A 1 133 ? -13.624 -5.208  -4.070  1.00 25.73 ? 133  VAL A N   1 
ATOM   1020 C CA  . VAL A 1 133 ? -12.290 -5.012  -3.502  1.00 24.23 ? 133  VAL A CA  1 
ATOM   1021 C C   . VAL A 1 133 ? -11.177 -5.509  -4.418  1.00 23.73 ? 133  VAL A C   1 
ATOM   1022 O O   . VAL A 1 133 ? -9.999  -5.227  -4.175  1.00 22.79 ? 133  VAL A O   1 
ATOM   1023 C CB  . VAL A 1 133 ? -12.137 -5.715  -2.124  1.00 24.81 ? 133  VAL A CB  1 
ATOM   1024 C CG1 . VAL A 1 133 ? -13.262 -5.289  -1.190  1.00 20.77 ? 133  VAL A CG1 1 
ATOM   1025 C CG2 . VAL A 1 133 ? -12.115 -7.222  -2.300  1.00 24.98 ? 133  VAL A CG2 1 
ATOM   1026 N N   . LYS A 1 134 ? -11.539 -6.246  -5.468  1.00 21.80 ? 134  LYS A N   1 
ATOM   1027 C CA  . LYS A 1 134 ? -10.532 -6.759  -6.399  1.00 20.74 ? 134  LYS A CA  1 
ATOM   1028 C C   . LYS A 1 134 ? -9.782  -5.592  -7.051  1.00 19.14 ? 134  LYS A C   1 
ATOM   1029 O O   . LYS A 1 134 ? -8.673  -5.758  -7.564  1.00 18.58 ? 134  LYS A O   1 
ATOM   1030 C CB  . LYS A 1 134 ? -11.178 -7.634  -7.476  1.00 18.58 ? 134  LYS A CB  1 
ATOM   1031 C CG  . LYS A 1 134 ? -11.904 -8.853  -6.931  0.00 19.39 ? 134  LYS A CG  1 
ATOM   1032 C CD  . LYS A 1 134 ? -12.511 -9.681  -8.052  0.00 19.17 ? 134  LYS A CD  1 
ATOM   1033 C CE  . LYS A 1 134 ? -13.227 -10.908 -7.507  0.00 19.26 ? 134  LYS A CE  1 
ATOM   1034 N NZ  . LYS A 1 134 ? -13.821 -11.734 -8.593  0.00 19.24 ? 134  LYS A NZ  1 
ATOM   1035 N N   . ALA A 1 135 ? -10.387 -4.410  -7.021  1.00 17.19 ? 135  ALA A N   1 
ATOM   1036 C CA  . ALA A 1 135 ? -9.745  -3.239  -7.587  1.00 18.38 ? 135  ALA A CA  1 
ATOM   1037 C C   . ALA A 1 135 ? -8.518  -2.855  -6.753  1.00 17.31 ? 135  ALA A C   1 
ATOM   1038 O O   . ALA A 1 135 ? -7.516  -2.388  -7.299  1.00 15.70 ? 135  ALA A O   1 
ATOM   1039 C CB  . ALA A 1 135 ? -10.734 -2.066  -7.657  1.00 20.94 ? 135  ALA A CB  1 
ATOM   1040 N N   . SER A 1 136 ? -8.575  -3.042  -5.436  1.00 16.62 ? 136  SER A N   1 
ATOM   1041 C CA  . SER A 1 136 ? -7.410  -2.678  -4.638  1.00 16.56 ? 136  SER A CA  1 
ATOM   1042 C C   . SER A 1 136 ? -6.289  -3.697  -4.859  1.00 16.13 ? 136  SER A C   1 
ATOM   1043 O O   . SER A 1 136 ? -5.109  -3.358  -4.761  1.00 14.15 ? 136  SER A O   1 
ATOM   1044 C CB  . SER A 1 136 ? -7.752  -2.561  -3.145  1.00 17.83 ? 136  SER A CB  1 
ATOM   1045 O OG  . SER A 1 136 ? -8.294  -3.766  -2.638  1.00 26.96 ? 136  SER A OG  1 
ATOM   1046 N N   . LYS A 1 137 ? -6.664  -4.934  -5.176  1.00 17.14 ? 137  LYS A N   1 
ATOM   1047 C CA  . LYS A 1 137 ? -5.687  -5.993  -5.440  1.00 15.76 ? 137  LYS A CA  1 
ATOM   1048 C C   . LYS A 1 137 ? -4.922  -5.676  -6.727  1.00 15.19 ? 137  LYS A C   1 
ATOM   1049 O O   . LYS A 1 137 ? -3.689  -5.710  -6.746  1.00 12.49 ? 137  LYS A O   1 
ATOM   1050 C CB  . LYS A 1 137 ? -6.396  -7.344  -5.577  1.00 17.69 ? 137  LYS A CB  1 
ATOM   1051 C CG  . LYS A 1 137 ? -5.467  -8.532  -5.843  1.00 21.03 ? 137  LYS A CG  1 
ATOM   1052 C CD  . LYS A 1 137 ? -6.245  -9.828  -6.004  0.00 19.99 ? 137  LYS A CD  1 
ATOM   1053 C CE  . LYS A 1 137 ? -5.310  -10.997 -6.275  0.00 20.30 ? 137  LYS A CE  1 
ATOM   1054 N NZ  . LYS A 1 137 ? -6.051  -12.279 -6.442  0.00 20.17 ? 137  LYS A NZ  1 
ATOM   1055 N N   . GLU A 1 138 ? -5.653  -5.368  -7.798  1.00 13.82 ? 138  GLU A N   1 
ATOM   1056 C CA  . GLU A 1 138 ? -5.031  -5.032  -9.084  1.00 15.71 ? 138  GLU A CA  1 
ATOM   1057 C C   . GLU A 1 138 ? -4.150  -3.780  -8.983  1.00 15.29 ? 138  GLU A C   1 
ATOM   1058 O O   . GLU A 1 138 ? -3.098  -3.694  -9.619  1.00 16.91 ? 138  GLU A O   1 
ATOM   1059 C CB  . GLU A 1 138 ? -6.099  -4.825  -10.161 1.00 21.33 ? 138  GLU A CB  1 
ATOM   1060 C CG  . GLU A 1 138 ? -6.609  -6.117  -10.788 1.00 30.39 ? 138  GLU A CG  1 
ATOM   1061 C CD  . GLU A 1 138 ? -7.610  -5.871  -11.909 1.00 35.17 ? 138  GLU A CD  1 
ATOM   1062 O OE1 . GLU A 1 138 ? -8.782  -5.549  -11.607 1.00 35.73 ? 138  GLU A OE1 1 
ATOM   1063 O OE2 . GLU A 1 138 ? -7.221  -5.988  -13.094 1.00 38.41 ? 138  GLU A OE2 1 
ATOM   1064 N N   . MET A 1 139 ? -4.575  -2.806  -8.193  1.00 16.00 ? 139  MET A N   1 
ATOM   1065 C CA  . MET A 1 139 ? -3.777  -1.596  -8.017  1.00 16.69 ? 139  MET A CA  1 
ATOM   1066 C C   . MET A 1 139 ? -2.482  -2.013  -7.316  1.00 16.90 ? 139  MET A C   1 
ATOM   1067 O O   . MET A 1 139 ? -1.387  -1.617  -7.718  1.00 13.06 ? 139  MET A O   1 
ATOM   1068 C CB  . MET A 1 139 ? -4.535  -0.586  -7.146  1.00 19.17 ? 139  MET A CB  1 
ATOM   1069 C CG  . MET A 1 139 ? -3.693  0.591   -6.658  1.00 18.87 ? 139  MET A CG  1 
ATOM   1070 S SD  . MET A 1 139 ? -3.227  1.725   -7.975  1.00 26.01 ? 139  MET A SD  1 
ATOM   1071 C CE  . MET A 1 139 ? -4.726  2.718   -8.092  1.00 21.22 ? 139  MET A CE  1 
ATOM   1072 N N   . GLY A 1 140 ? -2.629  -2.831  -6.274  1.00 14.77 ? 140  GLY A N   1 
ATOM   1073 C CA  . GLY A 1 140 ? -1.485  -3.297  -5.515  1.00 14.12 ? 140  GLY A CA  1 
ATOM   1074 C C   . GLY A 1 140 ? -0.471  -4.007  -6.382  1.00 14.52 ? 140  GLY A C   1 
ATOM   1075 O O   . GLY A 1 140 ? 0.725   -3.720  -6.296  1.00 13.04 ? 140  GLY A O   1 
ATOM   1076 N N   . GLU A 1 141 ? -0.962  -4.938  -7.202  1.00 15.91 ? 141  GLU A N   1 
ATOM   1077 C CA  . GLU A 1 141 ? -0.160  -5.733  -8.133  1.00 16.34 ? 141  GLU A CA  1 
ATOM   1078 C C   . GLU A 1 141 ? 0.568   -4.848  -9.147  1.00 15.47 ? 141  GLU A C   1 
ATOM   1079 O O   . GLU A 1 141 ? 1.750   -5.042  -9.428  1.00 14.01 ? 141  GLU A O   1 
ATOM   1080 C CB  . GLU A 1 141 ? -1.072  -6.696  -8.899  1.00 19.43 ? 141  GLU A CB  1 
ATOM   1081 C CG  . GLU A 1 141 ? -1.124  -8.128  -8.390  1.00 27.60 ? 141  GLU A CG  1 
ATOM   1082 C CD  . GLU A 1 141 ? 0.149   -8.901  -8.700  1.00 29.98 ? 141  GLU A CD  1 
ATOM   1083 O OE1 . GLU A 1 141 ? 0.777   -8.628  -9.749  1.00 33.13 ? 141  GLU A OE1 1 
ATOM   1084 O OE2 . GLU A 1 141 ? 0.511   -9.790  -7.904  1.00 32.82 ? 141  GLU A OE2 1 
ATOM   1085 N N   . THR A 1 142 ? -0.158  -3.892  -9.713  1.00 13.45 ? 142  THR A N   1 
ATOM   1086 C CA  . THR A 1 142 ? 0.415   -2.986  -10.700 1.00 13.49 ? 142  THR A CA  1 
ATOM   1087 C C   . THR A 1 142 ? 1.623   -2.257  -10.121 1.00 12.19 ? 142  THR A C   1 
ATOM   1088 O O   . THR A 1 142 ? 2.706   -2.262  -10.719 1.00 13.34 ? 142  THR A O   1 
ATOM   1089 C CB  . THR A 1 142 ? -0.623  -1.944  -11.161 1.00 14.94 ? 142  THR A CB  1 
ATOM   1090 O OG1 . THR A 1 142 ? -1.696  -2.611  -11.825 1.00 17.63 ? 142  THR A OG1 1 
ATOM   1091 C CG2 . THR A 1 142 ? 0.006   -0.937  -12.124 1.00 14.85 ? 142  THR A CG2 1 
ATOM   1092 N N   . LEU A 1 143 ? 1.432   -1.637  -8.957  1.00 10.36 ? 143  LEU A N   1 
ATOM   1093 C CA  . LEU A 1 143 ? 2.500   -0.896  -8.282  1.00 10.34 ? 143  LEU A CA  1 
ATOM   1094 C C   . LEU A 1 143 ? 3.675   -1.819  -7.959  1.00 10.26 ? 143  LEU A C   1 
ATOM   1095 O O   . LEU A 1 143 ? 4.838   -1.477  -8.198  1.00 8.59  ? 143  LEU A O   1 
ATOM   1096 C CB  . LEU A 1 143 ? 1.955   -0.235  -7.004  1.00 8.20  ? 143  LEU A CB  1 
ATOM   1097 C CG  . LEU A 1 143 ? 0.824   0.778   -7.263  1.00 9.74  ? 143  LEU A CG  1 
ATOM   1098 C CD1 . LEU A 1 143 ? 0.421   1.463   -5.951  1.00 8.15  ? 143  LEU A CD1 1 
ATOM   1099 C CD2 . LEU A 1 143 ? 1.292   1.833   -8.257  1.00 9.24  ? 143  LEU A CD2 1 
ATOM   1100 N N   . LEU A 1 144 ? 3.368   -2.997  -7.426  1.00 10.31 ? 144  LEU A N   1 
ATOM   1101 C CA  . LEU A 1 144 ? 4.405   -3.974  -7.102  1.00 10.63 ? 144  LEU A CA  1 
ATOM   1102 C C   . LEU A 1 144 ? 5.251   -4.351  -8.328  1.00 11.59 ? 144  LEU A C   1 
ATOM   1103 O O   . LEU A 1 144 ? 6.478   -4.347  -8.256  1.00 9.70  ? 144  LEU A O   1 
ATOM   1104 C CB  . LEU A 1 144 ? 3.780   -5.246  -6.527  1.00 11.87 ? 144  LEU A CB  1 
ATOM   1105 C CG  . LEU A 1 144 ? 4.758   -6.418  -6.364  1.00 14.27 ? 144  LEU A CG  1 
ATOM   1106 C CD1 . LEU A 1 144 ? 5.970   -5.957  -5.562  1.00 14.70 ? 144  LEU A CD1 1 
ATOM   1107 C CD2 . LEU A 1 144 ? 4.064   -7.593  -5.676  1.00 14.43 ? 144  LEU A CD2 1 
ATOM   1108 N N   . ARG A 1 145 ? 4.602   -4.687  -9.444  1.00 11.02 ? 145  ARG A N   1 
ATOM   1109 C CA  . ARG A 1 145 ? 5.355   -5.076  -10.635 1.00 12.05 ? 145  ARG A CA  1 
ATOM   1110 C C   . ARG A 1 145 ? 6.197   -3.940  -11.200 1.00 11.66 ? 145  ARG A C   1 
ATOM   1111 O O   . ARG A 1 145 ? 7.264   -4.178  -11.776 1.00 10.63 ? 145  ARG A O   1 
ATOM   1112 C CB  . ARG A 1 145 ? 4.425   -5.620  -11.728 1.00 12.57 ? 145  ARG A CB  1 
ATOM   1113 C CG  . ARG A 1 145 ? 3.697   -6.902  -11.347 1.00 16.72 ? 145  ARG A CG  1 
ATOM   1114 C CD  . ARG A 1 145 ? 4.658   -7.976  -10.815 1.00 24.18 ? 145  ARG A CD  1 
ATOM   1115 N NE  . ARG A 1 145 ? 3.927   -8.981  -10.040 1.00 27.45 ? 145  ARG A NE  1 
ATOM   1116 C CZ  . ARG A 1 145 ? 4.486   -9.848  -9.199  1.00 28.67 ? 145  ARG A CZ  1 
ATOM   1117 N NH1 . ARG A 1 145 ? 5.802   -9.850  -9.010  1.00 26.23 ? 145  ARG A NH1 1 
ATOM   1118 N NH2 . ARG A 1 145 ? 3.718   -10.704 -8.531  1.00 26.06 ? 145  ARG A NH2 1 
ATOM   1119 N N   . ALA A 1 146 ? 5.725   -2.707  -11.024 1.00 10.63 ? 146  ALA A N   1 
ATOM   1120 C CA  . ALA A 1 146 ? 6.449   -1.542  -11.507 1.00 9.85  ? 146  ALA A CA  1 
ATOM   1121 C C   . ALA A 1 146 ? 7.705   -1.331  -10.682 1.00 9.66  ? 146  ALA A C   1 
ATOM   1122 O O   . ALA A 1 146 ? 8.765   -1.016  -11.223 1.00 9.84  ? 146  ALA A O   1 
ATOM   1123 C CB  . ALA A 1 146 ? 5.558   -0.296  -11.444 1.00 12.51 ? 146  ALA A CB  1 
ATOM   1124 N N   . VAL A 1 147 ? 7.588   -1.488  -9.368  1.00 5.97  ? 147  VAL A N   1 
ATOM   1125 C CA  . VAL A 1 147 ? 8.734   -1.324  -8.494  1.00 5.24  ? 147  VAL A CA  1 
ATOM   1126 C C   . VAL A 1 147 ? 9.702   -2.487  -8.691  1.00 3.82  ? 147  VAL A C   1 
ATOM   1127 O O   . VAL A 1 147 ? 10.915  -2.304  -8.676  1.00 4.67  ? 147  VAL A O   1 
ATOM   1128 C CB  . VAL A 1 147 ? 8.286   -1.250  -7.011  1.00 5.71  ? 147  VAL A CB  1 
ATOM   1129 C CG1 . VAL A 1 147 ? 9.461   -1.481  -6.077  1.00 6.12  ? 147  VAL A CG1 1 
ATOM   1130 C CG2 . VAL A 1 147 ? 7.669   0.101   -6.746  1.00 6.15  ? 147  VAL A CG2 1 
ATOM   1131 N N   . GLU A 1 148 ? 9.162   -3.684  -8.893  1.00 4.50  ? 148  GLU A N   1 
ATOM   1132 C CA  . GLU A 1 148 ? 10.013  -4.852  -9.090  1.00 7.63  ? 148  GLU A CA  1 
ATOM   1133 C C   . GLU A 1 148 ? 10.876  -4.678  -10.346 1.00 8.53  ? 148  GLU A C   1 
ATOM   1134 O O   . GLU A 1 148 ? 12.086  -4.914  -10.320 1.00 9.61  ? 148  GLU A O   1 
ATOM   1135 C CB  . GLU A 1 148 ? 9.148   -6.107  -9.197  1.00 6.24  ? 148  GLU A CB  1 
ATOM   1136 C CG  . GLU A 1 148 ? 9.929   -7.406  -9.330  1.00 8.21  ? 148  GLU A CG  1 
ATOM   1137 C CD  . GLU A 1 148 ? 8.990   -8.579  -9.505  1.00 16.96 ? 148  GLU A CD  1 
ATOM   1138 O OE1 . GLU A 1 148 ? 8.321   -8.638  -10.561 1.00 15.41 ? 148  GLU A OE1 1 
ATOM   1139 O OE2 . GLU A 1 148 ? 8.903   -9.424  -8.581  1.00 18.18 ? 148  GLU A OE2 1 
ATOM   1140 N N   . SER A 1 149 ? 10.243  -4.248  -11.434 1.00 8.25  ? 149  SER A N   1 
ATOM   1141 C CA  . SER A 1 149 ? 10.916  -4.019  -12.710 1.00 8.05  ? 149  SER A CA  1 
ATOM   1142 C C   . SER A 1 149 ? 12.061  -3.009  -12.531 1.00 12.17 ? 149  SER A C   1 
ATOM   1143 O O   . SER A 1 149 ? 13.173  -3.204  -13.052 1.00 11.05 ? 149  SER A O   1 
ATOM   1144 C CB  . SER A 1 149 ? 9.891   -3.512  -13.730 1.00 13.42 ? 149  SER A CB  1 
ATOM   1145 O OG  . SER A 1 149 ? 10.418  -3.487  -15.046 1.00 22.49 ? 149  SER A OG  1 
ATOM   1146 N N   . TYR A 1 150 ? 11.796  -1.939  -11.784 1.00 8.95  ? 150  TYR A N   1 
ATOM   1147 C CA  . TYR A 1 150 ? 12.810  -0.923  -11.522 1.00 9.25  ? 150  TYR A CA  1 
ATOM   1148 C C   . TYR A 1 150 ? 13.975  -1.492  -10.719 1.00 7.89  ? 150  TYR A C   1 
ATOM   1149 O O   . TYR A 1 150 ? 15.137  -1.225  -11.030 1.00 10.48 ? 150  TYR A O   1 
ATOM   1150 C CB  . TYR A 1 150 ? 12.195  0.252   -10.746 1.00 14.37 ? 150  TYR A CB  1 
ATOM   1151 C CG  . TYR A 1 150 ? 13.175  1.345   -10.382 1.00 15.25 ? 150  TYR A CG  1 
ATOM   1152 C CD1 . TYR A 1 150 ? 13.441  2.394   -11.261 1.00 16.67 ? 150  TYR A CD1 1 
ATOM   1153 C CD2 . TYR A 1 150 ? 13.837  1.328   -9.156  1.00 14.03 ? 150  TYR A CD2 1 
ATOM   1154 C CE1 . TYR A 1 150 ? 14.344  3.407   -10.926 1.00 16.91 ? 150  TYR A CE1 1 
ATOM   1155 C CE2 . TYR A 1 150 ? 14.739  2.331   -8.811  1.00 17.14 ? 150  TYR A CE2 1 
ATOM   1156 C CZ  . TYR A 1 150 ? 14.986  3.370   -9.701  1.00 18.20 ? 150  TYR A CZ  1 
ATOM   1157 O OH  . TYR A 1 150 ? 15.858  4.383   -9.354  1.00 23.35 ? 150  TYR A OH  1 
ATOM   1158 N N   . LEU A 1 151 ? 13.670  -2.280  -9.690  1.00 6.36  ? 151  LEU A N   1 
ATOM   1159 C CA  . LEU A 1 151 ? 14.705  -2.856  -8.830  1.00 6.90  ? 151  LEU A CA  1 
ATOM   1160 C C   . LEU A 1 151 ? 15.578  -3.884  -9.542  1.00 8.46  ? 151  LEU A C   1 
ATOM   1161 O O   . LEU A 1 151 ? 16.739  -4.057  -9.188  1.00 10.23 ? 151  LEU A O   1 
ATOM   1162 C CB  . LEU A 1 151 ? 14.081  -3.465  -7.560  1.00 3.87  ? 151  LEU A CB  1 
ATOM   1163 C CG  . LEU A 1 151 ? 13.468  -2.417  -6.613  1.00 6.38  ? 151  LEU A CG  1 
ATOM   1164 C CD1 . LEU A 1 151 ? 12.925  -3.099  -5.385  1.00 8.31  ? 151  LEU A CD1 1 
ATOM   1165 C CD2 . LEU A 1 151 ? 14.531  -1.367  -6.217  1.00 8.16  ? 151  LEU A CD2 1 
ATOM   1166 N N   . LEU A 1 152 ? 15.019  -4.554  -10.546 1.00 9.54  ? 152  LEU A N   1 
ATOM   1167 C CA  . LEU A 1 152 ? 15.778  -5.522  -11.323 1.00 8.35  ? 152  LEU A CA  1 
ATOM   1168 C C   . LEU A 1 152 ? 16.725  -4.761  -12.267 1.00 8.93  ? 152  LEU A C   1 
ATOM   1169 O O   . LEU A 1 152 ? 17.869  -5.191  -12.495 1.00 7.69  ? 152  LEU A O   1 
ATOM   1170 C CB  . LEU A 1 152 ? 14.833  -6.421  -12.134 1.00 9.72  ? 152  LEU A CB  1 
ATOM   1171 C CG  . LEU A 1 152 ? 13.957  -7.420  -11.358 1.00 10.31 ? 152  LEU A CG  1 
ATOM   1172 C CD1 . LEU A 1 152 ? 12.903  -8.040  -12.295 1.00 10.09 ? 152  LEU A CD1 1 
ATOM   1173 C CD2 . LEU A 1 152 ? 14.829  -8.507  -10.762 1.00 10.39 ? 152  LEU A CD2 1 
ATOM   1174 N N   . ALA A 1 153 ? 16.267  -3.619  -12.780 1.00 7.73  ? 153  ALA A N   1 
ATOM   1175 C CA  . ALA A 1 153 ? 17.064  -2.810  -13.708 1.00 9.42  ? 153  ALA A CA  1 
ATOM   1176 C C   . ALA A 1 153 ? 18.100  -1.880  -13.066 1.00 12.22 ? 153  ALA A C   1 
ATOM   1177 O O   . ALA A 1 153 ? 18.989  -1.380  -13.755 1.00 11.57 ? 153  ALA A O   1 
ATOM   1178 C CB  . ALA A 1 153 ? 16.129  -1.993  -14.636 1.00 10.64 ? 153  ALA A CB  1 
ATOM   1179 N N   . HIS A 1 154 ? 17.997  -1.660  -11.757 1.00 9.89  ? 154  HIS A N   1 
ATOM   1180 C CA  . HIS A 1 154 ? 18.924  -0.791  -11.029 1.00 10.77 ? 154  HIS A CA  1 
ATOM   1181 C C   . HIS A 1 154 ? 19.394  -1.541  -9.789  1.00 12.28 ? 154  HIS A C   1 
ATOM   1182 O O   . HIS A 1 154 ? 18.863  -1.343  -8.697  1.00 9.74  ? 154  HIS A O   1 
ATOM   1183 C CB  . HIS A 1 154 ? 18.216  0.498   -10.599 1.00 13.01 ? 154  HIS A CB  1 
ATOM   1184 C CG  . HIS A 1 154 ? 17.540  1.214   -11.722 1.00 17.02 ? 154  HIS A CG  1 
ATOM   1185 N ND1 . HIS A 1 154 ? 18.191  2.125   -12.523 1.00 21.36 ? 154  HIS A ND1 1 
ATOM   1186 C CD2 . HIS A 1 154 ? 16.288  1.098   -12.224 1.00 17.25 ? 154  HIS A CD2 1 
ATOM   1187 C CE1 . HIS A 1 154 ? 17.371  2.540   -13.472 1.00 20.82 ? 154  HIS A CE1 1 
ATOM   1188 N NE2 . HIS A 1 154 ? 16.209  1.932   -13.314 1.00 20.94 ? 154  HIS A NE2 1 
ATOM   1189 N N   . SER A 1 155 ? 20.407  -2.384  -9.963  1.00 14.94 ? 155  SER A N   1 
ATOM   1190 C CA  . SER A 1 155 ? 20.935  -3.208  -8.878  1.00 17.54 ? 155  SER A CA  1 
ATOM   1191 C C   . SER A 1 155 ? 21.483  -2.444  -7.682  1.00 18.96 ? 155  SER A C   1 
ATOM   1192 O O   . SER A 1 155 ? 21.456  -2.952  -6.556  1.00 18.48 ? 155  SER A O   1 
ATOM   1193 C CB  . SER A 1 155 ? 22.029  -4.133  -9.416  1.00 18.09 ? 155  SER A CB  1 
ATOM   1194 O OG  . SER A 1 155 ? 23.153  -3.387  -9.842  1.00 20.67 ? 155  SER A OG  1 
ATOM   1195 N N   . ASP A 1 156 ? 21.976  -1.234  -7.926  1.00 20.02 ? 156  ASP A N   1 
ATOM   1196 C CA  . ASP A 1 156 ? 22.555  -0.404  -6.873  1.00 24.51 ? 156  ASP A CA  1 
ATOM   1197 C C   . ASP A 1 156 ? 21.553  0.328   -5.988  1.00 23.71 ? 156  ASP A C   1 
ATOM   1198 O O   . ASP A 1 156 ? 21.929  0.861   -4.943  1.00 24.26 ? 156  ASP A O   1 
ATOM   1199 C CB  . ASP A 1 156 ? 23.507  0.633   -7.481  1.00 30.69 ? 156  ASP A CB  1 
ATOM   1200 C CG  . ASP A 1 156 ? 24.770  0.006   -8.064  1.00 38.23 ? 156  ASP A CG  1 
ATOM   1201 O OD1 . ASP A 1 156 ? 24.690  -0.633  -9.138  1.00 43.34 ? 156  ASP A OD1 1 
ATOM   1202 O OD2 . ASP A 1 156 ? 25.846  0.147   -7.440  1.00 42.53 ? 156  ASP A OD2 1 
ATOM   1203 N N   . ALA A 1 157 ? 20.284  0.350   -6.390  1.00 21.12 ? 157  ALA A N   1 
ATOM   1204 C CA  . ALA A 1 157 ? 19.271  1.065   -5.627  1.00 19.33 ? 157  ALA A CA  1 
ATOM   1205 C C   . ALA A 1 157 ? 18.684  0.294   -4.449  1.00 20.42 ? 157  ALA A C   1 
ATOM   1206 O O   . ALA A 1 157 ? 18.308  -0.879  -4.560  1.00 17.10 ? 157  ALA A O   1 
ATOM   1207 C CB  . ALA A 1 157 ? 18.151  1.531   -6.561  1.00 16.62 ? 157  ALA A CB  1 
ATOM   1208 N N   . TYR A 1 158 ? 18.624  0.972   -3.311  1.00 19.39 ? 158  TYR A N   1 
ATOM   1209 C CA  . TYR A 1 158 ? 18.061  0.394   -2.106  1.00 22.57 ? 158  TYR A CA  1 
ATOM   1210 C C   . TYR A 1 158 ? 18.770  -0.852  -1.609  1.00 24.52 ? 158  TYR A C   1 
ATOM   1211 O O   . TYR A 1 158 ? 18.149  -1.726  -1.003  1.00 22.52 ? 158  TYR A O   1 
ATOM   1212 C CB  . TYR A 1 158 ? 16.577  0.106   -2.337  1.00 21.04 ? 158  TYR A CB  1 
ATOM   1213 C CG  . TYR A 1 158 ? 15.808  1.347   -2.728  1.00 18.22 ? 158  TYR A CG  1 
ATOM   1214 C CD1 . TYR A 1 158 ? 15.504  2.335   -1.787  1.00 20.62 ? 158  TYR A CD1 1 
ATOM   1215 C CD2 . TYR A 1 158 ? 15.419  1.554   -4.045  1.00 20.10 ? 158  TYR A CD2 1 
ATOM   1216 C CE1 . TYR A 1 158 ? 14.833  3.497   -2.156  1.00 16.21 ? 158  TYR A CE1 1 
ATOM   1217 C CE2 . TYR A 1 158 ? 14.752  2.708   -4.424  1.00 19.03 ? 158  TYR A CE2 1 
ATOM   1218 C CZ  . TYR A 1 158 ? 14.464  3.670   -3.479  1.00 18.59 ? 158  TYR A CZ  1 
ATOM   1219 O OH  . TYR A 1 158 ? 13.804  4.798   -3.871  1.00 23.71 ? 158  TYR A OH  1 
ATOM   1220 N N   . ASN A 1 159 ? 20.072  -0.926  -1.860  1.00 28.91 ? 159  ASN A N   1 
ATOM   1221 C CA  . ASN A 1 159 ? 20.881  -2.057  -1.408  1.00 35.35 ? 159  ASN A CA  1 
ATOM   1222 C C   . ASN A 1 159 ? 20.986  -2.090  0.120   1.00 36.83 ? 159  ASN A C   1 
ATOM   1223 O O   . ASN A 1 159 ? 20.305  -1.286  0.797   1.00 38.60 ? 159  ASN A O   1 
ATOM   1224 C CB  . ASN A 1 159 ? 22.289  -1.975  -2.008  1.00 38.43 ? 159  ASN A CB  1 
ATOM   1225 C CG  . ASN A 1 159 ? 22.338  -2.423  -3.460  1.00 41.68 ? 159  ASN A CG  1 
ATOM   1226 O OD1 . ASN A 1 159 ? 23.330  -2.195  -4.158  1.00 43.27 ? 159  ASN A OD1 1 
ATOM   1227 N ND2 . ASN A 1 159 ? 21.273  -3.078  -3.915  1.00 41.53 ? 159  ASN A ND2 1 
ATOM   1228 O OXT . ASN A 1 159 ? 21.756  -2.927  0.630   1.00 37.96 ? 159  ASN A OXT 1 
HETATM 1229 C C1  . DXC B 2 .   ? -8.724  5.123   -7.011  1.00 13.06 ? 1001 DXC A C1  1 
HETATM 1230 C C2  . DXC B 2 .   ? -8.705  5.154   -5.480  1.00 10.90 ? 1001 DXC A C2  1 
HETATM 1231 C C3  . DXC B 2 .   ? -7.833  3.944   -4.917  1.00 11.17 ? 1001 DXC A C3  1 
HETATM 1232 C C4  . DXC B 2 .   ? -8.413  2.551   -5.435  1.00 11.91 ? 1001 DXC A C4  1 
HETATM 1233 C C5  . DXC B 2 .   ? -8.495  2.615   -6.944  1.00 12.51 ? 1001 DXC A C5  1 
HETATM 1234 C C6  . DXC B 2 .   ? -9.362  3.731   -7.514  1.00 13.04 ? 1001 DXC A C6  1 
HETATM 1235 C C7  . DXC B 2 .   ? -7.727  3.940   -3.371  1.00 10.92 ? 1001 DXC A C7  1 
HETATM 1236 C C8  . DXC B 2 .   ? -9.126  3.676   -2.720  1.00 11.39 ? 1001 DXC A C8  1 
HETATM 1237 C C9  . DXC B 2 .   ? -9.731  2.287   -3.162  1.00 12.88 ? 1001 DXC A C9  1 
HETATM 1238 C C10 . DXC B 2 .   ? -9.867  2.310   -4.741  1.00 10.16 ? 1001 DXC A C10 1 
HETATM 1239 C C11 . DXC B 2 .   ? -11.093 2.031   -2.549  1.00 14.18 ? 1001 DXC A C11 1 
HETATM 1240 C C12 . DXC B 2 .   ? -11.748 0.654   -2.985  1.00 14.93 ? 1001 DXC A C12 1 
HETATM 1241 C C13 . DXC B 2 .   ? -11.886 0.711   -4.548  1.00 13.09 ? 1001 DXC A C13 1 
HETATM 1242 C C14 . DXC B 2 .   ? -10.491 0.949   -5.211  1.00 12.14 ? 1001 DXC A C14 1 
HETATM 1243 C C15 . DXC B 2 .   ? -11.172 2.001   -0.996  1.00 15.04 ? 1001 DXC A C15 1 
HETATM 1244 C C16 . DXC B 2 .   ? -12.495 1.231   -0.731  1.00 16.49 ? 1001 DXC A C16 1 
HETATM 1245 C C17 . DXC B 2 .   ? -13.018 0.735   -2.130  1.00 17.09 ? 1001 DXC A C17 1 
HETATM 1246 C C18 . DXC B 2 .   ? -7.464  1.378   -5.040  1.00 14.65 ? 1001 DXC A C18 1 
HETATM 1247 C C19 . DXC B 2 .   ? -13.930 -0.561  -2.052  1.00 18.14 ? 1001 DXC A C19 1 
HETATM 1248 O O1  . DXC B 2 .   ? -12.776 1.766   -4.893  1.00 13.18 ? 1001 DXC A O1  1 
HETATM 1249 O O2  . DXC B 2 .   ? -9.499  6.209   -7.504  1.00 15.92 ? 1001 DXC A O2  1 
HETATM 1250 C C20 . DXC B 2 .   ? -10.768 -0.542  -2.532  1.00 12.30 ? 1001 DXC A C20 1 
HETATM 1251 C C21 . DXC B 2 .   ? -15.180 -0.266  -1.142  1.00 22.45 ? 1001 DXC A C21 1 
HETATM 1252 C C22 . DXC B 2 .   ? -16.193 0.736   -1.692  1.00 27.75 ? 1001 DXC A C22 1 
HETATM 1253 C C23 . DXC B 2 .   ? -17.411 0.803   -0.881  1.00 32.31 ? 1001 DXC A C23 1 
HETATM 1254 O O3  . DXC B 2 .   ? -17.671 0.014   0.058   1.00 31.88 ? 1001 DXC A O3  1 
HETATM 1255 O O4  . DXC B 2 .   ? -18.229 1.715   -1.165  1.00 36.00 ? 1001 DXC A O4  1 
HETATM 1256 C C24 . DXC B 2 .   ? -14.393 -1.199  -3.300  1.00 17.30 ? 1001 DXC A C24 1 
HETATM 1257 C C1  . DXC C 2 .   ? 3.791   3.810   0.697   1.00 16.68 ? 1002 DXC A C1  1 
HETATM 1258 C C2  . DXC C 2 .   ? 3.435   2.575   -0.126  1.00 15.71 ? 1002 DXC A C2  1 
HETATM 1259 C C3  . DXC C 2 .   ? 3.179   2.975   -1.647  1.00 13.85 ? 1002 DXC A C3  1 
HETATM 1260 C C4  . DXC C 2 .   ? 2.007   4.051   -1.733  1.00 16.10 ? 1002 DXC A C4  1 
HETATM 1261 C C5  . DXC C 2 .   ? 2.374   5.215   -0.837  1.00 15.06 ? 1002 DXC A C5  1 
HETATM 1262 C C6  . DXC C 2 .   ? 2.588   4.861   0.630   1.00 13.90 ? 1002 DXC A C6  1 
HETATM 1263 C C7  . DXC C 2 .   ? 2.855   1.744   -2.541  1.00 15.80 ? 1002 DXC A C7  1 
HETATM 1264 C C8  . DXC C 2 .   ? 1.507   1.088   -2.095  1.00 13.78 ? 1002 DXC A C8  1 
HETATM 1265 C C9  . DXC C 2 .   ? 0.290   2.093   -2.201  1.00 15.82 ? 1002 DXC A C9  1 
HETATM 1266 C C10 . DXC C 2 .   ? 0.622   3.339   -1.266  1.00 15.31 ? 1002 DXC A C10 1 
HETATM 1267 C C11 . DXC C 2 .   ? -1.017  1.464   -1.735  1.00 15.89 ? 1002 DXC A C11 1 
HETATM 1268 C C12 . DXC C 2 .   ? -2.268  2.424   -1.783  1.00 13.90 ? 1002 DXC A C12 1 
HETATM 1269 C C13 . DXC C 2 .   ? -1.902  3.652   -0.857  1.00 12.92 ? 1002 DXC A C13 1 
HETATM 1270 C C14 . DXC C 2 .   ? -0.584  4.345   -1.329  1.00 11.81 ? 1002 DXC A C14 1 
HETATM 1271 C C15 . DXC C 2 .   ? -1.502  0.195   -2.509  1.00 16.92 ? 1002 DXC A C15 1 
HETATM 1272 C C16 . DXC C 2 .   ? -2.999  0.114   -2.141  1.00 16.27 ? 1002 DXC A C16 1 
HETATM 1273 C C17 . DXC C 2 .   ? -3.317  1.394   -1.296  1.00 15.54 ? 1002 DXC A C17 1 
HETATM 1274 C C18 . DXC C 2 .   ? 1.849   4.569   -3.203  1.00 13.87 ? 1002 DXC A C18 1 
HETATM 1275 C C19 . DXC C 2 .   ? -4.843  1.803   -1.329  1.00 16.71 ? 1002 DXC A C19 1 
HETATM 1276 O O1  . DXC C 2 .   ? -1.736  3.222   0.465   1.00 14.85 ? 1002 DXC A O1  1 
HETATM 1277 O O2  . DXC C 2 .   ? 4.018   3.440   2.050   1.00 20.48 ? 1002 DXC A O2  1 
HETATM 1278 C C20 . DXC C 2 .   ? -2.498  2.911   -3.292  1.00 11.65 ? 1002 DXC A C20 1 
HETATM 1279 C C21 . DXC C 2 .   ? -5.740  0.523   -0.949  1.00 20.68 ? 1002 DXC A C21 1 
HETATM 1280 C C22 . DXC C 2 .   ? -6.521  0.538   0.363   1.00 23.22 ? 1002 DXC A C22 1 
HETATM 1281 C C23 . DXC C 2 .   ? -7.355  -0.658  0.562   1.00 23.50 ? 1002 DXC A C23 1 
HETATM 1282 O O3  . DXC C 2 .   ? -7.157  -1.494  1.454   1.00 28.44 ? 1002 DXC A O3  1 
HETATM 1283 O O4  . DXC C 2 .   ? -8.314  -0.828  -0.213  1.00 25.32 ? 1002 DXC A O4  1 
HETATM 1284 C C24 . DXC C 2 .   ? -5.266  2.986   -0.539  1.00 17.84 ? 1002 DXC A C24 1 
HETATM 1285 O O   . HOH D 3 .   ? 7.407   11.637  -4.574  1.00 10.38 ? 1003 HOH A O   1 
HETATM 1286 O O   . HOH D 3 .   ? 10.812  -0.662  13.736  1.00 12.93 ? 1004 HOH A O   1 
HETATM 1287 O O   . HOH D 3 .   ? 5.430   8.742   16.095  1.00 13.21 ? 1005 HOH A O   1 
HETATM 1288 O O   . HOH D 3 .   ? 5.060   12.712  -5.433  1.00 6.00  ? 1006 HOH A O   1 
HETATM 1289 O O   . HOH D 3 .   ? -15.928 9.249   -9.911  1.00 9.77  ? 1007 HOH A O   1 
HETATM 1290 O O   . HOH D 3 .   ? -12.918 11.974  -5.261  1.00 12.14 ? 1008 HOH A O   1 
HETATM 1291 O O   . HOH D 3 .   ? -8.055  12.311  -9.915  1.00 16.36 ? 1009 HOH A O   1 
HETATM 1292 O O   . HOH D 3 .   ? 19.294  -1.439  -16.698 1.00 29.29 ? 1010 HOH A O   1 
HETATM 1293 O O   . HOH D 3 .   ? 9.117   -15.520 -3.801  1.00 23.19 ? 1011 HOH A O   1 
HETATM 1294 O O   . HOH D 3 .   ? -11.147 11.618  -2.507  1.00 13.25 ? 1012 HOH A O   1 
HETATM 1295 O O   . HOH D 3 .   ? -22.227 -2.876  7.549   1.00 24.44 ? 1013 HOH A O   1 
HETATM 1296 O O   . HOH D 3 .   ? 3.865   10.514  -10.965 1.00 24.40 ? 1014 HOH A O   1 
HETATM 1297 O O   . HOH D 3 .   ? -10.639 5.303   -14.168 1.00 25.49 ? 1015 HOH A O   1 
HETATM 1298 O O   . HOH D 3 .   ? 14.024  -2.358  7.317   1.00 29.34 ? 1016 HOH A O   1 
HETATM 1299 O O   . HOH D 3 .   ? 15.367  9.900   -12.093 1.00 33.12 ? 1017 HOH A O   1 
HETATM 1300 O O   . HOH D 3 .   ? -10.643 13.890  -13.301 1.00 24.17 ? 1018 HOH A O   1 
HETATM 1301 O O   . HOH D 3 .   ? 14.784  -3.386  4.696   1.00 23.79 ? 1019 HOH A O   1 
HETATM 1302 O O   . HOH D 3 .   ? -9.649  17.562  4.316   1.00 37.50 ? 1020 HOH A O   1 
HETATM 1303 O O   . HOH D 3 .   ? 9.918   8.006   2.579   1.00 26.62 ? 1021 HOH A O   1 
HETATM 1304 O O   . HOH D 3 .   ? 18.052  -7.618  -5.305  1.00 18.44 ? 1022 HOH A O   1 
HETATM 1305 O O   . HOH D 3 .   ? -0.665  -9.371  6.492   1.00 22.63 ? 1023 HOH A O   1 
HETATM 1306 O O   . HOH D 3 .   ? 8.980   10.745  -6.856  1.00 23.25 ? 1024 HOH A O   1 
HETATM 1307 O O   . HOH D 3 .   ? -1.799  17.194  -2.785  1.00 21.73 ? 1025 HOH A O   1 
HETATM 1308 O O   . HOH D 3 .   ? 16.036  -9.781  2.647   1.00 10.45 ? 1026 HOH A O   1 
HETATM 1309 O O   . HOH D 3 .   ? 6.348   5.560   2.060   1.00 20.59 ? 1027 HOH A O   1 
HETATM 1310 O O   . HOH D 3 .   ? 6.572   12.966  -1.882  1.00 13.65 ? 1028 HOH A O   1 
HETATM 1311 O O   . HOH D 3 .   ? 9.345   0.258   -13.535 1.00 14.63 ? 1029 HOH A O   1 
HETATM 1312 O O   . HOH D 3 .   ? -24.720 -2.255  0.602   1.00 28.03 ? 1030 HOH A O   1 
HETATM 1313 O O   . HOH D 3 .   ? -11.255 7.466   9.693   1.00 22.59 ? 1031 HOH A O   1 
HETATM 1314 O O   . HOH D 3 .   ? 11.647  10.704  -6.545  1.00 23.68 ? 1032 HOH A O   1 
HETATM 1315 O O   . HOH D 3 .   ? 2.832   -2.278  -13.473 1.00 14.66 ? 1033 HOH A O   1 
HETATM 1316 O O   . HOH D 3 .   ? 6.585   11.439  14.911  1.00 27.85 ? 1034 HOH A O   1 
HETATM 1317 O O   . HOH D 3 .   ? -14.602 -1.396  -7.229  1.00 30.55 ? 1035 HOH A O   1 
HETATM 1318 O O   . HOH D 3 .   ? -0.639  4.167   15.801  1.00 24.95 ? 1036 HOH A O   1 
HETATM 1319 O O   . HOH D 3 .   ? -14.424 8.366   8.759   1.00 28.96 ? 1037 HOH A O   1 
HETATM 1320 O O   . HOH D 3 .   ? -6.013  -5.300  8.726   1.00 27.47 ? 1038 HOH A O   1 
HETATM 1321 O O   . HOH D 3 .   ? -3.333  -3.970  -2.319  1.00 34.26 ? 1039 HOH A O   1 
HETATM 1322 O O   . HOH D 3 .   ? 5.333   17.308  5.759   1.00 42.56 ? 1040 HOH A O   1 
HETATM 1323 O O   . HOH D 3 .   ? 9.652   -11.088 7.539   1.00 25.97 ? 1041 HOH A O   1 
HETATM 1324 O O   . HOH D 3 .   ? -13.393 11.608  3.071   1.00 26.61 ? 1042 HOH A O   1 
HETATM 1325 O O   . HOH D 3 .   ? -2.139  -1.795  1.226   1.00 26.07 ? 1043 HOH A O   1 
HETATM 1326 O O   . HOH D 3 .   ? -14.703 11.395  0.789   1.00 42.91 ? 1044 HOH A O   1 
HETATM 1327 O O   . HOH D 3 .   ? -5.095  15.623  6.817   1.00 31.23 ? 1045 HOH A O   1 
HETATM 1328 O O   . HOH D 3 .   ? -7.025  1.648   12.269  1.00 35.19 ? 1046 HOH A O   1 
HETATM 1329 O O   . HOH D 3 .   ? -10.494 11.818  -11.011 1.00 22.16 ? 1047 HOH A O   1 
HETATM 1330 O O   . HOH D 3 .   ? 1.946   -13.138 -7.093  1.00 38.55 ? 1048 HOH A O   1 
HETATM 1331 O O   . HOH D 3 .   ? -1.152  11.731  13.802  1.00 43.05 ? 1049 HOH A O   1 
HETATM 1332 O O   . HOH D 3 .   ? 10.979  -13.918 6.336   1.00 24.43 ? 1050 HOH A O   1 
HETATM 1333 O O   . HOH D 3 .   ? 2.127   8.649   -17.563 1.00 40.29 ? 1051 HOH A O   1 
HETATM 1334 O O   . HOH D 3 .   ? -22.562 -3.015  11.766  1.00 34.24 ? 1052 HOH A O   1 
HETATM 1335 O O   . HOH D 3 .   ? -9.428  1.461   -10.336 1.00 42.36 ? 1053 HOH A O   1 
HETATM 1336 O O   . HOH D 3 .   ? 3.907   -3.062  12.026  1.00 28.38 ? 1054 HOH A O   1 
HETATM 1337 O O   . HOH D 3 .   ? -3.569  -0.790  10.664  1.00 29.92 ? 1055 HOH A O   1 
HETATM 1338 O O   . HOH D 3 .   ? -12.246 13.907  -3.568  1.00 30.90 ? 1056 HOH A O   1 
HETATM 1339 O O   . HOH D 3 .   ? 12.044  -0.004  -14.870 1.00 33.13 ? 1057 HOH A O   1 
HETATM 1340 O O   . HOH D 3 .   ? -11.544 17.793  -9.652  1.00 33.81 ? 1058 HOH A O   1 
HETATM 1341 O O   . HOH D 3 .   ? 15.884  -24.406 0.481   1.00 35.83 ? 1059 HOH A O   1 
HETATM 1342 O O   . HOH D 3 .   ? 9.938   -7.272  -14.881 1.00 27.31 ? 1060 HOH A O   1 
HETATM 1343 O O   . HOH D 3 .   ? 1.067   20.176  5.944   1.00 31.31 ? 1061 HOH A O   1 
HETATM 1344 O O   . HOH D 3 .   ? -15.471 -0.131  13.489  1.00 42.47 ? 1062 HOH A O   1 
HETATM 1345 O O   . HOH D 3 .   ? 21.430  1.220   -9.554  1.00 44.69 ? 1063 HOH A O   1 
HETATM 1346 O O   . HOH D 3 .   ? -21.800 -6.142  -7.163  1.00 42.36 ? 1064 HOH A O   1 
HETATM 1347 O O   . HOH D 3 .   ? -2.812  7.965   -15.882 1.00 37.70 ? 1065 HOH A O   1 
HETATM 1348 O O   . HOH D 3 .   ? -9.263  -5.450  -0.306  1.00 31.73 ? 1066 HOH A O   1 
HETATM 1349 O O   . HOH D 3 .   ? -8.449  -1.675  13.425  1.00 44.18 ? 1067 HOH A O   1 
HETATM 1350 O O   . HOH D 3 .   ? 6.437   5.328   7.093   1.00 46.02 ? 1068 HOH A O   1 
HETATM 1351 O O   . HOH D 3 .   ? 11.066  5.837   10.249  1.00 42.19 ? 1069 HOH A O   1 
HETATM 1352 O O   . HOH D 3 .   ? 4.634   1.870   -14.518 1.00 34.65 ? 1070 HOH A O   1 
HETATM 1353 O O   . HOH D 3 .   ? 8.077   -6.960  -12.737 1.00 31.64 ? 1071 HOH A O   1 
HETATM 1354 O O   . HOH D 3 .   ? -4.196  -3.045  0.239   1.00 35.36 ? 1072 HOH A O   1 
HETATM 1355 O O   . HOH D 3 .   ? -25.884 -8.349  -4.194  1.00 42.73 ? 1073 HOH A O   1 
HETATM 1356 O O   . HOH D 3 .   ? -15.737 -12.635 -6.707  1.00 35.95 ? 1074 HOH A O   1 
HETATM 1357 O O   . HOH D 3 .   ? 4.051   5.373   3.800   1.00 42.86 ? 1075 HOH A O   1 
HETATM 1358 O O   . HOH D 3 .   ? -3.407  19.032  1.597   1.00 33.89 ? 1076 HOH A O   1 
HETATM 1359 O O   . HOH D 3 .   ? -2.151  -11.876 5.638   1.00 35.70 ? 1077 HOH A O   1 
HETATM 1360 O O   . HOH D 3 .   ? 14.978  0.230   7.549   1.00 38.89 ? 1078 HOH A O   1 
HETATM 1361 O O   . HOH D 3 .   ? -7.377  -0.347  -9.774  1.00 34.19 ? 1079 HOH A O   1 
HETATM 1362 O O   . HOH D 3 .   ? 0.177   10.989  -13.659 1.00 40.77 ? 1080 HOH A O   1 
HETATM 1363 O O   . HOH D 3 .   ? -3.940  -15.806 4.304   1.00 44.17 ? 1081 HOH A O   1 
HETATM 1364 O O   . HOH D 3 .   ? -9.190  -11.283 -1.102  1.00 38.34 ? 1082 HOH A O   1 
HETATM 1365 O O   . HOH D 3 .   ? 16.076  -7.037  9.093   1.00 28.64 ? 1083 HOH A O   1 
HETATM 1366 O O   . HOH D 3 .   ? 6.871   17.567  8.720   1.00 44.52 ? 1084 HOH A O   1 
HETATM 1367 O O   . HOH D 3 .   ? -14.200 12.184  5.589   1.00 34.33 ? 1085 HOH A O   1 
HETATM 1368 O O   . HOH D 3 .   ? -5.519  -8.712  12.753  1.00 43.08 ? 1086 HOH A O   1 
HETATM 1369 O O   . HOH D 3 .   ? 18.193  -20.591 1.498   1.00 32.06 ? 1087 HOH A O   1 
HETATM 1370 O O   . HOH D 3 .   ? 18.930  3.982   -3.426  1.00 38.20 ? 1088 HOH A O   1 
HETATM 1371 O O   . HOH D 3 .   ? 24.163  -1.431  0.316   1.00 30.48 ? 1089 HOH A O   1 
HETATM 1372 O O   . HOH D 3 .   ? -7.238  -5.409  13.810  1.00 48.99 ? 1090 HOH A O   1 
HETATM 1373 O O   . HOH D 3 .   ? 17.615  8.911   -11.439 1.00 45.73 ? 1091 HOH A O   1 
HETATM 1374 O O   . HOH D 3 .   ? 1.086   -15.181 -4.973  1.00 41.32 ? 1092 HOH A O   1 
HETATM 1375 O O   . HOH D 3 .   ? -2.391  -12.720 3.148   1.00 28.85 ? 1093 HOH A O   1 
HETATM 1376 O O   . HOH D 3 .   ? 19.778  2.531   -0.500  1.00 32.24 ? 1094 HOH A O   1 
HETATM 1377 O O   . HOH D 3 .   ? -2.275  -7.212  -4.482  1.00 25.35 ? 1095 HOH A O   1 
HETATM 1378 O O   . HOH D 3 .   ? 2.742   12.010  -12.639 1.00 38.17 ? 1096 HOH A O   1 
HETATM 1379 O O   . HOH D 3 .   ? 6.982   10.500  -12.769 1.00 29.30 ? 1097 HOH A O   1 
HETATM 1380 O O   . HOH D 3 .   ? 9.383   -6.389  17.120  1.00 33.75 ? 1098 HOH A O   1 
# 
